data_8Z7N
#
_entry.id   8Z7N
#
_cell.length_a   1.00
_cell.length_b   1.00
_cell.length_c   1.00
_cell.angle_alpha   90.00
_cell.angle_beta   90.00
_cell.angle_gamma   90.00
#
_symmetry.space_group_name_H-M   'P 1'
#
loop_
_entity.id
_entity.type
_entity.pdbx_description
1 polymer 'Envelope glycoprotein gp160'
2 polymer 'Envelope glycoprotein gp160'
3 polymer 'T-cell surface glycoprotein CD4'
4 non-polymer 2-acetamido-2-deoxy-beta-D-glucopyranose
#
loop_
_entity_poly.entity_id
_entity_poly.type
_entity_poly.pdbx_seq_one_letter_code
_entity_poly.pdbx_strand_id
1 'polypeptide(L)'
;MDAMKRGLCCVLLLCGAVFVSPSQEIHARFRRGARAVGNLWVTVYYGVPVWKEATTTLFCASDAKAYDTEVHNVWATHAC
VPTDPSPQELVLENVTENFNMWKNEMVNQMHEDVISLWDQSLKPCVKLTPLCVTLECSKVSNNETDKYNGTEEMKNCSFN
ATTVVRDRQQKVYALFYRLDIVPLTEKNSSENSSKYYRLINCNTSAITQACPKVSFEPIPIHYCTPAGYAILKCNDKTFN
GTGPCHNVSTVQCTHGIKPVVSTQLLLNGSLAEGEIIIRSENLTNNVKTILVHLNQSVEIVCTRPNNNTRKSIRIGPGQT
FYATGDIIGDIRQAHCNISKWHETLKRVSEKLAEHFPNKTINFTSSSGGDLEITTHSFTCRGEFFYCNTSGLFNSTYMPN
GTYLHGDTNSNSSITIPCRIKQIINMWQEVGRAMYAPPIEGNITCKSNITGLLLVRDGGTESNNTETNNTEIFRPGGGDM
RDNWRSELYKYKVVEIKPLGVAPTACKRRVVERRRRRR
;
A,D,G
2 'polypeptide(L)'
;AVGIGAVFLGFLGVAGSTMGAASMTLTVQARQLLSGIVQQQSNLLRAPEAQQHLLQLTVWGIKQLQTRVLAIERYLKDQQ
LLGIWGCSGKLICCTAVPWNSSWSNKSQKEIWDNMTWMQWDKEISNYTNTIYKLLEDSQNQQESNEKDLLALDGGGGGHH
HHHH
;
B,E,H
3 'polypeptide(L)'
;MNRGVPFRHLLLVLQLALLPAATQGKKVVLGKKGDTVELTCTASQKKSIQFHWKNSNQIKILGNQGSFLTKGPSKLNDRA
DSRRSLWDQGNFPLIIKNLKIEDSDTYICEVEDQKEEVQLLVFGLTANSDTHLLQGQSLTLTLESPPGSSPSVQCRSPRG
KNIQGGKTLSVSQLELQDSGTWTCTVLQNQKKVEFKIDIVVLAFQKASSIVYKKEGEQVEFSFPLAFTVEKLTGSGELWW
QAERASSSKSWITFDLKNKEVSVKRVTQDPKLQMGKKLPLHLTLPQALPQYAGSGNLTLALEAKTGKLHQEVNLVVMRAT
QLQKNLTCEVWGPTSPKLMLSLKLENKEAKVSKREKAVWVLNPEAGMWQCLLSDSGQVLLESNIKVLPTWSTGSGHHHHH
H
;
C,F,I
#
# COMPACT_ATOMS: atom_id res chain seq x y z
N GLY A 38 -38.13 36.24 -11.08
CA GLY A 38 -39.14 35.22 -11.30
C GLY A 38 -39.26 34.24 -10.15
N ASN A 39 -38.68 33.05 -10.33
CA ASN A 39 -38.68 32.01 -9.32
C ASN A 39 -37.26 31.61 -8.98
N LEU A 40 -37.12 30.75 -7.97
CA LEU A 40 -35.81 30.29 -7.52
C LEU A 40 -35.80 28.77 -7.41
N TRP A 41 -34.68 28.18 -7.81
CA TRP A 41 -34.50 26.74 -7.90
C TRP A 41 -33.12 26.41 -7.32
N VAL A 42 -32.75 25.14 -7.27
CA VAL A 42 -31.57 24.77 -6.52
C VAL A 42 -30.47 24.26 -7.44
N THR A 43 -29.24 24.42 -6.97
CA THR A 43 -28.09 23.66 -7.42
C THR A 43 -27.41 23.10 -6.19
N VAL A 44 -26.69 22.00 -6.40
CA VAL A 44 -25.80 21.44 -5.42
C VAL A 44 -24.59 20.95 -6.19
N TYR A 45 -23.43 21.01 -5.57
CA TYR A 45 -22.24 20.55 -6.27
C TYR A 45 -21.18 20.15 -5.29
N TYR A 46 -20.10 19.63 -5.84
CA TYR A 46 -19.09 18.93 -5.08
C TYR A 46 -17.99 19.89 -4.65
N GLY A 47 -17.20 19.45 -3.67
CA GLY A 47 -15.85 19.91 -3.49
C GLY A 47 -15.65 21.38 -3.18
N VAL A 48 -16.58 21.99 -2.46
CA VAL A 48 -16.59 23.45 -2.39
C VAL A 48 -16.27 23.94 -0.98
N PRO A 49 -15.00 24.10 -0.61
CA PRO A 49 -14.58 23.93 0.79
C PRO A 49 -15.49 24.53 1.82
N VAL A 50 -16.17 23.65 2.56
CA VAL A 50 -17.20 23.95 3.55
C VAL A 50 -16.89 22.99 4.69
N TRP A 51 -16.36 23.49 5.79
CA TRP A 51 -15.74 22.57 6.74
C TRP A 51 -16.43 22.72 8.09
N LYS A 52 -17.60 22.12 8.21
CA LYS A 52 -18.35 22.19 9.45
C LYS A 52 -17.66 21.36 10.50
N GLU A 53 -18.29 21.18 11.65
CA GLU A 53 -17.54 20.70 12.78
C GLU A 53 -17.50 19.19 12.88
N ALA A 54 -16.36 18.70 13.34
CA ALA A 54 -16.19 17.40 13.95
C ALA A 54 -14.83 17.42 14.62
N THR A 55 -14.58 16.46 15.50
CA THR A 55 -13.35 16.57 16.28
C THR A 55 -12.67 15.21 16.42
N THR A 56 -12.72 14.41 15.37
CA THR A 56 -12.40 12.99 15.43
C THR A 56 -10.91 12.76 15.62
N THR A 57 -10.52 11.51 15.40
CA THR A 57 -9.13 11.12 15.53
C THR A 57 -8.27 11.86 14.52
N LEU A 58 -7.08 12.21 14.95
CA LEU A 58 -6.08 12.80 14.11
C LEU A 58 -4.79 12.03 14.34
N PHE A 59 -3.93 12.00 13.34
CA PHE A 59 -2.70 11.25 13.49
C PHE A 59 -1.53 12.20 13.65
N CYS A 60 -0.49 11.71 14.30
CA CYS A 60 0.60 12.60 14.58
C CYS A 60 1.53 12.72 13.37
N ALA A 61 2.34 13.76 13.41
CA ALA A 61 3.55 13.88 12.61
C ALA A 61 4.65 14.21 13.60
N SER A 62 5.60 13.29 13.75
CA SER A 62 6.54 13.34 14.88
C SER A 62 7.84 12.67 14.50
N ASP A 63 8.87 13.46 14.20
CA ASP A 63 10.14 12.93 13.72
C ASP A 63 10.98 12.44 14.89
N ALA A 64 10.80 11.19 15.26
CA ALA A 64 11.69 10.60 16.25
C ALA A 64 13.01 10.19 15.61
N LYS A 65 13.94 9.76 16.45
CA LYS A 65 15.21 9.23 15.96
C LYS A 65 15.20 7.72 15.78
N ALA A 66 14.32 7.02 16.51
CA ALA A 66 14.20 5.57 16.47
C ALA A 66 15.47 4.87 16.93
N TYR A 67 16.45 5.62 17.40
CA TYR A 67 17.71 5.10 17.94
C TYR A 67 17.93 5.51 19.38
N ASP A 68 17.65 6.75 19.74
CA ASP A 68 17.94 7.23 21.09
C ASP A 68 17.03 6.54 22.09
N THR A 69 17.61 6.15 23.23
CA THR A 69 16.82 5.53 24.28
C THR A 69 15.86 6.50 24.94
N GLU A 70 16.02 7.80 24.69
CA GLU A 70 15.11 8.84 25.17
C GLU A 70 13.68 8.45 24.84
N VAL A 71 12.87 8.17 25.86
CA VAL A 71 11.56 7.58 25.63
C VAL A 71 10.66 8.50 24.81
N HIS A 72 10.96 9.79 24.77
CA HIS A 72 10.21 10.70 23.92
C HIS A 72 10.18 10.19 22.50
N ASN A 73 11.35 10.01 21.90
CA ASN A 73 11.42 9.51 20.53
C ASN A 73 10.96 8.07 20.43
N VAL A 74 11.18 7.28 21.48
CA VAL A 74 10.71 5.90 21.47
C VAL A 74 9.22 5.84 21.20
N TRP A 75 8.44 6.63 21.95
CA TRP A 75 7.01 6.72 21.66
C TRP A 75 6.76 7.43 20.34
N ALA A 76 7.51 8.49 20.06
CA ALA A 76 7.33 9.30 18.87
C ALA A 76 7.51 8.51 17.58
N THR A 77 8.11 7.32 17.66
CA THR A 77 8.20 6.41 16.54
C THR A 77 7.29 5.20 16.71
N HIS A 78 7.28 4.59 17.90
CA HIS A 78 6.46 3.41 18.12
C HIS A 78 4.99 3.72 17.87
N ALA A 79 4.43 4.61 18.67
CA ALA A 79 3.12 5.18 18.33
C ALA A 79 3.32 6.68 18.10
N CYS A 80 3.91 6.98 16.95
CA CYS A 80 3.88 8.25 16.24
C CYS A 80 4.82 8.07 15.06
N VAL A 81 4.89 9.05 14.18
CA VAL A 81 5.45 8.77 12.86
C VAL A 81 6.33 9.91 12.37
N PRO A 82 7.44 9.62 11.66
CA PRO A 82 8.33 10.68 11.21
C PRO A 82 7.64 11.61 10.22
N THR A 83 8.23 12.80 10.07
CA THR A 83 7.49 14.01 9.78
C THR A 83 6.90 14.01 8.36
N ASP A 84 6.04 15.02 8.12
CA ASP A 84 5.39 15.30 6.84
C ASP A 84 6.03 16.54 6.22
N PRO A 85 6.64 16.44 5.05
CA PRO A 85 7.47 17.55 4.54
C PRO A 85 6.74 18.57 3.69
N SER A 86 5.44 18.40 3.44
CA SER A 86 4.68 19.31 2.60
C SER A 86 3.45 19.81 3.36
N PRO A 87 3.61 20.79 4.24
CA PRO A 87 2.46 21.52 4.76
C PRO A 87 2.19 22.78 3.95
N GLN A 88 0.92 23.04 3.69
CA GLN A 88 0.53 24.09 2.75
C GLN A 88 -0.49 25.03 3.42
N GLU A 89 0.00 26.02 4.16
CA GLU A 89 -0.93 26.93 4.84
C GLU A 89 -1.53 27.87 3.80
N LEU A 90 -2.51 27.35 3.06
CA LEU A 90 -3.14 28.12 2.00
C LEU A 90 -4.05 29.18 2.61
N VAL A 91 -3.44 30.30 2.99
CA VAL A 91 -4.01 31.36 3.83
C VAL A 91 -5.46 31.70 3.50
N LEU A 92 -6.27 31.91 4.54
CA LEU A 92 -7.67 32.26 4.38
C LEU A 92 -7.81 33.66 3.80
N GLU A 93 -8.90 33.86 3.10
CA GLU A 93 -9.43 35.19 2.85
C GLU A 93 -10.38 35.54 4.01
N ASN A 94 -11.29 36.49 3.79
CA ASN A 94 -12.07 37.12 4.85
C ASN A 94 -13.06 36.14 5.46
N VAL A 95 -12.51 35.23 6.24
CA VAL A 95 -13.28 34.27 7.02
C VAL A 95 -13.88 34.97 8.23
N THR A 96 -14.95 34.40 8.78
CA THR A 96 -15.42 34.79 10.11
C THR A 96 -15.80 33.49 10.82
N GLU A 97 -14.84 32.91 11.54
CA GLU A 97 -15.06 31.65 12.22
C GLU A 97 -14.56 31.75 13.65
N ASN A 98 -15.35 31.23 14.60
CA ASN A 98 -15.20 31.56 16.01
C ASN A 98 -14.40 30.47 16.72
N PHE A 99 -13.08 30.57 16.62
CA PHE A 99 -12.26 29.41 16.94
C PHE A 99 -12.33 29.15 18.42
N ASN A 100 -13.55 28.90 18.89
CA ASN A 100 -13.89 28.80 20.29
C ASN A 100 -12.97 27.79 20.95
N MET A 101 -12.14 28.24 21.87
CA MET A 101 -11.07 27.37 22.31
C MET A 101 -11.50 26.40 23.36
N TRP A 102 -12.78 26.30 23.68
CA TRP A 102 -13.20 25.32 24.67
C TRP A 102 -14.15 24.28 24.11
N LYS A 103 -14.42 24.31 22.81
CA LYS A 103 -15.15 23.26 22.12
C LYS A 103 -14.25 22.64 21.06
N ASN A 104 -13.01 22.30 21.43
CA ASN A 104 -12.05 21.69 20.51
C ASN A 104 -11.57 20.38 21.11
N GLU A 105 -12.36 19.31 20.94
CA GLU A 105 -12.03 18.03 21.52
C GLU A 105 -10.75 17.46 20.95
N MET A 106 -10.25 18.05 19.88
CA MET A 106 -8.88 17.84 19.47
C MET A 106 -7.94 18.02 20.64
N VAL A 107 -8.27 18.97 21.53
CA VAL A 107 -7.42 19.17 22.71
C VAL A 107 -7.55 17.99 23.65
N ASN A 108 -8.75 17.47 23.84
CA ASN A 108 -8.88 16.28 24.66
C ASN A 108 -8.10 15.14 24.04
N GLN A 109 -8.10 15.08 22.73
CA GLN A 109 -7.42 13.98 22.06
C GLN A 109 -5.93 14.08 22.29
N MET A 110 -5.38 15.28 22.17
CA MET A 110 -3.98 15.43 22.52
C MET A 110 -3.75 15.04 23.96
N HIS A 111 -4.70 15.40 24.83
CA HIS A 111 -4.58 15.07 26.24
C HIS A 111 -4.42 13.57 26.43
N GLU A 112 -5.37 12.82 25.88
CA GLU A 112 -5.35 11.38 26.05
C GLU A 112 -4.17 10.74 25.36
N ASP A 113 -3.73 11.31 24.24
CA ASP A 113 -2.46 10.86 23.67
C ASP A 113 -1.33 11.02 24.68
N VAL A 114 -1.30 12.14 25.38
CA VAL A 114 -0.21 12.40 26.31
C VAL A 114 -0.29 11.45 27.50
N ILE A 115 -1.49 11.28 28.04
CA ILE A 115 -1.66 10.36 29.16
C ILE A 115 -1.25 8.97 28.73
N SER A 116 -1.54 8.61 27.48
CA SER A 116 -1.06 7.35 26.95
C SER A 116 0.46 7.31 26.96
N LEU A 117 1.08 8.43 26.59
CA LEU A 117 2.52 8.47 26.48
C LEU A 117 3.20 8.29 27.83
N TRP A 118 2.64 8.91 28.87
CA TRP A 118 3.41 9.15 30.08
C TRP A 118 3.71 7.89 30.87
N ASP A 119 2.91 6.84 30.74
CA ASP A 119 2.91 5.75 31.69
C ASP A 119 3.86 4.62 31.32
N GLN A 120 3.93 4.23 30.06
CA GLN A 120 5.10 3.50 29.62
C GLN A 120 6.32 4.41 29.58
N SER A 121 6.11 5.73 29.44
CA SER A 121 7.22 6.65 29.60
C SER A 121 7.76 6.62 31.02
N LEU A 122 6.89 6.93 31.99
CA LEU A 122 7.29 7.03 33.39
C LEU A 122 6.78 5.84 34.18
N LYS A 123 7.66 5.31 35.03
CA LYS A 123 7.43 4.03 35.71
C LYS A 123 7.21 4.26 37.20
N PRO A 124 5.96 4.31 37.67
CA PRO A 124 5.74 4.41 39.12
C PRO A 124 6.05 3.10 39.82
N CYS A 125 7.00 3.14 40.76
CA CYS A 125 7.39 1.95 41.50
C CYS A 125 6.18 1.27 42.14
N VAL A 126 5.46 1.99 43.00
CA VAL A 126 4.28 1.45 43.67
C VAL A 126 3.15 2.46 43.68
N LYS A 127 2.16 2.25 42.81
CA LYS A 127 1.06 3.19 42.60
C LYS A 127 -0.13 2.79 43.46
N LEU A 128 -0.56 3.71 44.32
CA LEU A 128 -1.60 3.42 45.32
C LEU A 128 -2.95 3.99 44.85
N THR A 129 -3.45 3.41 43.81
CA THR A 129 -4.57 4.18 43.28
C THR A 129 -5.88 3.79 43.99
N PRO A 130 -6.85 4.71 44.05
CA PRO A 130 -8.09 4.41 44.78
C PRO A 130 -9.22 3.90 43.89
N LEU A 131 -10.20 3.27 44.53
CA LEU A 131 -11.39 2.76 43.86
C LEU A 131 -12.56 2.58 44.82
N CYS A 132 -13.76 2.83 44.30
CA CYS A 132 -14.99 2.29 44.88
C CYS A 132 -16.02 1.90 43.83
N VAL A 133 -16.73 0.84 44.17
CA VAL A 133 -17.83 0.28 43.40
C VAL A 133 -19.11 0.64 44.13
N THR A 134 -20.14 0.99 43.37
CA THR A 134 -21.30 1.68 43.92
C THR A 134 -21.95 0.86 45.02
N LEU A 135 -22.03 1.45 46.22
CA LEU A 135 -22.84 0.95 47.33
C LEU A 135 -23.27 2.17 48.14
N GLU A 136 -24.51 2.63 47.91
CA GLU A 136 -24.99 3.91 48.38
C GLU A 136 -24.77 4.12 49.88
N CYS A 137 -24.49 5.38 50.23
CA CYS A 137 -24.52 5.88 51.61
C CYS A 137 -25.57 6.97 51.73
N LEU A 199 -22.11 1.58 51.66
CA LEU A 199 -20.66 1.68 51.72
C LEU A 199 -20.01 1.53 50.36
N ILE A 200 -19.87 2.63 49.62
CA ILE A 200 -19.12 2.58 48.37
C ILE A 200 -17.68 2.16 48.67
N ASN A 201 -17.26 1.05 48.08
CA ASN A 201 -16.07 0.33 48.55
C ASN A 201 -14.78 0.99 48.08
N CYS A 202 -14.55 2.20 48.60
CA CYS A 202 -13.30 2.87 48.25
C CYS A 202 -12.21 2.26 49.12
N ASN A 203 -11.62 1.19 48.59
CA ASN A 203 -10.54 0.45 49.21
C ASN A 203 -9.27 0.72 48.42
N THR A 204 -8.19 1.07 49.11
CA THR A 204 -6.96 1.46 48.43
C THR A 204 -6.36 0.31 47.65
N SER A 205 -6.31 0.45 46.33
CA SER A 205 -5.78 -0.56 45.43
C SER A 205 -4.29 -0.28 45.22
N ALA A 206 -3.43 -1.02 45.92
CA ALA A 206 -2.00 -0.92 45.70
C ALA A 206 -1.58 -1.73 44.49
N ILE A 207 -0.64 -1.19 43.71
CA ILE A 207 -0.21 -1.77 42.44
C ILE A 207 1.29 -1.63 42.32
N THR A 208 2.01 -2.76 42.33
CA THR A 208 3.46 -2.74 42.26
C THR A 208 3.97 -2.81 40.83
N GLN A 209 5.17 -2.29 40.60
CA GLN A 209 5.78 -2.30 39.27
C GLN A 209 7.30 -2.24 39.41
N ALA A 210 7.97 -2.01 38.28
CA ALA A 210 9.42 -1.83 38.22
C ALA A 210 9.72 -0.45 37.65
N CYS A 211 10.68 0.24 38.25
CA CYS A 211 10.83 1.69 38.10
C CYS A 211 12.31 2.11 38.01
N PRO A 212 12.90 1.97 36.82
CA PRO A 212 14.19 2.60 36.53
C PRO A 212 14.06 3.91 35.73
N LYS A 213 15.16 4.61 35.50
CA LYS A 213 15.11 5.87 34.77
C LYS A 213 15.24 5.62 33.26
N VAL A 214 14.80 6.60 32.47
CA VAL A 214 15.29 6.67 31.10
C VAL A 214 15.83 8.05 30.72
N SER A 215 14.95 9.03 30.55
CA SER A 215 15.30 10.33 29.98
C SER A 215 14.07 11.22 29.84
N PHE A 216 14.25 12.45 29.40
CA PHE A 216 13.11 13.32 29.10
C PHE A 216 13.57 14.43 28.18
N GLU A 217 13.02 14.47 26.97
CA GLU A 217 13.30 15.55 26.03
C GLU A 217 12.16 15.70 25.03
N PRO A 218 11.34 16.74 25.19
CA PRO A 218 10.17 16.93 24.32
C PRO A 218 10.38 16.76 22.81
N ILE A 219 9.29 16.47 22.12
CA ILE A 219 9.26 16.38 20.67
C ILE A 219 8.16 17.32 20.20
N PRO A 220 8.44 18.29 19.36
CA PRO A 220 7.32 19.05 18.83
C PRO A 220 6.56 18.14 17.90
N ILE A 221 5.49 17.60 18.40
CA ILE A 221 4.64 16.75 17.60
C ILE A 221 3.65 17.65 16.89
N HIS A 222 2.96 17.11 15.91
CA HIS A 222 1.96 17.89 15.22
C HIS A 222 0.76 17.01 14.94
N TYR A 223 -0.37 17.65 14.72
CA TYR A 223 -1.63 16.95 14.54
C TYR A 223 -2.11 17.05 13.10
N CYS A 224 -2.65 15.93 12.61
CA CYS A 224 -2.86 15.69 11.19
C CYS A 224 -4.27 15.20 11.01
N THR A 225 -5.12 16.05 10.46
CA THR A 225 -6.48 15.70 10.12
C THR A 225 -6.52 14.41 9.34
N PRO A 226 -7.58 13.64 9.47
CA PRO A 226 -7.81 12.55 8.53
C PRO A 226 -8.37 13.14 7.24
N ALA A 227 -8.54 12.26 6.26
CA ALA A 227 -9.03 12.70 4.96
C ALA A 227 -10.42 13.29 5.07
N GLY A 228 -10.71 14.25 4.21
CA GLY A 228 -11.89 15.06 4.36
C GLY A 228 -11.88 15.97 5.55
N TYR A 229 -10.79 16.01 6.31
CA TYR A 229 -10.70 16.85 7.48
C TYR A 229 -9.57 17.85 7.30
N ALA A 230 -9.75 19.02 7.88
CA ALA A 230 -8.87 20.16 7.74
C ALA A 230 -8.69 20.82 9.09
N ILE A 231 -7.45 21.13 9.42
CA ILE A 231 -7.08 21.68 10.71
C ILE A 231 -6.95 23.17 10.53
N LEU A 232 -8.03 23.93 10.74
CA LEU A 232 -7.86 25.36 10.62
C LEU A 232 -6.89 25.87 11.68
N LYS A 233 -5.95 26.72 11.24
CA LYS A 233 -5.01 27.40 12.11
C LYS A 233 -5.48 28.83 12.32
N CYS A 234 -4.69 29.63 13.04
CA CYS A 234 -5.06 31.01 13.34
C CYS A 234 -3.80 31.85 13.55
N ASN A 235 -3.56 32.82 12.67
CA ASN A 235 -2.42 33.70 12.83
C ASN A 235 -2.65 34.73 13.91
N ASP A 236 -3.78 35.42 13.87
CA ASP A 236 -4.22 36.10 15.08
C ASP A 236 -4.23 35.09 16.21
N LYS A 237 -3.84 35.54 17.40
CA LYS A 237 -3.91 34.71 18.60
C LYS A 237 -4.76 35.33 19.70
N THR A 238 -5.22 36.57 19.53
CA THR A 238 -5.86 37.29 20.61
C THR A 238 -7.18 36.68 21.05
N PHE A 239 -8.18 36.83 20.20
CA PHE A 239 -9.50 36.20 20.27
C PHE A 239 -10.36 36.70 21.43
N ASN A 240 -9.77 37.42 22.39
CA ASN A 240 -10.36 37.56 23.71
C ASN A 240 -10.42 36.18 24.33
N GLY A 241 -10.10 35.16 23.52
CA GLY A 241 -10.42 33.76 23.73
C GLY A 241 -11.17 33.09 22.57
N THR A 242 -12.05 33.84 21.90
CA THR A 242 -12.91 33.30 20.85
C THR A 242 -13.00 34.27 19.66
N GLY A 243 -12.02 34.23 18.77
CA GLY A 243 -11.98 35.20 17.69
C GLY A 243 -11.16 34.74 16.49
N PRO A 244 -11.64 35.05 15.29
CA PRO A 244 -11.04 34.47 14.07
C PRO A 244 -9.68 35.04 13.70
N CYS A 245 -9.21 34.72 12.49
CA CYS A 245 -7.94 35.24 12.00
C CYS A 245 -7.96 35.39 10.49
N HIS A 246 -7.66 36.62 10.04
CA HIS A 246 -7.65 36.89 8.61
C HIS A 246 -6.60 36.05 7.89
N ASN A 247 -5.33 36.25 8.24
CA ASN A 247 -4.22 35.81 7.41
C ASN A 247 -3.68 34.43 7.78
N VAL A 248 -4.52 33.54 8.29
CA VAL A 248 -4.16 32.13 8.46
C VAL A 248 -4.90 31.30 7.43
N SER A 249 -4.61 30.00 7.36
CA SER A 249 -5.59 29.02 6.94
C SER A 249 -5.13 27.63 7.31
N THR A 250 -5.67 26.66 6.59
CA THR A 250 -5.52 25.23 6.79
C THR A 250 -4.08 24.81 6.96
N VAL A 251 -3.86 23.63 7.50
CA VAL A 251 -2.59 22.94 7.42
C VAL A 251 -2.86 21.49 7.06
N GLN A 252 -1.79 20.72 6.98
CA GLN A 252 -1.79 19.31 6.63
C GLN A 252 -1.50 18.46 7.82
N CYS A 253 -0.42 18.79 8.51
CA CYS A 253 -0.23 18.51 9.91
C CYS A 253 -0.01 19.85 10.55
N THR A 254 -0.03 19.85 11.86
CA THR A 254 -0.04 21.09 12.62
C THR A 254 1.38 21.56 12.90
N HIS A 255 1.51 22.52 13.81
CA HIS A 255 2.83 22.92 14.26
C HIS A 255 3.22 22.15 15.50
N GLY A 256 4.45 22.37 15.96
CA GLY A 256 4.94 21.70 17.14
C GLY A 256 4.14 22.00 18.38
N ILE A 257 3.68 20.95 19.06
CA ILE A 257 3.06 21.07 20.36
C ILE A 257 3.70 20.01 21.24
N LYS A 258 4.58 20.44 22.14
CA LYS A 258 5.53 19.55 22.79
C LYS A 258 4.89 18.78 23.95
N PRO A 259 5.59 17.78 24.48
CA PRO A 259 5.02 16.93 25.55
C PRO A 259 5.45 17.23 26.99
N VAL A 260 6.12 18.33 27.28
CA VAL A 260 6.44 18.63 28.67
C VAL A 260 5.20 19.21 29.35
N VAL A 261 5.09 18.97 30.65
CA VAL A 261 3.95 19.44 31.42
C VAL A 261 4.47 20.25 32.60
N SER A 262 3.81 21.36 32.90
CA SER A 262 4.20 22.15 34.05
C SER A 262 3.03 23.06 34.44
N THR A 263 3.20 23.75 35.56
CA THR A 263 2.11 24.41 36.26
C THR A 263 2.36 25.91 36.40
N GLN A 264 1.55 26.70 35.70
CA GLN A 264 1.59 28.15 35.61
C GLN A 264 2.79 28.60 34.79
N LEU A 265 3.74 27.68 34.55
CA LEU A 265 5.03 28.04 33.99
C LEU A 265 5.76 26.80 33.50
N LEU A 266 6.13 26.77 32.24
CA LEU A 266 6.60 25.56 31.58
C LEU A 266 8.13 25.52 31.54
N LEU A 267 8.65 24.56 30.78
CA LEU A 267 10.08 24.37 30.62
C LEU A 267 10.37 23.74 29.26
N ASN A 268 11.40 24.26 28.58
CA ASN A 268 11.83 23.71 27.30
C ASN A 268 10.71 23.74 26.26
N GLY A 269 9.76 24.65 26.42
CA GLY A 269 8.53 24.57 25.65
C GLY A 269 8.31 25.64 24.60
N SER A 270 7.05 25.94 24.31
CA SER A 270 6.69 26.89 23.28
C SER A 270 7.06 28.30 23.68
N LEU A 271 6.92 29.22 22.73
CA LEU A 271 7.01 30.64 23.00
C LEU A 271 5.81 31.33 22.38
N ALA A 272 5.73 32.64 22.47
CA ALA A 272 4.56 33.34 21.98
C ALA A 272 4.91 34.17 20.77
N GLU A 273 3.94 34.31 19.88
CA GLU A 273 4.23 34.75 18.52
C GLU A 273 4.31 36.27 18.41
N GLY A 274 3.21 36.97 18.65
CA GLY A 274 3.19 38.41 18.52
C GLY A 274 3.27 39.23 19.80
N GLU A 275 2.42 38.93 20.77
CA GLU A 275 2.36 39.66 22.05
C GLU A 275 1.56 38.83 23.04
N ILE A 276 1.25 39.43 24.18
CA ILE A 276 0.64 38.74 25.32
C ILE A 276 -0.86 39.01 25.36
N ILE A 277 -1.65 37.95 25.31
CA ILE A 277 -3.11 38.08 25.31
C ILE A 277 -3.70 37.04 26.26
N ILE A 278 -5.02 37.11 26.45
CA ILE A 278 -5.71 36.54 27.59
C ILE A 278 -7.03 35.91 27.16
N ARG A 279 -7.54 35.02 28.00
CA ARG A 279 -8.52 34.02 27.60
C ARG A 279 -9.51 33.77 28.73
N SER A 280 -10.70 34.34 28.63
CA SER A 280 -11.72 34.10 29.66
C SER A 280 -13.03 34.71 29.19
N GLU A 281 -13.97 34.85 30.14
CA GLU A 281 -15.32 35.42 29.95
C GLU A 281 -15.83 35.91 31.32
N ASN A 282 -17.18 36.01 31.46
CA ASN A 282 -17.90 36.92 32.36
C ASN A 282 -17.25 37.37 33.67
N LEU A 283 -17.44 38.64 34.01
CA LEU A 283 -16.89 39.22 35.23
C LEU A 283 -17.90 39.30 36.37
N THR A 284 -18.80 38.32 36.53
CA THR A 284 -19.66 38.27 37.71
C THR A 284 -19.07 37.44 38.84
N ASN A 285 -18.62 36.20 38.59
CA ASN A 285 -18.01 35.38 39.62
C ASN A 285 -16.64 34.84 39.26
N ASN A 286 -16.35 34.65 37.97
CA ASN A 286 -14.95 34.68 37.58
C ASN A 286 -14.07 33.52 38.02
N VAL A 287 -14.49 32.27 37.85
CA VAL A 287 -13.47 31.22 37.99
C VAL A 287 -12.68 31.15 36.69
N LYS A 288 -13.33 30.65 35.63
CA LYS A 288 -13.03 30.97 34.24
C LYS A 288 -11.55 31.15 33.96
N THR A 289 -10.71 30.17 34.27
CA THR A 289 -9.26 30.39 34.31
C THR A 289 -8.77 31.20 33.11
N ILE A 290 -7.90 32.15 33.41
CA ILE A 290 -7.34 33.10 32.47
C ILE A 290 -5.97 32.57 32.04
N LEU A 291 -5.62 32.81 30.78
CA LEU A 291 -4.36 32.32 30.26
C LEU A 291 -3.68 33.41 29.48
N VAL A 292 -2.37 33.55 29.66
CA VAL A 292 -1.59 34.54 28.94
C VAL A 292 -0.47 33.81 28.20
N HIS A 293 -0.15 34.23 26.98
CA HIS A 293 1.02 33.74 26.27
C HIS A 293 2.03 34.87 26.21
N LEU A 294 3.19 34.68 26.82
CA LEU A 294 4.09 35.78 27.08
C LEU A 294 5.13 35.88 25.95
N ASN A 295 5.11 37.00 25.20
CA ASN A 295 5.74 37.09 23.90
C ASN A 295 7.23 37.17 23.95
N GLN A 296 7.84 36.86 25.08
CA GLN A 296 9.27 36.81 25.13
C GLN A 296 9.65 35.49 25.76
N SER A 297 10.93 35.34 25.99
CA SER A 297 11.48 34.18 26.65
C SER A 297 11.92 34.58 28.04
N VAL A 298 12.25 33.56 28.83
CA VAL A 298 12.81 33.75 30.16
C VAL A 298 13.81 32.64 30.38
N GLU A 299 14.72 32.87 31.31
CA GLU A 299 15.71 31.89 31.69
C GLU A 299 15.27 31.23 32.97
N ILE A 300 15.15 29.91 32.94
CA ILE A 300 15.04 29.12 34.17
C ILE A 300 16.00 27.94 34.05
N VAL A 301 16.92 27.81 35.01
CA VAL A 301 18.02 26.86 34.95
C VAL A 301 18.31 26.40 36.37
N CYS A 302 18.27 25.09 36.61
CA CYS A 302 18.58 24.53 37.91
C CYS A 302 19.74 23.56 37.82
N THR A 303 20.79 23.84 38.59
CA THR A 303 21.97 23.00 38.66
C THR A 303 22.18 22.53 40.09
N ARG A 304 22.81 21.35 40.19
CA ARG A 304 23.15 20.68 41.44
C ARG A 304 24.15 19.55 41.15
N PRO A 305 25.42 19.90 41.08
CA PRO A 305 26.42 18.93 40.61
C PRO A 305 26.55 17.73 41.53
N ASN A 306 27.14 17.91 42.71
CA ASN A 306 26.81 17.06 43.83
C ASN A 306 26.47 17.91 45.04
N ASN A 307 27.48 18.63 45.53
CA ASN A 307 27.41 19.74 46.48
C ASN A 307 26.70 19.39 47.79
N ASN A 308 26.11 18.20 47.87
CA ASN A 308 25.27 17.83 49.00
C ASN A 308 25.40 16.36 49.36
N THR A 309 26.60 15.78 49.16
CA THR A 309 26.83 14.34 49.29
C THR A 309 26.10 13.71 50.46
N ARG A 310 26.08 14.39 51.60
CA ARG A 310 25.32 13.90 52.76
C ARG A 310 23.83 13.92 52.43
N LYS A 311 23.21 12.75 52.36
CA LYS A 311 21.83 12.65 51.89
C LYS A 311 20.84 13.18 52.91
N SER A 312 20.71 12.50 54.04
CA SER A 312 19.66 12.80 55.00
C SER A 312 20.17 13.80 56.04
N ILE A 313 19.30 14.13 56.98
CA ILE A 313 19.63 15.04 58.07
C ILE A 313 19.55 14.36 59.44
N ARG A 314 18.79 13.28 59.56
CA ARG A 314 18.43 12.71 60.86
C ARG A 314 17.88 11.30 60.67
N ILE A 315 18.08 10.47 61.71
CA ILE A 315 17.56 9.11 61.77
C ILE A 315 16.40 9.05 62.74
N ASP A 330 21.88 18.03 51.90
CA ASP A 330 20.72 17.24 51.50
C ASP A 330 20.65 17.11 49.97
N ILE A 331 20.49 15.87 49.51
CA ILE A 331 20.57 15.63 48.07
C ILE A 331 19.27 16.06 47.39
N ARG A 332 18.11 15.70 47.97
CA ARG A 332 16.83 16.17 47.46
C ARG A 332 16.72 17.69 47.50
N GLN A 333 17.52 18.36 48.33
CA GLN A 333 17.61 19.81 48.26
C GLN A 333 18.19 20.25 46.92
N ALA A 334 17.44 21.03 46.15
CA ALA A 334 17.90 21.60 44.90
C ALA A 334 17.82 23.13 44.96
N HIS A 335 18.90 23.80 44.54
CA HIS A 335 18.93 25.25 44.49
C HIS A 335 18.98 25.69 43.04
N CYS A 336 17.98 26.45 42.64
CA CYS A 336 17.77 26.85 41.25
C CYS A 336 18.31 28.27 41.11
N ASN A 337 19.59 28.43 40.79
CA ASN A 337 20.15 29.76 40.54
C ASN A 337 19.71 30.21 39.15
N ILE A 338 18.75 31.12 39.08
CA ILE A 338 18.04 31.32 37.81
C ILE A 338 18.55 32.49 36.97
N SER A 339 18.30 33.72 37.42
CA SER A 339 18.23 34.82 36.48
C SER A 339 18.10 36.16 37.19
N LYS A 340 17.66 37.18 36.46
CA LYS A 340 17.22 38.51 36.91
C LYS A 340 18.18 39.61 36.49
N TRP A 341 13.27 39.28 32.85
CA TRP A 341 12.51 38.62 33.90
C TRP A 341 11.44 39.52 34.44
N HIS A 342 11.83 40.32 35.44
CA HIS A 342 10.91 41.25 36.06
C HIS A 342 10.12 42.06 35.05
N GLU A 343 10.76 42.48 33.95
CA GLU A 343 10.05 43.34 33.00
C GLU A 343 8.96 42.58 32.26
N THR A 344 9.14 41.28 32.06
CA THR A 344 8.05 40.47 31.56
C THR A 344 6.90 40.49 32.57
N LEU A 345 7.22 40.53 33.86
CA LEU A 345 6.15 40.62 34.83
C LEU A 345 5.51 42.00 34.83
N LYS A 346 6.27 43.02 34.45
CA LYS A 346 5.67 44.32 34.28
C LYS A 346 4.69 44.32 33.13
N ARG A 347 5.05 43.65 32.04
CA ARG A 347 4.09 43.44 30.96
C ARG A 347 2.90 42.64 31.45
N VAL A 348 3.16 41.64 32.30
CA VAL A 348 2.08 40.92 32.97
C VAL A 348 1.10 41.90 33.55
N SER A 349 1.60 42.72 34.47
CA SER A 349 0.72 43.59 35.24
C SER A 349 0.01 44.58 34.35
N GLU A 350 0.72 45.14 33.37
CA GLU A 350 0.08 46.14 32.53
C GLU A 350 -1.06 45.53 31.74
N LYS A 351 -0.85 44.32 31.20
CA LYS A 351 -1.99 43.61 30.62
C LYS A 351 -3.12 43.48 31.62
N LEU A 352 -2.82 42.87 32.77
CA LEU A 352 -3.85 42.59 33.75
C LEU A 352 -4.67 43.84 34.00
N ALA A 353 -3.98 44.97 34.18
CA ALA A 353 -4.66 46.24 34.39
C ALA A 353 -5.46 46.66 33.17
N GLU A 354 -4.98 46.34 31.97
CA GLU A 354 -5.76 46.66 30.78
C GLU A 354 -7.05 45.86 30.75
N HIS A 355 -7.10 44.73 31.45
CA HIS A 355 -8.36 44.03 31.60
C HIS A 355 -8.99 44.19 32.98
N PHE A 356 -8.20 44.57 33.99
CA PHE A 356 -8.68 44.90 35.33
C PHE A 356 -8.34 46.37 35.56
N PRO A 357 -9.14 47.29 35.00
CA PRO A 357 -8.66 48.67 34.82
C PRO A 357 -8.39 49.48 36.08
N ASN A 358 -9.36 49.61 36.98
CA ASN A 358 -9.29 50.66 37.98
C ASN A 358 -8.66 50.19 39.28
N LYS A 359 -8.23 48.94 39.37
CA LYS A 359 -7.76 48.35 40.60
C LYS A 359 -6.26 48.08 40.50
N THR A 360 -5.58 48.04 41.64
CA THR A 360 -4.17 47.70 41.63
C THR A 360 -4.01 46.24 41.26
N ILE A 361 -2.78 45.74 41.21
CA ILE A 361 -2.55 44.37 40.76
C ILE A 361 -1.52 43.69 41.66
N ASN A 362 -1.98 42.79 42.51
CA ASN A 362 -1.23 41.93 43.40
C ASN A 362 -1.31 40.48 42.90
N PHE A 363 -0.73 39.57 43.67
CA PHE A 363 -1.11 38.16 43.69
C PHE A 363 -1.72 37.79 45.03
N THR A 364 -0.97 38.01 46.12
CA THR A 364 -1.32 38.24 47.51
C THR A 364 -1.80 37.02 48.30
N SER A 365 -1.98 35.86 47.65
CA SER A 365 -2.50 34.70 48.36
C SER A 365 -2.17 33.45 47.56
N SER A 366 -1.23 32.66 48.05
CA SER A 366 -0.99 31.31 47.55
C SER A 366 -1.33 30.38 48.71
N SER A 367 -2.62 30.06 48.85
CA SER A 367 -3.09 29.34 50.02
C SER A 367 -2.34 28.03 50.18
N GLY A 368 -2.29 27.23 49.13
CA GLY A 368 -1.54 26.00 49.14
C GLY A 368 -2.45 24.79 48.98
N GLY A 369 -2.03 23.69 49.61
CA GLY A 369 -2.72 22.43 49.48
C GLY A 369 -1.84 21.40 48.78
N ASP A 370 -2.43 20.73 47.80
CA ASP A 370 -1.65 19.81 46.98
C ASP A 370 -0.64 20.59 46.14
N LEU A 371 0.62 20.16 46.22
CA LEU A 371 1.76 20.99 45.79
C LEU A 371 1.70 21.37 44.32
N GLU A 372 0.98 20.62 43.50
CA GLU A 372 1.14 20.73 42.07
C GLU A 372 0.38 21.90 41.46
N ILE A 373 -0.63 22.41 42.14
CA ILE A 373 -1.38 23.53 41.60
C ILE A 373 -0.66 24.86 41.86
N THR A 374 -0.07 25.01 43.05
CA THR A 374 0.60 26.25 43.42
C THR A 374 2.04 26.30 42.93
N THR A 375 2.88 25.43 43.48
CA THR A 375 4.31 25.49 43.25
C THR A 375 4.62 25.34 41.77
N HIS A 376 5.72 25.96 41.34
CA HIS A 376 6.17 25.64 40.01
C HIS A 376 6.51 24.16 39.97
N SER A 377 5.68 23.37 39.28
CA SER A 377 5.86 21.93 39.15
C SER A 377 6.13 21.64 37.68
N PHE A 378 7.32 21.13 37.40
CA PHE A 378 7.75 20.90 36.03
C PHE A 378 8.65 19.67 35.99
N THR A 379 8.68 19.03 34.82
CA THR A 379 9.26 17.70 34.67
C THR A 379 10.71 17.77 34.23
N CYS A 380 11.62 17.34 35.11
CA CYS A 380 13.03 17.15 34.79
C CYS A 380 13.58 16.03 35.66
N ARG A 381 14.52 15.25 35.10
CA ARG A 381 14.92 13.97 35.68
C ARG A 381 13.70 13.08 35.89
N GLY A 382 12.67 13.29 35.06
CA GLY A 382 11.36 12.73 35.28
C GLY A 382 10.62 13.29 36.47
N GLU A 383 11.30 14.01 37.35
CA GLU A 383 10.72 14.50 38.59
C GLU A 383 10.62 16.02 38.53
N PHE A 384 10.25 16.63 39.64
CA PHE A 384 9.83 18.03 39.64
C PHE A 384 10.43 18.73 40.84
N PHE A 385 10.30 20.05 40.86
CA PHE A 385 11.03 20.89 41.80
C PHE A 385 10.00 21.67 42.60
N TYR A 386 9.93 21.40 43.89
CA TYR A 386 8.79 21.85 44.69
C TYR A 386 9.28 22.77 45.80
N CYS A 387 8.92 24.05 45.70
CA CYS A 387 9.20 25.05 46.71
C CYS A 387 7.88 25.63 47.22
N ASN A 388 7.99 26.65 48.07
CA ASN A 388 6.84 27.32 48.65
C ASN A 388 6.46 28.53 47.80
N THR A 389 5.57 29.36 48.33
CA THR A 389 5.10 30.57 47.68
C THR A 389 6.01 31.78 47.91
N SER A 390 7.31 31.57 48.13
CA SER A 390 8.20 32.66 48.50
C SER A 390 8.67 33.46 47.29
N GLY A 391 8.80 32.82 46.13
CA GLY A 391 9.47 33.44 45.00
C GLY A 391 8.51 34.05 43.99
N LEU A 392 8.83 35.28 43.57
CA LEU A 392 8.27 35.93 42.39
C LEU A 392 6.75 36.01 42.42
N PHE A 393 6.14 35.58 43.51
CA PHE A 393 4.70 35.49 43.61
C PHE A 393 4.06 36.71 44.25
N ASN A 394 4.83 37.78 44.53
CA ASN A 394 4.42 38.73 45.56
C ASN A 394 3.93 40.09 45.06
N SER A 395 4.59 40.68 44.08
CA SER A 395 4.52 42.13 43.89
C SER A 395 3.11 42.64 43.68
N THR A 396 2.89 43.87 44.12
CA THR A 396 1.65 44.59 43.87
C THR A 396 1.90 45.56 42.73
N TYR A 397 0.84 45.96 42.07
CA TYR A 397 0.97 46.94 41.00
C TYR A 397 0.00 48.08 41.20
N MET A 398 0.52 49.18 41.68
CA MET A 398 0.05 50.52 41.37
C MET A 398 1.36 50.91 40.68
N PRO A 399 1.52 52.08 40.06
CA PRO A 399 2.37 52.13 38.85
C PRO A 399 3.80 51.69 39.06
N ASN A 400 4.05 50.74 39.96
CA ASN A 400 5.36 50.12 40.13
C ASN A 400 5.19 48.73 40.75
N GLY A 401 6.15 47.84 40.45
CA GLY A 401 6.17 46.50 41.01
C GLY A 401 6.65 46.54 42.45
N THR A 402 6.89 45.35 43.01
CA THR A 402 7.11 45.31 44.45
C THR A 402 8.18 44.29 44.87
N TYR A 403 9.15 43.98 44.01
CA TYR A 403 10.10 42.96 44.45
C TYR A 403 11.33 43.52 45.13
N LEU A 404 12.15 44.19 44.35
CA LEU A 404 13.54 44.52 44.64
C LEU A 404 14.04 45.41 43.51
N HIS A 405 15.33 45.68 43.51
CA HIS A 405 16.05 46.41 42.46
C HIS A 405 15.21 47.42 41.67
N SER A 412 24.56 36.60 37.41
CA SER A 412 23.97 35.58 36.57
C SER A 412 23.07 34.67 37.40
N SER A 413 23.28 33.37 37.27
CA SER A 413 22.56 32.40 38.07
C SER A 413 22.76 32.71 39.54
N ILE A 414 21.71 33.14 40.22
CA ILE A 414 21.93 33.65 41.56
C ILE A 414 21.32 32.69 42.57
N THR A 415 19.98 32.54 42.59
CA THR A 415 19.30 31.58 43.47
C THR A 415 17.78 31.62 43.41
N ILE A 416 17.15 30.47 43.67
CA ILE A 416 15.76 30.33 44.12
C ILE A 416 15.60 28.88 44.58
N PRO A 417 15.05 28.63 45.76
CA PRO A 417 15.06 27.27 46.33
C PRO A 417 13.87 26.38 46.02
N CYS A 418 13.82 25.72 44.87
CA CYS A 418 12.82 24.68 44.59
C CYS A 418 13.49 23.32 44.55
N ARG A 419 13.02 22.40 45.38
CA ARG A 419 13.66 21.11 45.57
C ARG A 419 12.74 19.99 45.13
N ILE A 420 13.26 18.76 45.16
CA ILE A 420 12.55 17.62 44.58
C ILE A 420 11.88 16.81 45.68
N LYS A 421 10.75 16.21 45.33
CA LYS A 421 10.04 15.22 46.12
C LYS A 421 10.14 13.87 45.41
N GLN A 422 9.45 12.87 45.94
CA GLN A 422 9.39 11.61 45.20
C GLN A 422 7.98 11.06 45.05
N ILE A 423 7.14 11.22 46.07
CA ILE A 423 5.79 10.67 46.09
C ILE A 423 4.83 11.71 45.54
N ILE A 424 4.54 11.62 44.24
CA ILE A 424 3.88 12.68 43.52
C ILE A 424 2.39 12.36 43.39
N ASN A 425 1.62 13.35 42.97
CA ASN A 425 0.27 13.15 42.50
C ASN A 425 0.27 13.17 40.97
N MET A 426 -0.79 12.65 40.38
CA MET A 426 -0.91 12.53 38.94
C MET A 426 -1.86 13.60 38.44
N TRP A 427 -1.47 14.28 37.38
CA TRP A 427 -2.38 15.16 36.68
C TRP A 427 -3.41 14.39 35.88
N GLN A 428 -3.25 13.07 35.79
CA GLN A 428 -3.92 12.19 34.83
C GLN A 428 -5.21 11.62 35.40
N GLU A 429 -5.08 10.84 36.46
CA GLU A 429 -6.21 10.26 37.15
C GLU A 429 -5.88 10.26 38.64
N VAL A 430 -6.89 10.63 39.44
CA VAL A 430 -6.67 10.91 40.85
C VAL A 430 -6.00 9.71 41.51
N GLY A 431 -5.13 10.00 42.46
CA GLY A 431 -4.40 8.93 43.10
C GLY A 431 -2.91 9.08 43.06
N ARG A 432 -2.27 8.56 44.10
CA ARG A 432 -0.87 8.84 44.39
C ARG A 432 0.02 8.03 43.44
N ALA A 433 1.33 8.08 43.69
CA ALA A 433 2.34 7.37 42.91
C ALA A 433 3.67 7.48 43.65
N MET A 434 4.59 6.55 43.42
CA MET A 434 5.79 6.43 44.27
C MET A 434 7.00 6.19 43.39
N TYR A 435 7.82 7.21 43.17
CA TYR A 435 8.90 7.11 42.20
C TYR A 435 10.21 6.74 42.91
N ALA A 436 11.30 6.73 42.13
CA ALA A 436 12.56 6.15 42.56
C ALA A 436 13.45 7.18 43.25
N PRO A 437 14.42 6.73 44.04
CA PRO A 437 15.44 7.63 44.56
C PRO A 437 16.20 8.26 43.40
N PRO A 438 16.58 9.53 43.53
CA PRO A 438 17.14 10.26 42.38
C PRO A 438 18.55 9.85 41.99
N ILE A 439 19.10 10.59 41.04
CA ILE A 439 20.44 10.39 40.50
C ILE A 439 21.42 11.19 41.35
N GLU A 440 22.70 10.78 41.34
CA GLU A 440 23.69 11.40 42.20
C GLU A 440 23.71 12.92 42.08
N GLY A 441 23.67 13.44 40.86
CA GLY A 441 23.61 14.88 40.67
C GLY A 441 24.02 15.28 39.27
N ASN A 442 24.39 16.55 39.14
CA ASN A 442 24.81 17.18 37.88
C ASN A 442 23.67 17.15 36.84
N ILE A 443 22.63 17.93 37.13
CA ILE A 443 21.49 18.08 36.23
C ILE A 443 21.37 19.55 35.85
N THR A 444 20.63 19.80 34.78
CA THR A 444 20.31 21.16 34.36
C THR A 444 19.11 21.11 33.43
N CYS A 445 18.29 22.15 33.50
CA CYS A 445 17.18 22.30 32.58
C CYS A 445 17.00 23.78 32.28
N LYS A 446 16.90 24.13 31.01
CA LYS A 446 16.62 25.48 30.60
C LYS A 446 15.20 25.53 30.07
N SER A 447 14.78 26.69 29.58
CA SER A 447 13.42 26.77 29.07
C SER A 447 13.23 28.03 28.26
N ASN A 448 12.01 28.16 27.73
CA ASN A 448 11.55 29.37 27.04
C ASN A 448 10.06 29.49 27.36
N ILE A 449 9.74 30.22 28.42
CA ILE A 449 8.36 30.42 28.84
C ILE A 449 7.55 31.02 27.70
N THR A 450 6.45 30.37 27.36
CA THR A 450 5.52 30.96 26.39
C THR A 450 4.51 31.87 27.04
N GLY A 451 4.22 31.67 28.32
CA GLY A 451 3.17 32.40 28.98
C GLY A 451 2.90 31.91 30.38
N LEU A 452 1.69 32.14 30.85
CA LEU A 452 1.43 31.92 32.25
C LEU A 452 -0.05 31.59 32.42
N LEU A 453 -0.37 31.09 33.60
CA LEU A 453 -1.66 30.48 33.86
C LEU A 453 -2.21 31.11 35.13
N LEU A 454 -3.32 31.85 35.04
CA LEU A 454 -3.71 32.66 36.18
C LEU A 454 -5.22 32.83 36.29
N VAL A 455 -5.71 32.91 37.53
CA VAL A 455 -7.08 33.31 37.83
C VAL A 455 -7.08 34.26 39.03
N ARG A 456 -7.91 35.29 38.97
CA ARG A 456 -8.06 36.22 40.07
C ARG A 456 -8.37 35.48 41.34
N ASP A 457 -7.67 35.82 42.40
CA ASP A 457 -7.90 35.30 43.74
C ASP A 457 -9.13 35.98 44.31
N GLY A 458 -10.21 35.95 43.55
CA GLY A 458 -11.25 36.94 43.67
C GLY A 458 -12.15 36.78 44.86
N GLY A 459 -13.34 37.36 44.77
CA GLY A 459 -14.30 37.28 45.84
C GLY A 459 -15.19 38.49 45.96
N THR A 460 -15.55 38.84 47.19
CA THR A 460 -16.30 40.06 47.45
C THR A 460 -15.86 40.71 48.75
N GLU A 461 -14.75 40.27 49.35
CA GLU A 461 -14.19 40.97 50.50
C GLU A 461 -13.30 42.13 50.07
N SER A 462 -13.08 42.30 48.76
CA SER A 462 -11.98 43.10 48.25
C SER A 462 -12.41 44.55 48.01
N ASN A 463 -11.49 45.48 48.26
CA ASN A 463 -11.71 46.91 48.01
C ASN A 463 -10.52 47.44 47.22
N ASN A 464 -10.68 47.44 45.89
CA ASN A 464 -9.84 48.21 44.95
C ASN A 464 -8.41 47.73 44.81
N THR A 465 -7.95 46.81 45.65
CA THR A 465 -6.78 46.07 45.23
C THR A 465 -7.26 44.84 44.49
N GLU A 466 -6.47 44.41 43.52
CA GLU A 466 -6.84 43.24 42.74
C GLU A 466 -5.67 42.30 42.57
N THR A 467 -5.98 41.02 42.60
CA THR A 467 -4.95 40.01 42.74
C THR A 467 -5.31 38.86 41.85
N ASN A 468 -4.30 38.28 41.20
CA ASN A 468 -4.46 37.13 40.35
C ASN A 468 -3.64 35.99 40.94
N ASN A 469 -4.09 34.77 40.76
CA ASN A 469 -3.52 33.67 41.52
C ASN A 469 -3.74 32.35 40.81
N GLY A 476 -1.51 30.05 39.25
CA GLY A 476 -2.19 28.82 39.60
C GLY A 476 -2.95 28.13 38.48
N GLY A 477 -2.55 26.90 38.15
CA GLY A 477 -3.24 26.11 37.16
C GLY A 477 -2.76 24.68 37.15
N GLY A 478 -3.67 23.72 37.03
CA GLY A 478 -3.29 22.32 37.03
C GLY A 478 -4.09 21.41 36.11
N ASP A 479 -4.94 22.01 35.27
CA ASP A 479 -5.73 21.27 34.30
C ASP A 479 -5.05 21.33 32.94
N MET A 480 -4.56 20.18 32.48
CA MET A 480 -3.82 20.17 31.23
C MET A 480 -4.66 20.65 30.06
N ARG A 481 -5.95 20.34 30.04
CA ARG A 481 -6.78 20.62 28.87
C ARG A 481 -6.71 22.08 28.44
N ASP A 482 -6.15 22.95 29.27
CA ASP A 482 -5.68 24.23 28.80
C ASP A 482 -4.16 24.33 28.77
N ASN A 483 -3.46 23.63 29.68
CA ASN A 483 -2.00 23.61 29.69
C ASN A 483 -1.44 23.33 28.31
N TRP A 484 -2.19 22.64 27.48
CA TRP A 484 -1.89 22.49 26.07
C TRP A 484 -3.04 23.05 25.27
N ARG A 485 -3.49 24.23 25.65
CA ARG A 485 -4.46 24.94 24.85
C ARG A 485 -4.09 26.41 24.72
N SER A 486 -2.99 26.83 25.29
CA SER A 486 -2.30 28.02 24.85
C SER A 486 -1.50 27.75 23.59
N GLU A 487 -1.75 26.62 22.95
CA GLU A 487 -1.08 26.23 21.73
C GLU A 487 -2.03 25.70 20.68
N LEU A 488 -3.33 25.72 20.91
CA LEU A 488 -4.25 25.12 19.96
C LEU A 488 -5.50 25.96 19.76
N TYR A 489 -5.48 27.21 20.18
CA TYR A 489 -6.63 28.08 19.94
C TYR A 489 -6.90 28.19 18.45
N LYS A 490 -5.84 28.06 17.67
CA LYS A 490 -5.92 28.07 16.22
C LYS A 490 -6.64 26.82 15.72
N TYR A 491 -6.06 25.67 15.99
CA TYR A 491 -6.48 24.40 15.46
C TYR A 491 -7.94 24.11 15.75
N LYS A 492 -8.75 24.13 14.72
CA LYS A 492 -10.14 23.70 14.77
C LYS A 492 -10.32 22.63 13.71
N VAL A 493 -10.47 21.37 14.13
CA VAL A 493 -10.57 20.27 13.17
C VAL A 493 -11.96 20.27 12.57
N VAL A 494 -12.04 20.06 11.27
CA VAL A 494 -13.33 20.03 10.63
C VAL A 494 -13.29 18.96 9.56
N GLU A 495 -14.46 18.43 9.21
CA GLU A 495 -14.54 17.53 8.06
C GLU A 495 -14.56 18.42 6.83
N ILE A 496 -14.76 17.86 5.68
CA ILE A 496 -15.19 18.67 4.56
C ILE A 496 -16.67 18.45 4.37
N LYS A 497 -17.38 19.46 3.94
CA LYS A 497 -18.75 19.19 3.59
C LYS A 497 -18.87 19.55 2.13
N PRO A 498 -18.06 18.95 1.31
CA PRO A 498 -17.81 19.48 -0.02
C PRO A 498 -19.02 19.38 -0.90
N LEU A 499 -20.08 18.77 -0.39
CA LEU A 499 -21.35 18.86 -1.04
C LEU A 499 -22.00 20.14 -0.59
N GLY A 500 -22.38 20.98 -1.53
CA GLY A 500 -22.87 22.28 -1.15
C GLY A 500 -24.15 22.53 -1.89
N VAL A 501 -24.95 23.39 -1.30
CA VAL A 501 -26.25 23.78 -1.83
C VAL A 501 -26.22 25.27 -2.11
N ALA A 502 -26.96 25.68 -3.12
CA ALA A 502 -27.05 27.08 -3.50
C ALA A 502 -28.26 27.25 -4.39
N PRO A 503 -28.75 28.48 -4.57
CA PRO A 503 -29.84 28.70 -5.51
C PRO A 503 -29.35 29.07 -6.91
N THR A 504 -30.19 28.71 -7.87
CA THR A 504 -30.10 28.96 -9.30
C THR A 504 -31.51 29.08 -9.82
N ALA A 505 -31.68 28.88 -11.12
CA ALA A 505 -33.00 28.81 -11.71
C ALA A 505 -33.13 27.51 -12.49
N CYS A 506 -32.69 26.41 -11.86
CA CYS A 506 -32.47 25.15 -12.56
C CYS A 506 -33.58 24.17 -12.21
N LYS A 507 -34.26 23.65 -13.23
CA LYS A 507 -35.36 22.72 -13.09
C LYS A 507 -35.50 21.94 -14.39
N ARG A 508 -36.18 20.79 -14.34
CA ARG A 508 -36.09 19.84 -15.43
C ARG A 508 -37.29 19.88 -16.37
N ARG A 509 -37.21 19.04 -17.39
CA ARG A 509 -38.25 18.88 -18.39
C ARG A 509 -39.42 18.09 -17.83
N VAL A 510 -40.63 18.46 -18.26
CA VAL A 510 -41.84 17.82 -17.74
C VAL A 510 -42.56 17.01 -18.81
N GLY B 5 -7.90 23.81 -2.38
CA GLY B 5 -8.82 23.60 -1.27
C GLY B 5 -8.24 22.81 -0.12
N ALA B 6 -6.90 22.87 0.02
CA ALA B 6 -6.07 22.33 1.08
C ALA B 6 -5.74 20.87 0.90
N VAL B 7 -6.29 20.18 -0.11
CA VAL B 7 -6.18 18.75 -0.25
C VAL B 7 -6.44 18.40 -1.70
N PHE B 8 -6.14 17.17 -2.09
CA PHE B 8 -6.48 16.68 -3.42
C PHE B 8 -7.90 17.03 -3.83
N LEU B 9 -8.79 17.16 -2.86
CA LEU B 9 -10.20 17.49 -3.03
C LEU B 9 -10.50 18.84 -2.38
N GLY B 10 -11.77 19.23 -2.37
CA GLY B 10 -12.09 20.61 -2.06
C GLY B 10 -11.47 21.52 -3.09
N PHE B 11 -11.32 21.00 -4.31
CA PHE B 11 -10.47 21.55 -5.36
C PHE B 11 -11.21 22.52 -6.28
N LEU B 12 -12.41 22.95 -5.90
CA LEU B 12 -13.24 23.85 -6.70
C LEU B 12 -13.37 25.20 -6.02
N GLY B 13 -12.31 25.68 -5.42
CA GLY B 13 -12.34 27.00 -4.82
C GLY B 13 -11.34 27.11 -3.70
N VAL B 14 -11.24 28.33 -3.19
CA VAL B 14 -10.37 28.70 -2.10
C VAL B 14 -11.19 29.29 -0.97
N ALA B 15 -10.78 28.97 0.26
CA ALA B 15 -11.53 29.40 1.43
C ALA B 15 -11.46 30.91 1.60
N GLY B 16 -12.55 31.48 2.06
CA GLY B 16 -12.69 32.91 2.17
C GLY B 16 -13.18 33.53 0.90
N SER B 17 -12.66 33.07 -0.24
CA SER B 17 -13.32 33.38 -1.49
C SER B 17 -14.77 32.98 -1.40
N THR B 18 -15.65 33.93 -1.62
CA THR B 18 -17.07 33.65 -1.52
C THR B 18 -17.47 32.75 -2.69
N MET B 19 -18.77 32.50 -2.79
CA MET B 19 -19.26 31.44 -3.66
C MET B 19 -18.80 31.60 -5.11
N GLY B 20 -19.18 32.71 -5.75
CA GLY B 20 -18.86 32.89 -7.16
C GLY B 20 -17.42 32.57 -7.50
N ALA B 21 -16.50 32.95 -6.60
CA ALA B 21 -15.09 32.64 -6.80
C ALA B 21 -14.87 31.14 -6.97
N ALA B 22 -15.30 30.35 -5.98
CA ALA B 22 -15.11 28.91 -6.04
C ALA B 22 -15.85 28.30 -7.23
N SER B 23 -17.10 28.72 -7.43
CA SER B 23 -17.91 28.22 -8.53
C SER B 23 -17.22 28.40 -9.86
N MET B 24 -16.51 29.49 -10.04
CA MET B 24 -15.84 29.66 -11.31
C MET B 24 -14.48 28.98 -11.33
N THR B 25 -13.81 28.88 -10.17
CA THR B 25 -12.55 28.14 -10.16
C THR B 25 -12.75 26.68 -10.47
N LEU B 26 -13.99 26.20 -10.41
CA LEU B 26 -14.33 24.91 -11.01
C LEU B 26 -13.71 24.75 -12.39
N THR B 27 -14.13 25.60 -13.32
CA THR B 27 -13.80 25.39 -14.70
C THR B 27 -12.32 25.61 -14.94
N VAL B 28 -11.70 26.46 -14.13
CA VAL B 28 -10.27 26.70 -14.33
C VAL B 28 -9.44 25.60 -13.68
N GLN B 29 -9.94 24.92 -12.65
CA GLN B 29 -9.30 23.69 -12.23
C GLN B 29 -9.29 22.70 -13.38
N ALA B 30 -10.46 22.56 -14.02
CA ALA B 30 -10.53 21.77 -15.24
C ALA B 30 -9.46 22.18 -16.24
N ARG B 31 -9.50 23.44 -16.65
CA ARG B 31 -8.64 23.92 -17.72
C ARG B 31 -7.17 23.98 -17.32
N GLN B 32 -6.87 23.93 -16.02
CA GLN B 32 -5.47 23.96 -15.60
C GLN B 32 -4.90 22.57 -15.52
N LEU B 33 -5.72 21.56 -15.23
CA LEU B 33 -5.22 20.19 -15.24
C LEU B 33 -5.62 19.43 -16.50
N LEU B 34 -6.09 20.11 -17.55
CA LEU B 34 -6.50 19.39 -18.75
C LEU B 34 -5.32 18.98 -19.63
N SER B 35 -4.47 19.93 -20.02
CA SER B 35 -3.49 19.64 -21.07
C SER B 35 -2.41 18.68 -20.59
N GLY B 36 -1.86 18.93 -19.40
CA GLY B 36 -0.70 18.18 -18.96
C GLY B 36 0.51 18.46 -19.81
N ILE B 37 0.39 19.42 -20.73
CA ILE B 37 1.48 19.83 -21.62
C ILE B 37 2.17 21.04 -21.04
N GLN B 52 17.40 12.68 0.02
CA GLN B 52 17.34 11.65 1.04
C GLN B 52 16.10 10.77 0.89
N HIS B 53 16.29 9.47 1.09
CA HIS B 53 15.17 8.52 1.13
C HIS B 53 15.54 7.39 2.09
N LEU B 54 14.91 7.37 3.25
CA LEU B 54 15.33 6.53 4.36
C LEU B 54 14.77 5.11 4.22
N LEU B 55 15.45 4.16 4.87
CA LEU B 55 15.00 2.78 4.84
C LEU B 55 13.61 2.61 5.43
N GLN B 56 13.14 3.58 6.21
CA GLN B 56 11.78 3.57 6.73
C GLN B 56 10.95 4.72 6.19
N LEU B 57 11.41 5.39 5.13
CA LEU B 57 10.51 6.19 4.31
C LEU B 57 9.36 5.35 3.81
N THR B 58 9.55 4.04 3.76
CA THR B 58 8.49 3.08 3.48
C THR B 58 7.20 3.49 4.17
N VAL B 59 7.25 3.63 5.50
CA VAL B 59 6.03 3.82 6.27
C VAL B 59 5.39 5.17 5.99
N TRP B 60 6.17 6.19 5.65
CA TRP B 60 5.58 7.46 5.31
C TRP B 60 4.87 7.38 3.97
N GLY B 61 5.56 6.83 2.96
CA GLY B 61 4.87 6.53 1.72
C GLY B 61 3.58 5.80 1.99
N ILE B 62 3.66 4.76 2.81
CA ILE B 62 2.49 3.97 3.20
C ILE B 62 1.38 4.88 3.67
N LYS B 63 1.64 5.63 4.73
CA LYS B 63 0.59 6.50 5.25
C LYS B 63 0.21 7.53 4.21
N GLN B 64 1.17 7.94 3.39
CA GLN B 64 0.83 8.81 2.27
C GLN B 64 -0.17 8.15 1.35
N LEU B 65 -0.12 6.83 1.23
CA LEU B 65 -0.99 6.17 0.28
C LEU B 65 -2.44 6.41 0.64
N GLN B 66 -2.85 5.92 1.81
CA GLN B 66 -4.25 5.89 2.17
C GLN B 66 -4.97 7.10 1.64
N THR B 67 -4.53 8.24 2.12
CA THR B 67 -5.11 9.54 1.84
C THR B 67 -5.60 9.65 0.42
N ARG B 68 -4.75 9.29 -0.53
CA ARG B 68 -5.12 9.44 -1.94
C ARG B 68 -6.24 8.49 -2.30
N VAL B 69 -6.11 7.25 -1.87
CA VAL B 69 -7.19 6.31 -2.12
C VAL B 69 -8.46 6.86 -1.54
N LEU B 70 -8.48 7.13 -0.24
CA LEU B 70 -9.64 7.60 0.51
C LEU B 70 -10.22 8.82 -0.15
N ALA B 71 -9.33 9.61 -0.74
CA ALA B 71 -9.76 10.74 -1.53
C ALA B 71 -10.64 10.27 -2.65
N ILE B 72 -10.12 9.40 -3.49
CA ILE B 72 -10.99 8.84 -4.51
C ILE B 72 -12.17 8.12 -3.90
N GLU B 73 -11.99 7.53 -2.74
CA GLU B 73 -12.99 6.63 -2.22
C GLU B 73 -14.20 7.43 -1.81
N ARG B 74 -14.01 8.38 -0.91
CA ARG B 74 -15.03 9.36 -0.58
C ARG B 74 -15.50 10.07 -1.82
N TYR B 75 -14.54 10.45 -2.65
CA TYR B 75 -14.74 11.13 -3.89
C TYR B 75 -15.93 10.47 -4.54
N LEU B 76 -15.73 9.24 -4.95
CA LEU B 76 -16.83 8.48 -5.47
C LEU B 76 -17.93 8.41 -4.44
N LYS B 77 -17.61 7.91 -3.27
CA LYS B 77 -18.56 7.41 -2.29
C LYS B 77 -19.80 8.28 -2.25
N ASP B 78 -19.64 9.55 -2.54
CA ASP B 78 -20.87 10.31 -2.71
C ASP B 78 -20.89 10.99 -4.06
N GLN B 79 -19.72 11.37 -4.57
CA GLN B 79 -19.59 11.61 -6.00
C GLN B 79 -20.32 10.49 -6.70
N GLN B 80 -20.20 9.28 -6.16
CA GLN B 80 -21.14 8.24 -6.50
C GLN B 80 -22.55 8.64 -6.14
N LEU B 81 -22.83 8.79 -4.86
CA LEU B 81 -24.24 8.92 -4.58
C LEU B 81 -24.80 10.27 -4.95
N LEU B 82 -24.08 11.05 -5.75
CA LEU B 82 -24.82 12.02 -6.53
C LEU B 82 -25.68 11.23 -7.50
N GLY B 83 -25.51 9.90 -7.51
CA GLY B 83 -26.30 9.01 -8.31
C GLY B 83 -27.79 9.20 -8.12
N ILE B 84 -28.30 8.83 -6.95
CA ILE B 84 -29.70 9.08 -6.65
C ILE B 84 -30.04 10.55 -6.73
N TRP B 85 -29.02 11.41 -6.74
CA TRP B 85 -29.20 12.82 -6.96
C TRP B 85 -29.16 13.20 -8.42
N GLY B 86 -28.98 12.23 -9.30
CA GLY B 86 -29.08 12.44 -10.74
C GLY B 86 -27.92 13.17 -11.37
N CYS B 87 -26.86 13.49 -10.63
CA CYS B 87 -25.67 14.00 -11.29
C CYS B 87 -24.40 13.42 -10.68
N SER B 88 -24.30 12.10 -10.51
CA SER B 88 -23.05 11.52 -10.00
C SER B 88 -21.90 11.74 -10.98
N GLY B 89 -20.68 11.51 -10.50
CA GLY B 89 -19.55 11.60 -11.40
C GLY B 89 -19.10 13.01 -11.67
N LYS B 90 -20.04 13.90 -11.97
CA LYS B 90 -19.77 15.25 -12.45
C LYS B 90 -19.29 16.12 -11.30
N LEU B 91 -19.31 17.44 -11.51
CA LEU B 91 -18.95 18.39 -10.48
C LEU B 91 -20.02 19.45 -10.21
N ILE B 92 -21.07 19.53 -11.01
CA ILE B 92 -22.02 20.64 -10.95
C ILE B 92 -23.44 20.15 -11.20
N CYS B 93 -24.29 20.19 -10.16
CA CYS B 93 -25.68 19.88 -10.43
C CYS B 93 -26.47 21.15 -10.74
N CYS B 94 -27.63 20.96 -11.35
CA CYS B 94 -28.76 21.85 -11.17
C CYS B 94 -29.97 20.97 -10.91
N THR B 95 -30.59 21.17 -9.75
CA THR B 95 -31.69 20.31 -9.35
C THR B 95 -32.97 20.74 -10.04
N ALA B 96 -34.10 20.26 -9.54
CA ALA B 96 -35.39 20.60 -10.14
C ALA B 96 -36.46 20.84 -9.08
N VAL B 97 -36.09 21.46 -7.97
CA VAL B 97 -37.00 21.54 -6.83
C VAL B 97 -37.45 23.00 -6.63
N PRO B 98 -38.62 23.24 -6.04
CA PRO B 98 -39.03 24.61 -5.69
C PRO B 98 -38.40 25.03 -4.37
N TRP B 99 -37.68 26.16 -4.40
CA TRP B 99 -36.98 26.62 -3.22
C TRP B 99 -37.96 27.14 -2.17
N ASN B 100 -37.55 27.03 -0.92
CA ASN B 100 -38.30 27.55 0.21
C ASN B 100 -37.57 28.79 0.69
N SER B 101 -38.12 29.96 0.34
CA SER B 101 -37.56 31.22 0.84
C SER B 101 -37.34 31.18 2.34
N SER B 102 -38.11 30.36 3.04
CA SER B 102 -37.86 30.06 4.44
C SER B 102 -36.47 29.48 4.67
N TRP B 103 -35.78 29.05 3.63
CA TRP B 103 -34.49 28.40 3.85
C TRP B 103 -33.35 29.41 3.86
N SER B 104 -33.23 30.23 2.84
CA SER B 104 -32.20 31.25 2.92
C SER B 104 -32.71 32.64 2.57
N ASN B 105 -33.61 32.76 1.60
CA ASN B 105 -34.17 34.04 1.16
C ASN B 105 -33.06 35.03 0.79
N LYS B 106 -32.26 34.64 -0.19
CA LYS B 106 -31.18 35.46 -0.71
C LYS B 106 -31.09 35.28 -2.21
N SER B 107 -30.51 36.27 -2.88
CA SER B 107 -30.39 36.26 -4.34
C SER B 107 -28.93 36.30 -4.73
N GLN B 108 -28.63 35.73 -5.89
CA GLN B 108 -27.27 35.39 -6.31
C GLN B 108 -26.27 36.50 -6.02
N LYS B 109 -26.71 37.75 -6.08
CA LYS B 109 -25.82 38.88 -5.94
C LYS B 109 -25.04 38.83 -4.63
N GLU B 110 -25.74 39.00 -3.51
CA GLU B 110 -25.07 38.84 -2.23
C GLU B 110 -24.65 37.41 -1.99
N ILE B 111 -25.42 36.44 -2.49
CA ILE B 111 -25.16 35.03 -2.24
C ILE B 111 -23.72 34.69 -2.62
N TRP B 112 -23.38 34.89 -3.89
CA TRP B 112 -22.10 34.41 -4.42
C TRP B 112 -20.96 35.28 -3.95
N ASP B 113 -21.23 36.54 -3.66
CA ASP B 113 -20.20 37.48 -3.27
C ASP B 113 -20.01 37.56 -1.76
N ASN B 114 -20.84 36.88 -0.98
CA ASN B 114 -20.78 37.02 0.45
C ASN B 114 -21.07 35.68 1.11
N MET B 115 -20.93 35.66 2.43
CA MET B 115 -20.98 34.44 3.19
C MET B 115 -20.03 33.41 2.57
N THR B 116 -18.74 33.72 2.68
CA THR B 116 -17.68 32.84 2.22
C THR B 116 -17.97 31.43 2.70
N TRP B 117 -18.37 30.55 1.78
CA TRP B 117 -19.34 29.49 2.04
C TRP B 117 -19.33 28.95 3.48
N MET B 118 -18.12 28.72 4.02
CA MET B 118 -18.02 28.07 5.32
C MET B 118 -18.98 28.71 6.30
N GLN B 119 -19.12 30.01 6.22
CA GLN B 119 -20.14 30.79 6.92
C GLN B 119 -21.39 30.96 6.09
N TRP B 120 -21.51 30.25 4.98
CA TRP B 120 -22.77 30.29 4.24
C TRP B 120 -23.70 29.18 4.70
N ASP B 121 -23.21 27.95 4.70
CA ASP B 121 -24.13 26.84 4.86
C ASP B 121 -24.62 26.72 6.29
N LYS B 122 -23.82 27.21 7.25
CA LYS B 122 -24.30 27.27 8.62
C LYS B 122 -25.61 28.02 8.72
N GLU B 123 -25.81 29.01 7.86
CA GLU B 123 -27.11 29.66 7.79
C GLU B 123 -28.22 28.67 7.49
N ILE B 124 -27.91 27.54 6.87
CA ILE B 124 -28.93 26.55 6.56
C ILE B 124 -28.51 25.19 7.09
N SER B 125 -27.82 25.18 8.23
CA SER B 125 -27.30 23.94 8.81
C SER B 125 -28.35 22.89 9.07
N ASN B 126 -29.64 23.23 8.91
CA ASN B 126 -30.72 22.30 9.21
C ASN B 126 -31.34 21.70 7.96
N TYR B 127 -31.55 22.47 6.90
CA TYR B 127 -32.12 21.90 5.69
C TYR B 127 -31.19 20.90 5.01
N THR B 128 -30.04 20.64 5.63
CA THR B 128 -29.03 19.73 5.09
C THR B 128 -29.64 18.46 4.50
N ASN B 129 -30.63 17.89 5.18
CA ASN B 129 -31.23 16.67 4.70
C ASN B 129 -32.60 16.88 4.07
N THR B 130 -33.28 18.00 4.37
CA THR B 130 -34.51 18.32 3.68
C THR B 130 -34.26 18.47 2.19
N ILE B 131 -33.11 19.03 1.82
CA ILE B 131 -32.84 19.18 0.40
C ILE B 131 -32.61 17.83 -0.25
N TYR B 132 -31.86 16.93 0.41
CA TYR B 132 -31.67 15.58 -0.13
C TYR B 132 -33.00 14.87 -0.30
N LYS B 133 -33.86 14.97 0.73
CA LYS B 133 -35.28 14.66 0.67
C LYS B 133 -35.92 15.09 -0.64
N LEU B 134 -36.07 16.40 -0.82
CA LEU B 134 -36.78 16.90 -2.00
C LEU B 134 -36.10 16.49 -3.30
N LEU B 135 -34.78 16.35 -3.29
CA LEU B 135 -34.04 16.08 -4.52
C LEU B 135 -34.24 14.64 -4.98
N GLU B 136 -33.95 13.66 -4.12
CA GLU B 136 -34.26 12.29 -4.47
C GLU B 136 -35.75 12.13 -4.74
N ASP B 137 -36.57 12.97 -4.10
CA ASP B 137 -38.01 12.93 -4.31
C ASP B 137 -38.35 13.31 -5.75
N SER B 138 -37.74 14.37 -6.26
CA SER B 138 -37.97 14.77 -7.64
C SER B 138 -37.34 13.78 -8.62
N GLN B 139 -36.27 13.09 -8.22
CA GLN B 139 -35.76 12.00 -9.05
C GLN B 139 -36.81 10.92 -9.24
N ASN B 140 -37.45 10.52 -8.14
CA ASN B 140 -38.52 9.54 -8.23
C ASN B 140 -39.73 10.12 -8.98
N GLN B 141 -39.95 11.43 -8.84
CA GLN B 141 -40.93 12.15 -9.65
C GLN B 141 -40.68 11.97 -11.14
N GLN B 142 -39.42 12.10 -11.55
CA GLN B 142 -39.09 11.88 -12.95
C GLN B 142 -39.38 10.44 -13.36
N GLU B 143 -39.01 9.49 -12.51
CA GLU B 143 -39.30 8.09 -12.84
C GLU B 143 -40.79 7.87 -13.05
N SER B 144 -41.61 8.48 -12.17
CA SER B 144 -43.06 8.39 -12.27
C SER B 144 -43.57 9.00 -13.57
N ASN B 145 -43.06 10.18 -13.95
CA ASN B 145 -43.51 10.79 -15.20
C ASN B 145 -43.03 10.02 -16.43
N GLU B 146 -41.82 9.46 -16.37
CA GLU B 146 -41.37 8.61 -17.46
C GLU B 146 -42.35 7.47 -17.70
N LYS B 147 -42.77 6.79 -16.63
CA LYS B 147 -43.80 5.76 -16.86
C LYS B 147 -45.15 6.32 -17.30
N ASP B 148 -45.60 7.43 -16.73
CA ASP B 148 -46.86 8.01 -17.19
C ASP B 148 -46.79 8.23 -18.70
N LEU B 149 -45.68 8.80 -19.17
CA LEU B 149 -45.50 9.13 -20.58
C LEU B 149 -45.38 7.88 -21.43
N LEU B 150 -44.85 6.80 -20.87
CA LEU B 150 -44.67 5.57 -21.61
C LEU B 150 -45.89 4.65 -21.56
N ALA B 151 -46.91 5.01 -20.78
CA ALA B 151 -48.08 4.14 -20.63
C ALA B 151 -48.86 3.95 -21.93
N LEU B 152 -48.61 4.76 -22.96
CA LEU B 152 -49.28 4.66 -24.24
C LEU B 152 -48.34 4.20 -25.36
N ASP B 153 -47.17 4.82 -25.46
CA ASP B 153 -46.17 4.41 -26.44
C ASP B 153 -44.75 4.55 -25.88
N LYS C 26 -33.94 24.42 53.87
CA LYS C 26 -32.92 23.98 52.91
C LYS C 26 -31.94 23.06 53.62
N LYS C 27 -31.16 22.28 52.86
CA LYS C 27 -30.31 21.24 53.44
C LYS C 27 -29.23 21.88 54.30
N VAL C 28 -29.38 21.72 55.62
CA VAL C 28 -28.43 22.24 56.58
C VAL C 28 -27.46 21.13 56.96
N VAL C 29 -26.36 21.51 57.60
CA VAL C 29 -25.61 20.58 58.44
C VAL C 29 -25.37 21.29 59.77
N LEU C 30 -24.88 20.52 60.74
CA LEU C 30 -24.61 21.07 62.06
C LEU C 30 -23.35 20.43 62.62
N GLY C 31 -22.74 21.14 63.57
CA GLY C 31 -21.49 20.68 64.13
C GLY C 31 -21.51 20.88 65.63
N LYS C 32 -20.37 20.70 66.28
CA LYS C 32 -20.35 20.69 67.73
C LYS C 32 -19.17 21.45 68.33
N LYS C 33 -18.55 22.35 67.59
CA LYS C 33 -17.38 23.09 68.07
C LYS C 33 -16.32 22.15 68.63
N GLY C 34 -15.77 21.35 67.73
CA GLY C 34 -14.79 20.37 68.11
C GLY C 34 -14.85 19.15 67.22
N ASP C 35 -15.98 19.00 66.52
CA ASP C 35 -16.16 17.90 65.60
C ASP C 35 -15.67 18.28 64.20
N THR C 36 -15.93 17.40 63.26
CA THR C 36 -15.82 17.65 61.84
C THR C 36 -17.24 17.80 61.29
N VAL C 37 -17.41 17.80 59.97
CA VAL C 37 -18.73 17.68 59.36
C VAL C 37 -18.53 17.25 57.91
N GLU C 38 -19.60 16.84 57.24
CA GLU C 38 -19.54 16.44 55.84
C GLU C 38 -20.48 17.30 55.00
N LEU C 39 -20.04 17.63 53.79
CA LEU C 39 -20.83 18.43 52.87
C LEU C 39 -20.75 17.81 51.48
N THR C 40 -21.88 17.75 50.78
CA THR C 40 -22.02 16.88 49.62
C THR C 40 -22.06 17.64 48.30
N CYS C 41 -21.48 17.04 47.27
CA CYS C 41 -21.53 17.55 45.90
C CYS C 41 -21.84 16.42 44.95
N THR C 42 -22.87 16.59 44.13
CA THR C 42 -23.32 15.58 43.19
C THR C 42 -22.81 15.86 41.79
N ALA C 43 -22.71 14.79 40.99
CA ALA C 43 -22.29 14.90 39.61
C ALA C 43 -22.82 13.70 38.82
N SER C 44 -23.41 13.98 37.67
CA SER C 44 -24.08 12.93 36.90
C SER C 44 -23.13 12.17 35.99
N GLN C 45 -22.12 12.84 35.41
CA GLN C 45 -21.15 12.11 34.62
C GLN C 45 -20.34 11.12 35.43
N LYS C 46 -20.28 11.28 36.75
CA LYS C 46 -19.67 10.30 37.64
C LYS C 46 -18.19 10.13 37.31
N LYS C 47 -17.54 11.25 37.01
CA LYS C 47 -16.36 11.22 36.15
C LYS C 47 -15.19 12.04 36.68
N SER C 48 -15.32 12.69 37.83
CA SER C 48 -14.34 13.66 38.33
C SER C 48 -14.19 14.84 37.36
N ILE C 49 -15.27 15.61 37.28
CA ILE C 49 -15.26 16.85 36.52
C ILE C 49 -15.13 18.04 37.48
N GLN C 50 -14.98 19.23 36.93
CA GLN C 50 -14.48 20.36 37.71
C GLN C 50 -15.50 20.83 38.73
N PHE C 51 -15.21 20.66 40.02
CA PHE C 51 -16.04 21.25 41.07
C PHE C 51 -15.21 22.24 41.87
N HIS C 52 -15.87 23.25 42.43
CA HIS C 52 -15.22 24.16 43.35
C HIS C 52 -16.13 24.43 44.54
N TRP C 53 -15.55 24.47 45.74
CA TRP C 53 -16.28 24.76 46.96
C TRP C 53 -16.04 26.21 47.34
N LYS C 54 -17.10 27.00 47.44
CA LYS C 54 -16.96 28.44 47.59
C LYS C 54 -18.09 28.96 48.48
N ASN C 55 -17.74 29.79 49.46
CA ASN C 55 -18.73 30.24 50.43
C ASN C 55 -19.65 31.30 49.87
N SER C 56 -20.37 31.99 50.74
CA SER C 56 -21.52 32.80 50.36
C SER C 56 -21.19 33.76 49.24
N ASN C 57 -20.29 34.70 49.51
CA ASN C 57 -19.84 35.69 48.53
C ASN C 57 -18.64 35.20 47.71
N GLN C 58 -18.51 33.89 47.55
CA GLN C 58 -17.71 33.26 46.52
C GLN C 58 -16.22 33.53 46.65
N ILE C 59 -15.65 33.28 47.82
CA ILE C 59 -14.22 33.09 47.91
C ILE C 59 -14.02 31.66 47.42
N LYS C 60 -12.82 31.30 47.01
CA LYS C 60 -12.54 29.90 46.65
C LYS C 60 -12.10 29.15 47.90
N ILE C 61 -12.68 27.98 48.14
CA ILE C 61 -12.34 27.23 49.35
C ILE C 61 -11.75 25.88 48.99
N LEU C 62 -12.49 25.05 48.27
CA LEU C 62 -11.98 23.77 47.77
C LEU C 62 -12.41 23.58 46.33
N GLY C 63 -11.47 23.24 45.47
CA GLY C 63 -11.82 23.09 44.07
C GLY C 63 -11.11 22.00 43.31
N ASN C 64 -11.89 21.16 42.63
CA ASN C 64 -11.33 20.24 41.66
C ASN C 64 -10.80 21.05 40.49
N GLN C 65 -9.50 21.05 40.29
CA GLN C 65 -8.96 21.56 39.06
C GLN C 65 -8.48 20.35 38.28
N GLY C 66 -9.37 19.78 37.48
CA GLY C 66 -9.02 18.55 36.80
C GLY C 66 -8.85 17.41 37.78
N SER C 67 -7.60 17.05 38.07
CA SER C 67 -7.30 15.96 38.99
C SER C 67 -6.61 16.46 40.26
N PHE C 68 -7.01 17.64 40.74
CA PHE C 68 -6.29 18.40 41.75
C PHE C 68 -7.26 19.24 42.58
N LEU C 69 -6.79 19.65 43.76
CA LEU C 69 -7.62 20.34 44.74
C LEU C 69 -6.98 21.68 45.09
N THR C 70 -7.64 22.78 44.70
CA THR C 70 -7.12 24.13 44.91
C THR C 70 -7.55 24.61 46.28
N LYS C 71 -6.68 24.45 47.27
CA LYS C 71 -7.03 24.93 48.61
C LYS C 71 -7.18 26.43 48.52
N GLY C 72 -8.42 26.90 48.51
CA GLY C 72 -8.71 28.28 48.20
C GLY C 72 -8.12 29.24 49.21
N PRO C 73 -8.20 30.51 48.91
CA PRO C 73 -7.68 31.56 49.79
C PRO C 73 -8.72 32.06 50.79
N SER C 74 -9.00 31.29 51.83
CA SER C 74 -10.05 31.68 52.76
C SER C 74 -9.57 31.57 54.19
N LYS C 75 -10.53 31.77 55.09
CA LYS C 75 -10.44 31.36 56.48
C LYS C 75 -10.04 29.90 56.59
N LEU C 76 -10.35 29.10 55.56
CA LEU C 76 -10.12 27.66 55.56
C LEU C 76 -8.93 27.27 54.68
N ASN C 77 -7.88 28.07 54.69
CA ASN C 77 -6.62 27.63 54.11
C ASN C 77 -5.91 26.64 55.02
N ASP C 78 -6.39 26.49 56.26
CA ASP C 78 -5.76 25.57 57.19
C ASP C 78 -6.57 24.33 57.53
N ARG C 79 -7.87 24.30 57.23
CA ARG C 79 -8.70 23.21 57.71
C ARG C 79 -9.28 22.33 56.61
N ALA C 80 -10.08 22.91 55.70
CA ALA C 80 -11.03 22.11 54.93
C ALA C 80 -10.32 21.03 54.13
N ASP C 81 -11.11 20.05 53.70
CA ASP C 81 -10.59 18.89 52.97
C ASP C 81 -11.76 18.17 52.31
N SER C 82 -11.46 16.98 51.81
CA SER C 82 -12.42 16.19 51.06
C SER C 82 -11.87 14.79 50.93
N ARG C 83 -12.76 13.81 50.94
CA ARG C 83 -12.34 12.48 50.54
C ARG C 83 -11.95 12.58 49.07
N ARG C 84 -10.70 12.21 48.75
CA ARG C 84 -10.19 12.47 47.41
C ARG C 84 -10.55 11.39 46.42
N SER C 85 -10.58 10.14 46.87
CA SER C 85 -10.83 9.02 45.97
C SER C 85 -12.18 9.18 45.27
N LEU C 86 -13.18 9.65 46.01
CA LEU C 86 -14.57 9.61 45.57
C LEU C 86 -14.82 10.35 44.27
N TRP C 87 -13.89 11.18 43.82
CA TRP C 87 -14.19 12.08 42.72
C TRP C 87 -14.47 11.31 41.44
N ASP C 88 -13.65 10.30 41.16
CA ASP C 88 -13.79 9.44 39.99
C ASP C 88 -15.11 8.68 40.03
N GLN C 89 -15.93 8.98 41.04
CA GLN C 89 -17.31 8.53 41.15
C GLN C 89 -18.30 9.66 40.91
N GLY C 90 -17.84 10.90 40.88
CA GLY C 90 -18.78 11.99 40.74
C GLY C 90 -19.44 12.42 42.03
N ASN C 91 -18.93 11.99 43.17
CA ASN C 91 -19.41 12.47 44.44
C ASN C 91 -18.26 13.19 45.11
N PHE C 92 -18.37 14.51 45.23
CA PHE C 92 -17.30 15.34 45.75
C PHE C 92 -17.67 15.86 47.12
N PRO C 93 -16.97 15.46 48.14
CA PRO C 93 -17.31 15.91 49.50
C PRO C 93 -16.51 17.15 49.94
N LEU C 94 -16.80 17.64 51.15
CA LEU C 94 -16.07 18.76 51.74
C LEU C 94 -16.27 18.76 53.24
N ILE C 95 -15.18 18.68 53.99
CA ILE C 95 -15.24 18.61 55.44
C ILE C 95 -14.62 19.88 56.01
N ILE C 96 -15.00 20.21 57.26
CA ILE C 96 -14.53 21.41 57.93
C ILE C 96 -14.02 20.97 59.30
N LYS C 97 -12.76 20.58 59.39
CA LYS C 97 -12.34 19.92 60.62
C LYS C 97 -12.09 20.92 61.74
N ASN C 98 -12.40 20.51 62.95
CA ASN C 98 -12.31 21.35 64.15
C ASN C 98 -13.12 22.62 64.01
N LEU C 99 -14.41 22.46 63.74
CA LEU C 99 -15.29 23.59 63.51
C LEU C 99 -15.25 24.57 64.68
N LYS C 100 -15.00 25.83 64.37
CA LYS C 100 -15.32 26.93 65.26
C LYS C 100 -16.38 27.79 64.62
N ILE C 101 -17.15 28.45 65.49
CA ILE C 101 -18.42 29.07 65.12
C ILE C 101 -18.30 29.94 63.88
N GLU C 102 -17.07 30.33 63.51
CA GLU C 102 -16.90 31.15 62.32
C GLU C 102 -16.89 30.32 61.05
N ASP C 103 -16.61 29.04 61.14
CA ASP C 103 -16.74 28.29 59.89
C ASP C 103 -18.16 28.08 59.52
N SER C 104 -19.06 28.72 60.28
CA SER C 104 -20.48 28.60 60.06
C SER C 104 -20.90 29.55 58.97
N ASP C 105 -21.23 29.00 57.80
CA ASP C 105 -21.57 29.82 56.65
C ASP C 105 -22.10 28.94 55.53
N THR C 106 -22.94 29.48 54.66
CA THR C 106 -23.34 28.71 53.50
C THR C 106 -22.12 28.40 52.66
N TYR C 107 -22.19 27.29 51.92
CA TYR C 107 -21.13 26.98 50.97
C TYR C 107 -21.76 26.83 49.60
N ILE C 108 -21.02 26.32 48.61
CA ILE C 108 -21.60 26.11 47.29
C ILE C 108 -20.73 25.14 46.50
N CYS C 109 -21.35 24.29 45.70
CA CYS C 109 -20.63 23.40 44.79
C CYS C 109 -21.25 23.48 43.40
N GLU C 110 -20.39 23.75 42.42
CA GLU C 110 -20.75 24.19 41.08
C GLU C 110 -20.18 23.24 40.05
N VAL C 111 -20.48 21.95 40.25
CA VAL C 111 -19.79 20.88 39.52
C VAL C 111 -19.84 21.14 38.02
N GLU C 112 -21.03 21.16 37.41
CA GLU C 112 -21.07 21.45 35.98
C GLU C 112 -21.93 22.65 35.64
N ASP C 113 -23.22 22.65 36.00
CA ASP C 113 -24.08 23.76 35.63
C ASP C 113 -25.00 24.15 36.78
N GLN C 114 -24.83 23.57 37.95
CA GLN C 114 -25.61 23.93 39.12
C GLN C 114 -24.71 24.02 40.33
N LYS C 115 -25.17 24.74 41.36
CA LYS C 115 -24.33 25.33 42.41
C LYS C 115 -24.80 24.90 43.79
N GLU C 116 -24.89 23.57 44.02
CA GLU C 116 -25.41 23.05 45.28
C GLU C 116 -24.78 23.75 46.49
N GLU C 117 -25.65 24.17 47.40
CA GLU C 117 -25.33 24.99 48.57
C GLU C 117 -25.59 24.15 49.81
N VAL C 118 -24.53 23.86 50.58
CA VAL C 118 -24.78 23.32 51.91
C VAL C 118 -24.97 24.55 52.79
N GLN C 119 -25.41 24.36 54.03
CA GLN C 119 -25.39 25.48 54.96
C GLN C 119 -25.02 24.95 56.32
N LEU C 120 -23.92 25.43 56.85
CA LEU C 120 -23.35 24.89 58.07
C LEU C 120 -23.46 25.96 59.14
N LEU C 121 -24.14 25.63 60.25
CA LEU C 121 -24.40 26.52 61.37
C LEU C 121 -23.88 25.82 62.61
N VAL C 122 -22.60 25.88 62.80
CA VAL C 122 -21.97 25.07 63.83
C VAL C 122 -21.88 25.87 65.11
N PHE C 123 -22.12 25.21 66.25
CA PHE C 123 -21.91 25.84 67.54
C PHE C 123 -21.25 24.85 68.47
N GLY C 124 -21.27 25.18 69.76
CA GLY C 124 -20.75 24.42 70.88
C GLY C 124 -21.38 24.98 72.14
N LEU C 125 -21.01 24.41 73.28
CA LEU C 125 -21.66 24.76 74.53
C LEU C 125 -20.77 24.36 75.69
N THR C 126 -21.00 25.01 76.83
CA THR C 126 -20.35 24.61 78.07
C THR C 126 -21.19 25.08 79.25
N ALA C 127 -20.76 24.67 80.44
CA ALA C 127 -21.37 25.10 81.70
C ALA C 127 -20.43 26.05 82.42
N ASN C 128 -20.96 26.71 83.44
CA ASN C 128 -20.14 27.66 84.17
C ASN C 128 -19.14 26.96 85.06
N SER C 129 -19.60 26.01 85.87
CA SER C 129 -18.75 25.35 86.83
C SER C 129 -17.63 24.59 86.12
N ASP C 130 -16.42 24.72 86.64
CA ASP C 130 -15.20 24.21 86.04
C ASP C 130 -14.67 22.95 86.74
N THR C 131 -14.44 23.01 88.05
CA THR C 131 -13.98 21.82 88.77
C THR C 131 -14.64 21.60 90.12
N HIS C 132 -15.37 22.55 90.67
CA HIS C 132 -15.76 22.51 92.07
C HIS C 132 -17.24 22.82 92.19
N LEU C 133 -18.01 21.90 92.78
CA LEU C 133 -19.41 22.16 93.04
C LEU C 133 -19.80 21.54 94.39
N LEU C 134 -20.93 22.00 94.91
CA LEU C 134 -21.44 21.54 96.19
C LEU C 134 -22.94 21.31 96.08
N GLN C 135 -23.47 20.60 97.07
CA GLN C 135 -24.83 20.09 97.00
C GLN C 135 -25.81 21.15 97.49
N GLY C 136 -26.82 21.44 96.66
CA GLY C 136 -27.72 22.56 96.91
C GLY C 136 -27.34 23.84 96.20
N GLN C 137 -26.19 23.86 95.51
CA GLN C 137 -25.71 25.03 94.77
C GLN C 137 -26.38 25.12 93.41
N SER C 138 -25.81 25.92 92.50
CA SER C 138 -26.39 26.11 91.18
C SER C 138 -25.33 26.09 90.10
N LEU C 139 -25.78 25.84 88.87
CA LEU C 139 -24.93 25.85 87.69
C LEU C 139 -25.73 26.40 86.51
N THR C 140 -25.04 27.00 85.55
CA THR C 140 -25.70 27.57 84.38
C THR C 140 -25.01 27.11 83.10
N LEU C 141 -25.57 27.55 81.97
CA LEU C 141 -25.20 27.04 80.67
C LEU C 141 -24.88 28.20 79.73
N THR C 142 -24.11 27.89 78.68
CA THR C 142 -23.78 28.87 77.67
C THR C 142 -23.61 28.15 76.34
N LEU C 143 -24.40 28.53 75.35
CA LEU C 143 -24.37 27.93 74.02
C LEU C 143 -23.91 28.98 73.00
N GLU C 144 -22.78 28.70 72.35
CA GLU C 144 -22.05 29.71 71.58
C GLU C 144 -22.54 29.70 70.13
N SER C 145 -23.79 30.13 69.94
CA SER C 145 -24.38 30.02 68.61
C SER C 145 -23.72 30.99 67.64
N PRO C 146 -23.76 30.68 66.35
CA PRO C 146 -23.32 31.65 65.34
C PRO C 146 -24.48 32.54 64.93
N PRO C 147 -24.19 33.74 64.44
CA PRO C 147 -25.25 34.75 64.24
C PRO C 147 -26.35 34.28 63.31
N GLY C 148 -27.57 34.73 63.59
CA GLY C 148 -28.71 34.41 62.76
C GLY C 148 -29.43 33.14 63.14
N SER C 149 -29.23 32.63 64.35
CA SER C 149 -29.79 31.36 64.76
C SER C 149 -30.86 31.57 65.82
N SER C 150 -31.98 30.86 65.68
CA SER C 150 -33.05 30.85 66.67
C SER C 150 -33.28 29.42 67.17
N PRO C 151 -32.33 28.87 67.93
CA PRO C 151 -32.45 27.49 68.40
C PRO C 151 -33.28 27.42 69.67
N SER C 152 -33.40 26.19 70.19
CA SER C 152 -34.08 25.95 71.46
C SER C 152 -33.34 24.84 72.18
N VAL C 153 -32.94 25.07 73.43
CA VAL C 153 -32.08 24.15 74.15
C VAL C 153 -32.98 23.25 75.01
N GLN C 154 -33.09 21.99 74.61
CA GLN C 154 -33.78 20.97 75.41
C GLN C 154 -32.69 20.14 76.06
N CYS C 155 -32.61 20.17 77.38
CA CYS C 155 -31.45 19.67 78.09
C CYS C 155 -31.87 18.62 79.10
N ARG C 156 -31.00 17.64 79.32
CA ARG C 156 -31.34 16.53 80.21
C ARG C 156 -30.34 16.40 81.35
N SER C 157 -30.62 15.42 82.22
CA SER C 157 -29.96 15.18 83.48
C SER C 157 -29.98 13.69 83.77
N PRO C 158 -29.05 13.20 84.59
CA PRO C 158 -29.20 11.83 85.10
C PRO C 158 -30.44 11.64 85.93
N ARG C 159 -31.00 12.70 86.51
CA ARG C 159 -32.19 12.60 87.33
C ARG C 159 -33.46 12.93 86.57
N GLY C 160 -33.38 13.17 85.27
CA GLY C 160 -34.56 13.51 84.50
C GLY C 160 -34.97 14.95 84.63
N LYS C 161 -34.01 15.87 84.76
CA LYS C 161 -34.30 17.29 84.87
C LYS C 161 -34.38 17.87 83.47
N ASN C 162 -35.57 17.80 82.87
CA ASN C 162 -35.79 18.33 81.54
C ASN C 162 -35.84 19.85 81.62
N ILE C 163 -34.66 20.46 81.54
CA ILE C 163 -34.58 21.91 81.64
C ILE C 163 -35.10 22.50 80.34
N GLN C 164 -36.35 22.97 80.39
CA GLN C 164 -37.11 23.40 79.22
C GLN C 164 -36.99 24.92 79.10
N GLY C 165 -36.27 25.37 78.08
CA GLY C 165 -36.14 26.79 77.84
C GLY C 165 -35.20 27.08 76.70
N GLY C 166 -34.79 28.34 76.61
CA GLY C 166 -33.90 28.80 75.56
C GLY C 166 -32.44 28.58 75.86
N LYS C 167 -31.64 29.63 75.64
CA LYS C 167 -30.19 29.57 75.85
C LYS C 167 -29.82 29.22 77.27
N THR C 168 -30.01 30.18 78.16
CA THR C 168 -29.41 30.16 79.49
C THR C 168 -30.24 29.27 80.38
N LEU C 169 -29.84 28.01 80.49
CA LEU C 169 -30.54 27.03 81.30
C LEU C 169 -29.89 26.96 82.67
N SER C 170 -30.70 27.09 83.71
CA SER C 170 -30.21 27.10 85.08
C SER C 170 -31.22 26.38 85.96
N VAL C 171 -30.73 25.91 87.10
CA VAL C 171 -31.56 25.26 88.10
C VAL C 171 -31.02 25.65 89.47
N SER C 172 -31.92 25.99 90.39
CA SER C 172 -31.54 26.36 91.74
C SER C 172 -31.23 25.18 92.64
N GLN C 173 -31.33 23.95 92.14
CA GLN C 173 -31.08 22.76 92.95
C GLN C 173 -30.02 21.93 92.26
N LEU C 174 -28.87 21.78 92.93
CA LEU C 174 -27.78 20.92 92.43
C LEU C 174 -27.31 20.04 93.57
N GLU C 175 -27.41 18.73 93.40
CA GLU C 175 -27.30 17.78 94.49
C GLU C 175 -26.29 16.70 94.15
N LEU C 176 -25.95 15.88 95.14
CA LEU C 176 -25.07 14.75 94.88
C LEU C 176 -25.70 13.76 93.91
N GLN C 177 -27.04 13.68 93.90
CA GLN C 177 -27.72 12.79 92.97
C GLN C 177 -27.64 13.31 91.54
N ASP C 178 -27.34 14.59 91.34
CA ASP C 178 -27.17 15.15 90.01
C ASP C 178 -25.85 14.75 89.37
N SER C 179 -25.03 13.96 90.05
CA SER C 179 -23.75 13.55 89.50
C SER C 179 -23.95 12.84 88.16
N GLY C 180 -22.88 12.77 87.39
CA GLY C 180 -23.01 12.25 86.04
C GLY C 180 -23.36 13.33 85.04
N THR C 181 -22.86 13.15 83.81
CA THR C 181 -23.01 14.18 82.81
C THR C 181 -24.47 14.33 82.38
N TRP C 182 -24.74 15.43 81.68
CA TRP C 182 -26.10 15.81 81.32
C TRP C 182 -26.22 15.91 79.81
N THR C 183 -27.13 15.13 79.25
CA THR C 183 -27.33 15.06 77.80
C THR C 183 -28.08 16.30 77.37
N CYS C 184 -27.33 17.32 76.98
CA CYS C 184 -27.92 18.59 76.59
C CYS C 184 -28.06 18.64 75.06
N THR C 185 -29.07 19.34 74.58
CA THR C 185 -29.31 19.38 73.14
C THR C 185 -29.88 20.72 72.72
N VAL C 186 -29.68 21.05 71.44
CA VAL C 186 -30.05 22.36 70.90
C VAL C 186 -30.59 22.21 69.49
N LEU C 187 -31.81 22.72 69.27
CA LEU C 187 -32.48 22.66 67.97
C LEU C 187 -32.25 23.96 67.23
N GLN C 188 -31.49 23.90 66.14
CA GLN C 188 -31.23 25.03 65.26
C GLN C 188 -31.77 24.64 63.88
N ASN C 189 -33.02 25.00 63.62
CA ASN C 189 -33.63 24.84 62.30
C ASN C 189 -33.59 23.38 61.84
N GLN C 190 -34.35 22.55 62.56
CA GLN C 190 -34.80 21.19 62.21
C GLN C 190 -33.86 20.09 62.68
N LYS C 191 -32.73 20.41 63.30
CA LYS C 191 -31.81 19.40 63.80
C LYS C 191 -31.35 19.77 65.20
N LYS C 192 -30.75 18.79 65.87
CA LYS C 192 -30.00 19.01 67.09
C LYS C 192 -28.73 18.15 67.06
N VAL C 193 -27.94 18.27 68.13
CA VAL C 193 -26.78 17.42 68.37
C VAL C 193 -26.56 17.34 69.87
N GLU C 194 -26.17 16.16 70.34
CA GLU C 194 -26.18 15.81 71.76
C GLU C 194 -25.08 16.61 72.49
N PHE C 195 -25.10 16.59 73.82
CA PHE C 195 -24.05 17.29 74.54
C PHE C 195 -23.80 16.67 75.92
N LYS C 196 -22.53 16.56 76.27
CA LYS C 196 -22.13 16.51 77.68
C LYS C 196 -22.44 17.78 78.44
N ILE C 197 -22.91 17.59 79.68
CA ILE C 197 -22.68 18.54 80.76
C ILE C 197 -22.18 17.69 81.93
N ASP C 198 -20.86 17.56 82.03
CA ASP C 198 -20.24 16.66 83.00
C ASP C 198 -20.46 17.17 84.42
N ILE C 199 -20.82 16.26 85.33
CA ILE C 199 -21.04 16.60 86.73
C ILE C 199 -20.16 15.69 87.58
N VAL C 200 -19.25 16.28 88.33
CA VAL C 200 -18.35 15.55 89.22
C VAL C 200 -18.26 16.28 90.55
N VAL C 201 -18.24 15.53 91.64
CA VAL C 201 -18.19 16.10 92.98
C VAL C 201 -16.89 15.65 93.65
N LEU C 202 -16.42 16.49 94.58
CA LEU C 202 -15.21 16.20 95.31
C LEU C 202 -13.95 16.72 94.64
N GLY D 38 -25.28 18.52 -47.90
CA GLY D 38 -25.96 19.61 -47.22
C GLY D 38 -25.01 20.48 -46.41
N ASN D 39 -25.02 20.29 -45.10
CA ASN D 39 -24.17 21.01 -44.17
C ASN D 39 -23.32 20.03 -43.38
N LEU D 40 -22.40 20.59 -42.57
CA LEU D 40 -21.50 19.79 -41.76
C LEU D 40 -21.50 20.29 -40.32
N TRP D 41 -21.46 19.35 -39.39
CA TRP D 41 -21.57 19.61 -37.97
C TRP D 41 -20.52 18.75 -37.26
N VAL D 42 -20.42 18.84 -35.94
CA VAL D 42 -19.28 18.24 -35.27
C VAL D 42 -19.72 17.09 -34.38
N THR D 43 -18.79 16.16 -34.19
CA THR D 43 -18.79 15.23 -33.09
C THR D 43 -17.44 15.31 -32.42
N VAL D 44 -17.42 14.94 -31.14
CA VAL D 44 -16.20 14.73 -30.38
C VAL D 44 -16.46 13.53 -29.50
N TYR D 45 -15.42 12.76 -29.23
CA TYR D 45 -15.63 11.60 -28.38
C TYR D 45 -14.33 11.19 -27.73
N TYR D 46 -14.44 10.20 -26.87
CA TYR D 46 -13.40 9.86 -25.94
C TYR D 46 -12.50 8.79 -26.53
N GLY D 47 -11.33 8.64 -25.93
CA GLY D 47 -10.58 7.39 -25.97
C GLY D 47 -10.12 6.89 -27.32
N VAL D 48 -9.78 7.79 -28.24
CA VAL D 48 -9.63 7.37 -29.62
C VAL D 48 -8.18 7.51 -30.08
N PRO D 49 -7.32 6.50 -29.86
CA PRO D 49 -5.89 6.76 -29.65
C PRO D 49 -5.26 7.77 -30.57
N VAL D 50 -4.92 8.92 -30.00
CA VAL D 50 -4.39 10.11 -30.66
C VAL D 50 -3.30 10.59 -29.73
N TRP D 51 -2.05 10.41 -30.12
CA TRP D 51 -1.00 10.55 -29.12
C TRP D 51 -0.03 11.63 -29.55
N LYS D 52 -0.42 12.88 -29.36
CA LYS D 52 0.41 14.00 -29.75
C LYS D 52 1.60 14.08 -28.80
N GLU D 53 2.38 15.14 -28.91
CA GLU D 53 3.69 15.09 -28.29
C GLU D 53 3.68 15.57 -26.85
N ALA D 54 4.53 14.92 -26.07
CA ALA D 54 5.06 15.42 -24.81
C ALA D 54 6.22 14.51 -24.46
N THR D 55 7.07 14.93 -23.53
CA THR D 55 8.27 14.16 -23.28
C THR D 55 8.58 14.04 -21.80
N THR D 56 7.54 13.92 -20.99
CA THR D 56 7.63 14.11 -19.56
C THR D 56 8.37 12.98 -18.88
N THR D 57 8.24 12.93 -17.56
CA THR D 57 8.89 11.91 -16.77
C THR D 57 8.35 10.53 -17.13
N LEU D 58 9.25 9.57 -17.12
CA LEU D 58 8.93 8.18 -17.32
C LEU D 58 9.60 7.41 -16.19
N PHE D 59 9.02 6.28 -15.83
CA PHE D 59 9.59 5.50 -14.75
C PHE D 59 10.27 4.27 -15.30
N CYS D 60 11.24 3.77 -14.55
CA CYS D 60 11.99 2.67 -15.08
C CYS D 60 11.27 1.36 -14.83
N ALA D 61 11.70 0.35 -15.57
CA ALA D 61 11.45 -1.05 -15.25
C ALA D 61 12.82 -1.72 -15.28
N SER D 62 13.27 -2.20 -14.12
CA SER D 62 14.68 -2.56 -13.95
C SER D 62 14.81 -3.63 -12.88
N ASP D 63 14.99 -4.88 -13.30
CA ASP D 63 15.03 -6.01 -12.36
C ASP D 63 16.41 -6.12 -11.72
N ALA D 64 16.59 -5.42 -10.60
CA ALA D 64 17.81 -5.61 -9.84
C ALA D 64 17.71 -6.87 -8.99
N LYS D 65 18.82 -7.21 -8.34
CA LYS D 65 18.84 -8.33 -7.42
C LYS D 65 18.58 -7.93 -5.98
N ALA D 66 18.85 -6.67 -5.64
CA ALA D 66 18.65 -6.13 -4.30
C ALA D 66 19.54 -6.81 -3.26
N TYR D 67 20.41 -7.72 -3.71
CA TYR D 67 21.37 -8.42 -2.86
C TYR D 67 22.80 -8.17 -3.27
N ASP D 68 23.10 -8.17 -4.56
CA ASP D 68 24.48 -8.03 -5.01
C ASP D 68 24.99 -6.63 -4.70
N THR D 69 26.23 -6.55 -4.22
CA THR D 69 26.85 -5.26 -3.95
C THR D 69 27.13 -4.47 -5.22
N GLU D 70 27.06 -5.11 -6.39
CA GLU D 70 27.20 -4.46 -7.68
C GLU D 70 26.30 -3.24 -7.74
N VAL D 71 26.89 -2.04 -7.80
CA VAL D 71 26.12 -0.81 -7.62
C VAL D 71 25.07 -0.65 -8.71
N HIS D 72 25.26 -1.33 -9.84
CA HIS D 72 24.24 -1.30 -10.89
C HIS D 72 22.88 -1.68 -10.32
N ASN D 73 22.79 -2.88 -9.74
CA ASN D 73 21.53 -3.34 -9.17
C ASN D 73 21.15 -2.53 -7.93
N VAL D 74 22.16 -2.05 -7.19
CA VAL D 74 21.86 -1.22 -6.02
C VAL D 74 21.02 -0.02 -6.42
N TRP D 75 21.45 0.70 -7.45
CA TRP D 75 20.62 1.79 -7.96
C TRP D 75 19.35 1.26 -8.62
N ALA D 76 19.48 0.17 -9.38
CA ALA D 76 18.37 -0.40 -10.13
C ALA D 76 17.22 -0.82 -9.24
N THR D 77 17.45 -0.95 -7.93
CA THR D 77 16.39 -1.18 -6.97
C THR D 77 16.10 0.04 -6.10
N HIS D 78 17.14 0.72 -5.62
CA HIS D 78 16.94 1.88 -4.76
C HIS D 78 16.15 2.94 -5.51
N ALA D 79 16.71 3.49 -6.58
CA ALA D 79 15.94 4.30 -7.50
C ALA D 79 15.89 3.57 -8.84
N CYS D 80 15.10 2.50 -8.87
CA CYS D 80 14.52 1.85 -10.04
C CYS D 80 13.80 0.63 -9.51
N VAL D 81 13.09 -0.09 -10.34
CA VAL D 81 12.10 -1.01 -9.83
C VAL D 81 12.07 -2.33 -10.59
N PRO D 82 11.85 -3.47 -9.93
CA PRO D 82 11.86 -4.75 -10.63
C PRO D 82 10.75 -4.83 -11.66
N THR D 83 10.92 -5.78 -12.59
CA THR D 83 10.44 -5.62 -13.96
C THR D 83 8.91 -5.68 -14.06
N ASP D 84 8.42 -5.34 -15.26
CA ASP D 84 7.00 -5.39 -15.64
C ASP D 84 6.78 -6.56 -16.58
N PRO D 85 5.94 -7.54 -16.23
CA PRO D 85 5.89 -8.80 -16.98
C PRO D 85 4.88 -8.82 -18.13
N SER D 86 4.14 -7.74 -18.35
CA SER D 86 3.12 -7.70 -19.40
C SER D 86 3.36 -6.50 -20.30
N PRO D 87 4.30 -6.59 -21.23
CA PRO D 87 4.37 -5.61 -22.32
C PRO D 87 3.61 -6.10 -23.54
N GLN D 88 2.88 -5.19 -24.18
CA GLN D 88 1.93 -5.55 -25.24
C GLN D 88 2.21 -4.70 -26.47
N GLU D 89 3.14 -5.13 -27.31
CA GLU D 89 3.46 -4.35 -28.51
C GLU D 89 2.34 -4.53 -29.53
N LEU D 90 1.24 -3.82 -29.28
CA LEU D 90 0.06 -3.94 -30.14
C LEU D 90 0.33 -3.23 -31.47
N VAL D 91 1.00 -3.95 -32.37
CA VAL D 91 1.62 -3.45 -33.60
C VAL D 91 0.75 -2.45 -34.36
N LEU D 92 1.40 -1.40 -34.87
CA LEU D 92 0.72 -0.36 -35.63
C LEU D 92 0.23 -0.91 -36.97
N GLU D 93 -0.82 -0.31 -37.46
CA GLU D 93 -1.18 -0.35 -38.86
C GLU D 93 -0.47 0.81 -39.57
N ASN D 94 -0.98 1.22 -40.73
CA ASN D 94 -0.27 2.11 -41.64
C ASN D 94 -0.18 3.51 -41.06
N VAL D 95 0.70 3.64 -40.08
CA VAL D 95 1.04 4.92 -39.46
C VAL D 95 1.96 5.69 -40.38
N THR D 96 1.99 7.00 -40.22
CA THR D 96 3.05 7.82 -40.82
C THR D 96 3.47 8.84 -39.75
N GLU D 97 4.46 8.47 -38.95
CA GLU D 97 4.91 9.33 -37.86
C GLU D 97 6.42 9.44 -37.89
N ASN D 98 6.94 10.65 -37.71
CA ASN D 98 8.32 11.00 -38.06
C ASN D 98 9.21 10.91 -36.83
N PHE D 99 9.66 9.71 -36.51
CA PHE D 99 10.19 9.49 -35.18
C PHE D 99 11.50 10.22 -35.04
N ASN D 100 11.42 11.54 -35.22
CA ASN D 100 12.56 12.42 -35.31
C ASN D 100 13.46 12.21 -34.12
N MET D 101 14.66 11.71 -34.34
CA MET D 101 15.43 11.24 -33.21
C MET D 101 16.16 12.33 -32.50
N TRP D 102 15.93 13.59 -32.81
CA TRP D 102 16.60 14.65 -32.08
C TRP D 102 15.64 15.58 -31.36
N LYS D 103 14.34 15.28 -31.39
CA LYS D 103 13.35 15.96 -30.56
C LYS D 103 12.70 14.95 -29.64
N ASN D 104 13.51 14.14 -28.96
CA ASN D 104 13.01 13.14 -28.02
C ASN D 104 13.66 13.36 -26.67
N GLU D 105 13.11 14.31 -25.90
CA GLU D 105 13.69 14.65 -24.60
C GLU D 105 13.64 13.50 -23.64
N MET D 106 12.89 12.46 -23.97
CA MET D 106 13.05 11.18 -23.31
C MET D 106 14.52 10.78 -23.27
N VAL D 107 15.26 11.12 -24.32
CA VAL D 107 16.68 10.80 -24.33
C VAL D 107 17.42 11.65 -23.31
N ASN D 108 17.07 12.92 -23.21
CA ASN D 108 17.70 13.73 -22.17
C ASN D 108 17.36 13.18 -20.81
N GLN D 109 16.14 12.66 -20.66
CA GLN D 109 15.74 12.14 -19.37
C GLN D 109 16.55 10.93 -19.02
N MET D 110 16.74 10.02 -19.97
CA MET D 110 17.63 8.91 -19.70
C MET D 110 19.01 9.42 -19.35
N HIS D 111 19.46 10.46 -20.04
CA HIS D 111 20.77 11.02 -19.78
C HIS D 111 20.90 11.43 -18.33
N GLU D 112 19.98 12.26 -17.87
CA GLU D 112 20.04 12.77 -16.51
C GLU D 112 19.83 11.66 -15.49
N ASP D 113 19.03 10.66 -15.82
CA ASP D 113 18.98 9.48 -14.98
C ASP D 113 20.36 8.86 -14.83
N VAL D 114 21.09 8.77 -15.94
CA VAL D 114 22.40 8.12 -15.89
C VAL D 114 23.37 8.95 -15.10
N ILE D 115 23.38 10.25 -15.34
CA ILE D 115 24.28 11.12 -14.60
C ILE D 115 23.95 11.03 -13.13
N SER D 116 22.67 10.90 -12.80
CA SER D 116 22.29 10.67 -11.42
C SER D 116 22.91 9.38 -10.91
N LEU D 117 22.88 8.34 -11.75
CA LEU D 117 23.36 7.04 -11.33
C LEU D 117 24.86 7.05 -11.03
N TRP D 118 25.62 7.75 -11.86
CA TRP D 118 27.06 7.49 -11.93
C TRP D 118 27.82 7.95 -10.70
N ASP D 119 27.30 8.91 -9.95
CA ASP D 119 28.10 9.63 -8.96
C ASP D 119 28.06 9.01 -7.58
N GLN D 120 26.91 8.56 -7.11
CA GLN D 120 26.93 7.61 -6.01
C GLN D 120 27.43 6.26 -6.50
N SER D 121 27.31 5.98 -7.80
CA SER D 121 27.96 4.80 -8.35
C SER D 121 29.48 4.92 -8.24
N LEU D 122 30.04 5.95 -8.86
CA LEU D 122 31.48 6.13 -8.94
C LEU D 122 31.93 7.25 -8.01
N LYS D 123 33.01 7.00 -7.28
CA LYS D 123 33.45 7.86 -6.20
C LYS D 123 34.74 8.57 -6.57
N PRO D 124 34.69 9.83 -7.03
CA PRO D 124 35.93 10.57 -7.30
C PRO D 124 36.60 10.98 -6.00
N CYS D 125 37.84 10.53 -5.81
CA CYS D 125 38.59 10.86 -4.60
C CYS D 125 38.65 12.37 -4.38
N VAL D 126 39.20 13.11 -5.35
CA VAL D 126 39.31 14.56 -5.23
C VAL D 126 38.93 15.23 -6.55
N LYS D 127 37.73 15.80 -6.60
CA LYS D 127 37.17 16.37 -7.82
C LYS D 127 37.45 17.86 -7.87
N LEU D 128 38.14 18.31 -8.93
CA LEU D 128 38.61 19.68 -9.05
C LEU D 128 37.68 20.48 -9.97
N THR D 129 36.49 20.68 -9.51
CA THR D 129 35.62 21.20 -10.55
C THR D 129 35.71 22.73 -10.64
N PRO D 130 35.45 23.31 -11.81
CA PRO D 130 35.60 24.76 -11.97
C PRO D 130 34.29 25.53 -11.78
N LEU D 131 34.46 26.84 -11.52
CA LEU D 131 33.33 27.76 -11.36
C LEU D 131 33.73 29.20 -11.63
N CYS D 132 32.80 29.96 -12.20
CA CYS D 132 32.81 31.40 -12.11
C CYS D 132 31.41 31.99 -11.99
N VAL D 133 31.36 33.08 -11.23
CA VAL D 133 30.19 33.90 -10.99
C VAL D 133 30.36 35.18 -11.79
N THR D 134 29.28 35.66 -12.38
CA THR D 134 29.37 36.65 -13.43
C THR D 134 30.06 37.92 -12.93
N LEU D 135 31.17 38.27 -13.59
CA LEU D 135 31.83 39.58 -13.45
C LEU D 135 32.48 39.89 -14.79
N GLU D 136 31.81 40.72 -15.59
CA GLU D 136 32.13 40.93 -17.00
C GLU D 136 33.60 41.28 -17.22
N CYS D 137 34.12 40.78 -18.34
CA CYS D 137 35.41 41.20 -18.92
C CYS D 137 35.17 41.81 -20.29
N LEU D 199 36.13 40.47 -14.09
CA LEU D 199 36.76 39.21 -13.74
C LEU D 199 35.76 38.15 -13.31
N ILE D 200 35.22 37.40 -14.26
CA ILE D 200 34.37 36.27 -13.90
C ILE D 200 35.19 35.28 -13.08
N ASN D 201 34.75 35.02 -11.85
CA ASN D 201 35.59 34.42 -10.82
C ASN D 201 35.72 32.91 -11.03
N CYS D 202 36.39 32.54 -12.12
CA CYS D 202 36.61 31.11 -12.34
C CYS D 202 37.79 30.71 -11.48
N ASN D 203 37.46 30.32 -10.27
CA ASN D 203 38.40 29.87 -9.26
C ASN D 203 38.20 28.37 -9.07
N THR D 204 39.30 27.61 -9.10
CA THR D 204 39.19 26.15 -9.05
C THR D 204 38.64 25.68 -7.72
N SER D 205 37.46 25.06 -7.76
CA SER D 205 36.78 24.57 -6.58
C SER D 205 37.20 23.11 -6.36
N ALA D 206 38.13 22.89 -5.44
CA ALA D 206 38.51 21.52 -5.07
C ALA D 206 37.50 20.93 -4.10
N ILE D 207 37.21 19.64 -4.26
CA ILE D 207 36.16 18.95 -3.51
C ILE D 207 36.68 17.56 -3.16
N THR D 208 36.89 17.29 -1.88
CA THR D 208 37.42 16.00 -1.43
C THR D 208 36.29 15.02 -1.11
N GLN D 209 36.60 13.73 -1.22
CA GLN D 209 35.62 12.67 -0.93
C GLN D 209 36.35 11.40 -0.53
N ALA D 210 35.61 10.29 -0.46
CA ALA D 210 36.14 8.97 -0.17
C ALA D 210 35.84 8.06 -1.35
N CYS D 211 36.83 7.25 -1.75
CA CYS D 211 36.85 6.61 -3.06
C CYS D 211 37.37 5.17 -3.00
N PRO D 212 36.50 4.23 -2.61
CA PRO D 212 36.80 2.80 -2.78
C PRO D 212 36.11 2.20 -4.01
N LYS D 213 36.38 0.92 -4.32
CA LYS D 213 35.78 0.28 -5.48
C LYS D 213 34.45 -0.34 -5.11
N VAL D 214 33.60 -0.58 -6.12
CA VAL D 214 32.54 -1.57 -5.94
C VAL D 214 32.51 -2.62 -7.06
N SER D 215 32.07 -2.23 -8.26
CA SER D 215 31.78 -3.17 -9.34
C SER D 215 31.22 -2.44 -10.56
N PHE D 216 30.98 -3.15 -11.65
CA PHE D 216 30.31 -2.56 -12.80
C PHE D 216 29.72 -3.67 -13.65
N GLU D 217 28.40 -3.68 -13.79
CA GLU D 217 27.73 -4.64 -14.66
C GLU D 217 26.38 -4.09 -15.10
N PRO D 218 26.26 -3.65 -16.34
CA PRO D 218 25.00 -3.05 -16.84
C PRO D 218 23.71 -3.77 -16.51
N ILE D 219 22.62 -3.02 -16.52
CA ILE D 219 21.27 -3.55 -16.35
C ILE D 219 20.47 -3.08 -17.56
N PRO D 220 19.88 -3.95 -18.33
CA PRO D 220 19.00 -3.43 -19.37
C PRO D 220 17.78 -2.86 -18.69
N ILE D 221 17.78 -1.57 -18.54
CA ILE D 221 16.65 -0.89 -17.95
C ILE D 221 15.67 -0.61 -19.07
N HIS D 222 14.45 -0.23 -18.70
CA HIS D 222 13.47 0.11 -19.71
C HIS D 222 12.69 1.30 -19.23
N TYR D 223 12.08 2.00 -20.18
CA TYR D 223 11.38 3.23 -19.89
C TYR D 223 9.88 3.04 -20.05
N CYS D 224 9.13 3.65 -19.12
CA CYS D 224 7.73 3.35 -18.87
C CYS D 224 6.96 4.65 -18.82
N THR D 225 6.19 4.89 -19.86
CA THR D 225 5.31 6.03 -19.94
C THR D 225 4.49 6.17 -18.67
N PRO D 226 4.13 7.36 -18.28
CA PRO D 226 3.11 7.54 -17.26
C PRO D 226 1.75 7.32 -17.90
N ALA D 227 0.72 7.35 -17.07
CA ALA D 227 -0.63 7.12 -17.55
C ALA D 227 -1.04 8.18 -18.55
N GLY D 228 -1.88 7.78 -19.50
CA GLY D 228 -2.16 8.61 -20.64
C GLY D 228 -1.00 8.80 -21.57
N TYR D 229 0.13 8.14 -21.33
CA TYR D 229 1.29 8.27 -22.18
C TYR D 229 1.64 6.91 -22.75
N ALA D 230 2.18 6.94 -23.96
CA ALA D 230 2.48 5.77 -24.75
C ALA D 230 3.84 5.94 -25.41
N ILE D 231 4.65 4.91 -25.34
CA ILE D 231 6.02 4.94 -25.82
C ILE D 231 6.00 4.29 -27.20
N LEU D 232 5.83 5.07 -28.26
CA LEU D 232 5.88 4.44 -29.56
C LEU D 232 7.26 3.85 -29.80
N LYS D 233 7.30 2.61 -30.28
CA LYS D 233 8.52 1.93 -30.69
C LYS D 233 8.62 1.99 -32.21
N CYS D 234 9.65 1.33 -32.77
CA CYS D 234 9.87 1.34 -34.22
C CYS D 234 10.62 0.09 -34.63
N ASN D 235 9.97 -0.77 -35.42
CA ASN D 235 10.64 -1.97 -35.90
C ASN D 235 11.61 -1.66 -37.03
N ASP D 236 11.17 -0.91 -38.03
CA ASP D 236 12.13 -0.27 -38.89
C ASP D 236 13.10 0.51 -38.01
N LYS D 237 14.38 0.51 -38.39
CA LYS D 237 15.39 1.31 -37.71
C LYS D 237 16.10 2.29 -38.63
N THR D 238 15.84 2.23 -39.93
CA THR D 238 16.63 2.99 -40.89
C THR D 238 16.46 4.49 -40.73
N PHE D 239 15.30 4.97 -41.14
CA PHE D 239 14.80 6.32 -40.96
C PHE D 239 15.54 7.38 -41.77
N ASN D 240 16.71 7.03 -42.33
CA ASN D 240 17.70 8.03 -42.75
C ASN D 240 18.15 8.75 -41.49
N GLY D 241 17.46 8.46 -40.38
CA GLY D 241 17.42 9.27 -39.17
C GLY D 241 16.02 9.65 -38.68
N THR D 242 15.11 9.91 -39.63
CA THR D 242 13.77 10.41 -39.31
C THR D 242 12.71 9.71 -40.18
N GLY D 243 12.29 8.52 -39.79
CA GLY D 243 11.38 7.76 -40.62
C GLY D 243 10.58 6.71 -39.86
N PRO D 244 9.30 6.55 -40.22
CA PRO D 244 8.40 5.72 -39.41
C PRO D 244 8.64 4.23 -39.50
N CYS D 245 7.70 3.45 -38.97
CA CYS D 245 7.78 1.99 -39.03
C CYS D 245 6.41 1.35 -39.10
N HIS D 246 6.20 0.54 -40.12
CA HIS D 246 4.91 -0.13 -40.30
C HIS D 246 4.62 -1.06 -39.13
N ASN D 247 5.46 -2.08 -38.93
CA ASN D 247 5.11 -3.24 -38.12
C ASN D 247 5.57 -3.12 -36.67
N VAL D 248 5.64 -1.92 -36.12
CA VAL D 248 5.84 -1.73 -34.69
C VAL D 248 4.54 -1.24 -34.05
N SER D 249 4.52 -1.11 -32.74
CA SER D 249 3.66 -0.13 -32.08
C SER D 249 4.10 0.06 -30.64
N THR D 250 3.15 0.52 -29.84
CA THR D 250 3.30 0.93 -28.47
C THR D 250 4.00 -0.12 -27.62
N VAL D 251 4.49 0.28 -26.47
CA VAL D 251 4.88 -0.64 -25.42
C VAL D 251 4.36 -0.10 -24.09
N GLN D 252 4.65 -0.82 -23.03
CA GLN D 252 4.22 -0.52 -21.68
C GLN D 252 5.39 -0.03 -20.84
N CYS D 253 6.46 -0.80 -20.86
CA CYS D 253 7.79 -0.30 -20.64
C CYS D 253 8.57 -0.65 -21.88
N THR D 254 9.76 -0.12 -21.97
CA THR D 254 10.53 -0.19 -23.20
C THR D 254 11.38 -1.46 -23.22
N HIS D 255 12.34 -1.50 -24.14
CA HIS D 255 13.29 -2.59 -24.15
C HIS D 255 14.54 -2.19 -23.37
N GLY D 256 15.45 -3.13 -23.23
CA GLY D 256 16.68 -2.87 -22.51
C GLY D 256 17.54 -1.79 -23.13
N ILE D 257 17.89 -0.79 -22.34
CA ILE D 257 18.85 0.23 -22.73
C ILE D 257 19.84 0.35 -21.57
N LYS D 258 21.04 -0.18 -21.75
CA LYS D 258 21.95 -0.46 -20.66
C LYS D 258 22.70 0.79 -20.21
N PRO D 259 23.39 0.71 -19.07
CA PRO D 259 24.09 1.90 -18.51
C PRO D 259 25.60 2.00 -18.76
N VAL D 260 26.20 1.19 -19.61
CA VAL D 260 27.62 1.38 -19.89
C VAL D 260 27.79 2.54 -20.86
N VAL D 261 28.93 3.23 -20.76
CA VAL D 261 29.21 4.38 -21.61
C VAL D 261 30.55 4.15 -22.29
N SER D 262 30.63 4.49 -23.57
CA SER D 262 31.89 4.37 -24.27
C SER D 262 31.84 5.24 -25.51
N THR D 263 32.99 5.33 -26.19
CA THR D 263 33.23 6.35 -27.21
C THR D 263 33.57 5.71 -28.55
N GLN D 264 32.66 5.90 -29.51
CA GLN D 264 32.69 5.37 -30.87
C GLN D 264 32.45 3.87 -30.86
N LEU D 265 32.55 3.25 -29.69
CA LEU D 265 32.57 1.79 -29.59
C LEU D 265 32.33 1.35 -28.15
N LEU D 266 31.32 0.55 -27.92
CA LEU D 266 30.82 0.24 -26.60
C LEU D 266 31.39 -1.07 -26.08
N LEU D 267 30.84 -1.53 -24.96
CA LEU D 267 31.25 -2.77 -24.32
C LEU D 267 30.08 -3.36 -23.56
N ASN D 268 29.89 -4.68 -23.68
CA ASN D 268 28.87 -5.40 -22.93
C ASN D 268 27.48 -4.85 -23.24
N GLY D 269 27.29 -4.25 -24.41
CA GLY D 269 26.09 -3.48 -24.67
C GLY D 269 25.12 -4.04 -25.68
N SER D 270 24.38 -3.15 -26.34
CA SER D 270 23.35 -3.55 -27.29
C SER D 270 23.97 -4.15 -28.53
N LEU D 271 23.11 -4.70 -29.39
CA LEU D 271 23.48 -5.11 -30.74
C LEU D 271 22.49 -4.52 -31.72
N ALA D 272 22.62 -4.84 -33.00
CA ALA D 272 21.77 -4.23 -33.99
C ALA D 272 20.86 -5.28 -34.58
N GLU D 273 19.66 -4.83 -34.97
CA GLU D 273 18.56 -5.76 -35.20
C GLU D 273 18.60 -6.35 -36.61
N GLY D 274 18.42 -5.52 -37.64
CA GLY D 274 18.40 -6.00 -39.00
C GLY D 274 19.65 -5.82 -39.84
N GLU D 275 20.19 -4.60 -39.88
CA GLU D 275 21.38 -4.28 -40.66
C GLU D 275 21.91 -2.93 -40.19
N ILE D 276 22.88 -2.39 -40.93
CA ILE D 276 23.63 -1.20 -40.54
C ILE D 276 23.09 0.03 -41.27
N ILE D 277 22.64 1.03 -40.50
CA ILE D 277 22.08 2.25 -41.08
C ILE D 277 22.64 3.45 -40.34
N ILE D 278 22.29 4.64 -40.83
CA ILE D 278 23.02 5.87 -40.58
C ILE D 278 22.06 7.03 -40.36
N ARG D 279 22.57 8.09 -39.73
CA ARG D 279 21.75 9.08 -39.07
C ARG D 279 22.36 10.46 -39.21
N SER D 280 21.84 11.28 -40.11
CA SER D 280 22.36 12.64 -40.27
C SER D 280 21.44 13.40 -41.22
N GLU D 281 21.95 14.54 -41.70
CA GLU D 281 21.28 15.45 -42.66
C GLU D 281 22.36 16.29 -43.37
N ASN D 282 21.96 17.47 -43.90
CA ASN D 282 22.56 18.18 -45.04
C ASN D 282 24.05 18.00 -45.35
N LEU D 283 24.37 17.90 -46.64
CA LEU D 283 25.75 17.73 -47.08
C LEU D 283 26.39 19.04 -47.56
N THR D 284 26.11 20.18 -46.92
CA THR D 284 26.85 21.41 -47.22
C THR D 284 28.06 21.61 -46.32
N ASN D 285 27.92 21.49 -44.99
CA ASN D 285 29.05 21.64 -44.08
C ASN D 285 29.23 20.49 -43.12
N ASN D 286 28.16 19.78 -42.76
CA ASN D 286 28.36 18.41 -42.33
C ASN D 286 29.03 18.18 -40.99
N VAL D 287 28.63 18.85 -39.92
CA VAL D 287 29.09 18.37 -38.62
C VAL D 287 28.20 17.20 -38.22
N LYS D 288 26.94 17.48 -37.89
CA LYS D 288 25.81 16.57 -38.00
C LYS D 288 26.16 15.12 -37.70
N THR D 289 26.71 14.82 -36.53
CA THR D 289 27.33 13.53 -36.29
C THR D 289 26.49 12.37 -36.83
N ILE D 290 27.18 11.45 -37.48
CA ILE D 290 26.61 10.29 -38.14
C ILE D 290 26.72 9.10 -37.19
N LEU D 291 25.72 8.23 -37.21
CA LEU D 291 25.72 7.09 -36.33
C LEU D 291 25.35 5.84 -37.10
N VAL D 292 26.04 4.75 -36.84
CA VAL D 292 25.77 3.47 -37.48
C VAL D 292 25.47 2.45 -36.39
N HIS D 293 24.52 1.55 -36.63
CA HIS D 293 24.31 0.41 -35.74
C HIS D 293 24.73 -0.83 -36.50
N LEU D 294 25.74 -1.53 -36.00
CA LEU D 294 26.40 -2.56 -36.77
C LEU D 294 25.79 -3.93 -36.47
N ASN D 295 25.18 -4.55 -37.49
CA ASN D 295 24.24 -5.64 -37.29
C ASN D 295 24.89 -6.94 -36.92
N GLN D 296 26.14 -6.92 -36.50
CA GLN D 296 26.77 -8.11 -36.01
C GLN D 296 27.39 -7.78 -34.69
N SER D 297 28.11 -8.75 -34.16
CA SER D 297 28.85 -8.59 -32.93
C SER D 297 30.33 -8.55 -33.26
N VAL D 298 31.10 -8.20 -32.24
CA VAL D 298 32.55 -8.22 -32.34
C VAL D 298 33.08 -8.65 -30.98
N GLU D 299 34.31 -9.12 -30.98
CA GLU D 299 34.99 -9.53 -29.77
C GLU D 299 35.94 -8.43 -29.36
N ILE D 300 35.78 -7.93 -28.14
CA ILE D 300 36.79 -7.11 -27.51
C ILE D 300 36.99 -7.61 -26.09
N VAL D 301 38.22 -7.98 -25.74
CA VAL D 301 38.54 -8.66 -24.48
C VAL D 301 39.93 -8.20 -24.06
N CYS D 302 40.03 -7.66 -22.84
CA CYS D 302 41.31 -7.24 -22.30
C CYS D 302 41.62 -7.98 -21.00
N THR D 303 42.77 -8.66 -20.99
CA THR D 303 43.24 -9.39 -19.84
C THR D 303 44.60 -8.86 -19.41
N ARG D 304 44.87 -9.00 -18.12
CA ARG D 304 46.09 -8.58 -17.44
C ARG D 304 46.16 -9.21 -16.05
N PRO D 305 46.62 -10.45 -15.99
CA PRO D 305 46.53 -11.20 -14.72
C PRO D 305 47.34 -10.56 -13.60
N ASN D 306 48.66 -10.66 -13.67
CA ASN D 306 49.50 -9.66 -13.02
C ASN D 306 50.52 -9.15 -14.02
N ASN D 307 51.42 -10.05 -14.42
CA ASN D 307 52.34 -9.96 -15.56
C ASN D 307 53.23 -8.72 -15.53
N ASN D 308 52.99 -7.81 -14.58
CA ASN D 308 53.67 -6.51 -14.58
C ASN D 308 53.94 -6.03 -13.16
N THR D 309 54.18 -6.95 -12.23
CA THR D 309 54.31 -6.66 -10.80
C THR D 309 55.05 -5.36 -10.51
N ARG D 310 56.14 -5.10 -11.22
CA ARG D 310 56.85 -3.84 -11.07
C ARG D 310 55.96 -2.69 -11.55
N LYS D 311 55.57 -1.82 -10.61
CA LYS D 311 54.58 -0.79 -10.92
C LYS D 311 55.16 0.31 -11.80
N SER D 312 56.09 1.09 -11.26
CA SER D 312 56.58 2.28 -11.95
C SER D 312 57.80 1.95 -12.80
N ILE D 313 58.34 2.98 -13.45
CA ILE D 313 59.53 2.84 -14.26
C ILE D 313 60.69 3.67 -13.74
N ARG D 314 60.43 4.71 -12.96
CA ARG D 314 61.44 5.71 -12.61
C ARG D 314 60.95 6.55 -11.43
N ILE D 315 61.91 7.04 -10.66
CA ILE D 315 61.67 7.93 -9.53
C ILE D 315 62.09 9.35 -9.89
N ASP D 330 54.97 -2.49 -16.01
CA ASP D 330 54.09 -1.41 -15.60
C ASP D 330 52.67 -1.91 -15.39
N ILE D 331 52.09 -1.59 -14.24
CA ILE D 331 50.78 -2.14 -13.90
C ILE D 331 49.67 -1.43 -14.66
N ARG D 332 49.74 -0.09 -14.72
CA ARG D 332 48.78 0.66 -15.54
C ARG D 332 48.87 0.31 -17.01
N GLN D 333 50.00 -0.27 -17.45
CA GLN D 333 50.07 -0.82 -18.79
C GLN D 333 49.11 -1.99 -18.94
N ALA D 334 48.16 -1.88 -19.87
CA ALA D 334 47.23 -2.96 -20.19
C ALA D 334 47.37 -3.35 -21.65
N HIS D 335 47.45 -4.65 -21.93
CA HIS D 335 47.51 -5.15 -23.29
C HIS D 335 46.24 -5.91 -23.60
N CYS D 336 45.53 -5.44 -24.61
CA CYS D 336 44.21 -5.92 -24.97
C CYS D 336 44.38 -6.89 -26.14
N ASN D 337 44.61 -8.17 -25.86
CA ASN D 337 44.70 -9.18 -26.93
C ASN D 337 43.28 -9.49 -27.41
N ILE D 338 42.89 -8.97 -28.57
CA ILE D 338 41.48 -8.93 -28.91
C ILE D 338 40.98 -10.05 -29.80
N SER D 339 41.38 -10.05 -31.06
CA SER D 339 40.57 -10.71 -32.07
C SER D 339 41.27 -10.73 -33.42
N LYS D 340 40.48 -10.96 -34.47
CA LYS D 340 40.81 -10.81 -35.91
C LYS D 340 40.89 -12.15 -36.63
N TRP D 341 35.58 -9.26 -37.60
CA TRP D 341 36.20 -7.98 -37.28
C TRP D 341 36.32 -7.12 -38.51
N HIS D 342 37.45 -7.31 -39.20
CA HIS D 342 37.72 -6.56 -40.42
C HIS D 342 36.53 -6.53 -41.36
N GLU D 343 35.80 -7.64 -41.49
CA GLU D 343 34.72 -7.68 -42.46
C GLU D 343 33.55 -6.79 -42.04
N THR D 344 33.35 -6.63 -40.74
CA THR D 344 32.41 -5.63 -40.29
C THR D 344 32.87 -4.25 -40.72
N LEU D 345 34.17 -4.03 -40.74
CA LEU D 345 34.65 -2.73 -41.22
C LEU D 345 34.49 -2.62 -42.72
N LYS D 346 34.51 -3.75 -43.43
CA LYS D 346 34.21 -3.69 -44.86
C LYS D 346 32.76 -3.31 -45.08
N ARG D 347 31.87 -3.85 -44.25
CA ARG D 347 30.49 -3.40 -44.29
C ARG D 347 30.40 -1.91 -43.93
N VAL D 348 31.22 -1.49 -42.96
CA VAL D 348 31.35 -0.07 -42.65
C VAL D 348 31.57 0.71 -43.92
N SER D 349 32.64 0.38 -44.62
CA SER D 349 33.06 1.19 -45.75
C SER D 349 32.04 1.13 -46.85
N GLU D 350 31.45 -0.04 -47.11
CA GLU D 350 30.50 -0.13 -48.20
C GLU D 350 29.29 0.73 -47.91
N LYS D 351 28.80 0.70 -46.68
CA LYS D 351 27.77 1.67 -46.32
C LYS D 351 28.21 3.08 -46.62
N LEU D 352 29.34 3.48 -46.01
CA LEU D 352 29.81 4.85 -46.14
C LEU D 352 29.80 5.26 -47.59
N ALA D 353 30.32 4.39 -48.46
CA ALA D 353 30.32 4.67 -49.90
C ALA D 353 28.92 4.74 -50.45
N GLU D 354 28.00 3.94 -49.92
CA GLU D 354 26.63 4.06 -50.40
C GLU D 354 26.02 5.39 -50.05
N HIS D 355 26.57 6.06 -49.03
CA HIS D 355 26.16 7.44 -48.76
C HIS D 355 27.18 8.47 -49.19
N PHE D 356 28.44 8.08 -49.38
CA PHE D 356 29.49 8.93 -49.93
C PHE D 356 29.94 8.28 -51.23
N PRO D 357 29.17 8.44 -52.31
CA PRO D 357 29.30 7.53 -53.47
C PRO D 357 30.61 7.55 -54.24
N ASN D 358 31.05 8.71 -54.71
CA ASN D 358 32.07 8.72 -55.75
C ASN D 358 33.48 8.84 -55.20
N LYS D 359 33.65 8.89 -53.88
CA LYS D 359 34.92 9.16 -53.24
C LYS D 359 35.41 7.91 -52.53
N THR D 360 36.72 7.79 -52.35
CA THR D 360 37.24 6.67 -51.59
C THR D 360 36.87 6.85 -50.12
N ILE D 361 37.28 5.91 -49.27
CA ILE D 361 36.86 5.96 -47.86
C ILE D 361 38.05 5.64 -46.96
N ASN D 362 38.58 6.66 -46.31
CA ASN D 362 39.64 6.64 -45.31
C ASN D 362 39.05 6.96 -43.94
N PHE D 363 39.93 7.05 -42.93
CA PHE D 363 39.69 7.83 -41.72
C PHE D 363 40.66 9.00 -41.66
N THR D 364 41.96 8.71 -41.68
CA THR D 364 43.12 9.51 -42.12
C THR D 364 43.56 10.61 -41.16
N SER D 365 42.82 10.86 -40.08
CA SER D 365 43.18 11.96 -39.17
C SER D 365 42.49 11.74 -37.84
N SER D 366 43.26 11.37 -36.82
CA SER D 366 42.80 11.39 -35.43
C SER D 366 43.67 12.43 -34.73
N SER D 367 43.26 13.70 -34.85
CA SER D 367 44.09 14.79 -34.39
C SER D 367 44.46 14.61 -32.92
N GLY D 368 43.46 14.40 -32.08
CA GLY D 368 43.68 14.14 -30.68
C GLY D 368 43.09 15.23 -29.81
N GLY D 369 43.75 15.47 -28.68
CA GLY D 369 43.27 16.41 -27.68
C GLY D 369 42.91 15.68 -26.39
N ASP D 370 41.73 16.02 -25.87
CA ASP D 370 41.23 15.30 -24.71
C ASP D 370 40.92 13.85 -25.08
N LEU D 371 41.48 12.92 -24.29
CA LEU D 371 41.58 11.52 -24.68
C LEU D 371 40.25 10.86 -24.97
N GLU D 372 39.15 11.39 -24.43
CA GLU D 372 37.92 10.64 -24.39
C GLU D 372 37.14 10.69 -25.70
N ILE D 373 37.39 11.68 -26.54
CA ILE D 373 36.67 11.76 -27.81
C ILE D 373 37.29 10.83 -28.86
N THR D 374 38.62 10.75 -28.89
CA THR D 374 39.31 9.93 -29.89
C THR D 374 39.44 8.48 -29.45
N THR D 375 40.22 8.25 -28.39
CA THR D 375 40.58 6.90 -27.98
C THR D 375 39.34 6.09 -27.66
N HIS D 376 39.43 4.78 -27.88
CA HIS D 376 38.36 3.96 -27.34
C HIS D 376 38.37 4.12 -25.83
N SER D 377 37.35 4.80 -25.31
CA SER D 377 37.20 5.04 -23.87
C SER D 377 35.95 4.31 -23.41
N PHE D 378 36.13 3.32 -22.54
CA PHE D 378 35.03 2.48 -22.10
C PHE D 378 35.27 2.07 -20.65
N THR D 379 34.17 1.77 -19.96
CA THR D 379 34.17 1.63 -18.50
C THR D 379 34.35 0.18 -18.10
N CYS D 380 35.49 -0.12 -17.45
CA CYS D 380 35.75 -1.42 -16.83
C CYS D 380 36.68 -1.19 -15.65
N ARG D 381 36.49 -1.98 -14.58
CA ARG D 381 37.10 -1.69 -13.28
C ARG D 381 36.73 -0.27 -12.84
N GLY D 382 35.59 0.21 -13.29
CA GLY D 382 35.22 1.60 -13.18
C GLY D 382 36.05 2.54 -14.02
N GLU D 383 37.19 2.09 -14.56
CA GLU D 383 38.13 2.92 -15.28
C GLU D 383 38.12 2.51 -16.75
N PHE D 384 39.04 3.08 -17.52
CA PHE D 384 38.97 3.01 -18.96
C PHE D 384 40.35 2.76 -19.52
N PHE D 385 40.40 2.47 -20.81
CA PHE D 385 41.60 1.95 -21.45
C PHE D 385 41.99 2.91 -22.56
N TYR D 386 43.13 3.58 -22.41
CA TYR D 386 43.44 4.74 -23.24
C TYR D 386 44.70 4.48 -24.04
N CYS D 387 44.56 4.35 -25.35
CA CYS D 387 45.67 4.20 -26.27
C CYS D 387 45.64 5.36 -27.27
N ASN D 388 46.53 5.28 -28.26
CA ASN D 388 46.65 6.30 -29.28
C ASN D 388 45.80 5.91 -30.50
N THR D 389 46.00 6.64 -31.60
CA THR D 389 45.29 6.40 -32.85
C THR D 389 45.96 5.34 -33.73
N SER D 390 46.66 4.37 -33.13
CA SER D 390 47.42 3.41 -33.91
C SER D 390 46.56 2.28 -34.45
N GLY D 391 45.51 1.89 -33.73
CA GLY D 391 44.78 0.68 -34.04
C GLY D 391 43.52 0.91 -34.85
N LEU D 392 43.34 0.09 -35.89
CA LEU D 392 42.08 -0.10 -36.60
C LEU D 392 41.51 1.20 -37.16
N PHE D 393 42.25 2.29 -37.01
CA PHE D 393 41.74 3.60 -37.37
C PHE D 393 42.17 4.03 -38.78
N ASN D 394 42.80 3.15 -39.56
CA ASN D 394 43.65 3.62 -40.66
C ASN D 394 43.09 3.41 -42.07
N SER D 395 42.49 2.27 -42.36
CA SER D 395 42.40 1.81 -43.74
C SER D 395 41.66 2.78 -44.66
N THR D 396 42.07 2.77 -45.92
CA THR D 396 41.40 3.51 -46.97
C THR D 396 40.54 2.54 -47.74
N TYR D 397 39.52 3.07 -48.41
CA TYR D 397 38.67 2.22 -49.23
C TYR D 397 38.54 2.79 -50.62
N MET D 398 39.26 2.19 -51.53
CA MET D 398 38.88 2.05 -52.92
C MET D 398 38.79 0.54 -52.85
N PRO D 399 38.37 -0.22 -53.86
CA PRO D 399 37.61 -1.45 -53.57
C PRO D 399 38.35 -2.48 -52.72
N ASN D 400 39.20 -2.03 -51.80
CA ASN D 400 39.83 -2.90 -50.81
C ASN D 400 40.23 -2.08 -49.59
N GLY D 401 40.29 -2.74 -48.44
CA GLY D 401 40.72 -2.12 -47.19
C GLY D 401 42.23 -1.97 -47.17
N THR D 402 42.75 -1.57 -46.00
CA THR D 402 44.16 -1.19 -45.98
C THR D 402 44.89 -1.64 -44.72
N TYR D 403 44.47 -2.71 -44.06
CA TYR D 403 45.18 -3.03 -42.83
C TYR D 403 46.34 -4.00 -43.02
N LEU D 404 45.99 -5.24 -43.35
CA LEU D 404 46.83 -6.42 -43.25
C LEU D 404 46.05 -7.56 -43.86
N HIS D 405 46.59 -8.78 -43.71
CA HIS D 405 45.96 -10.05 -44.12
C HIS D 405 44.98 -9.93 -45.29
N SER D 412 44.07 -16.35 -31.85
CA SER D 412 42.99 -15.86 -31.01
C SER D 412 43.32 -14.48 -30.48
N SER D 413 43.20 -14.30 -29.17
CA SER D 413 43.58 -13.05 -28.53
C SER D 413 45.02 -12.75 -28.85
N ILE D 414 45.26 -11.69 -29.63
CA ILE D 414 46.61 -11.51 -30.13
C ILE D 414 47.23 -10.28 -29.48
N THR D 415 46.70 -9.07 -29.76
CA THR D 415 47.17 -7.84 -29.11
C THR D 415 46.51 -6.56 -29.62
N ILE D 416 46.42 -5.55 -28.74
CA ILE D 416 46.27 -4.14 -29.07
C ILE D 416 46.52 -3.36 -27.78
N PRO D 417 47.37 -2.34 -27.79
CA PRO D 417 47.80 -1.70 -26.53
C PRO D 417 46.98 -0.51 -26.04
N CYS D 418 45.87 -0.73 -25.35
CA CYS D 418 45.14 0.34 -24.67
C CYS D 418 45.27 0.17 -23.16
N ARG D 419 45.79 1.19 -22.49
CA ARG D 419 46.13 1.12 -21.08
C ARG D 419 45.28 2.09 -20.27
N ILE D 420 45.43 2.04 -18.95
CA ILE D 420 44.54 2.76 -18.05
C ILE D 420 45.23 4.04 -17.56
N LYS D 421 44.41 5.06 -17.32
CA LYS D 421 44.80 6.30 -16.65
C LYS D 421 44.08 6.34 -15.30
N GLN D 422 44.22 7.45 -14.61
CA GLN D 422 43.44 7.61 -13.37
C GLN D 422 42.70 8.94 -13.29
N ILE D 423 43.32 10.02 -13.76
CA ILE D 423 42.76 11.36 -13.65
C ILE D 423 41.94 11.64 -14.91
N ILE D 424 40.63 11.40 -14.83
CA ILE D 424 39.78 11.36 -16.00
C ILE D 424 39.05 12.69 -16.14
N ASN D 425 38.42 12.88 -17.30
CA ASN D 425 37.44 13.92 -17.51
C ASN D 425 36.05 13.29 -17.42
N MET D 426 35.05 14.15 -17.22
CA MET D 426 33.67 13.71 -17.05
C MET D 426 32.90 14.00 -18.33
N TRP D 427 32.14 13.02 -18.79
CA TRP D 427 31.20 13.26 -19.86
C TRP D 427 30.00 14.07 -19.40
N GLN D 428 29.89 14.31 -18.09
CA GLN D 428 28.70 14.77 -17.40
C GLN D 428 28.66 16.29 -17.30
N GLU D 429 29.63 16.85 -16.60
CA GLU D 429 29.78 18.27 -16.43
C GLU D 429 31.26 18.59 -16.42
N VAL D 430 31.62 19.66 -17.14
CA VAL D 430 33.02 19.95 -17.44
C VAL D 430 33.80 20.00 -16.14
N GLY D 431 35.05 19.55 -16.19
CA GLY D 431 35.84 19.51 -14.99
C GLY D 431 36.42 18.15 -14.67
N ARG D 432 37.58 18.17 -14.05
CA ARG D 432 38.42 17.00 -13.88
C ARG D 432 37.85 16.10 -12.79
N ALA D 433 38.61 15.06 -12.44
CA ALA D 433 38.25 14.09 -11.40
C ALA D 433 39.46 13.21 -11.13
N MET D 434 39.57 12.61 -9.95
CA MET D 434 40.80 11.95 -9.53
C MET D 434 40.45 10.63 -8.86
N TYR D 435 40.66 9.51 -9.56
CA TYR D 435 40.20 8.23 -9.07
C TYR D 435 41.33 7.49 -8.36
N ALA D 436 41.05 6.25 -7.96
CA ALA D 436 41.91 5.51 -7.05
C ALA D 436 42.96 4.70 -7.79
N PRO D 437 44.04 4.32 -7.11
CA PRO D 437 44.98 3.37 -7.68
C PRO D 437 44.28 2.05 -7.97
N PRO D 438 44.63 1.38 -9.06
CA PRO D 438 43.85 0.22 -9.50
C PRO D 438 44.04 -1.03 -8.66
N ILE D 439 43.43 -2.12 -9.12
CA ILE D 439 43.45 -3.43 -8.47
C ILE D 439 44.67 -4.18 -8.99
N GLU D 440 45.15 -5.16 -8.20
CA GLU D 440 46.38 -5.87 -8.53
C GLU D 440 46.37 -6.40 -9.96
N GLY D 441 45.28 -7.01 -10.38
CA GLY D 441 45.18 -7.48 -11.75
C GLY D 441 44.09 -8.53 -11.91
N ASN D 442 44.21 -9.29 -13.00
CA ASN D 442 43.25 -10.34 -13.38
C ASN D 442 41.86 -9.77 -13.65
N ILE D 443 41.76 -9.00 -14.73
CA ILE D 443 40.49 -8.42 -15.16
C ILE D 443 40.20 -8.92 -16.57
N THR D 444 38.93 -8.78 -16.97
CA THR D 444 38.52 -9.11 -18.32
C THR D 444 37.20 -8.42 -18.61
N CYS D 445 37.00 -8.01 -19.84
CA CYS D 445 35.72 -7.46 -20.28
C CYS D 445 35.49 -7.89 -21.72
N LYS D 446 34.32 -8.42 -21.99
CA LYS D 446 33.91 -8.76 -23.34
C LYS D 446 32.86 -7.75 -23.79
N SER D 447 32.32 -7.95 -24.99
CA SER D 447 31.32 -7.01 -25.45
C SER D 447 30.59 -7.56 -26.66
N ASN D 448 29.63 -6.77 -27.13
CA ASN D 448 28.91 -7.00 -28.36
C ASN D 448 28.61 -5.64 -28.97
N ILE D 449 29.51 -5.17 -29.83
CA ILE D 449 29.35 -3.87 -30.47
C ILE D 449 28.03 -3.80 -31.23
N THR D 450 27.22 -2.79 -30.93
CA THR D 450 26.02 -2.57 -31.72
C THR D 450 26.26 -1.72 -32.94
N GLY D 451 27.31 -0.90 -32.92
CA GLY D 451 27.55 0.05 -33.98
C GLY D 451 28.68 1.00 -33.69
N LEU D 452 28.66 2.15 -34.33
CA LEU D 452 29.81 3.01 -34.28
C LEU D 452 29.36 4.45 -34.44
N LEU D 453 30.28 5.36 -34.13
CA LEU D 453 29.96 6.76 -33.97
C LEU D 453 30.95 7.55 -34.81
N LEU D 454 30.47 8.23 -35.86
CA LEU D 454 31.41 8.78 -36.84
C LEU D 454 30.92 10.07 -37.47
N VAL D 455 31.87 10.96 -37.78
CA VAL D 455 31.62 12.15 -38.60
C VAL D 455 32.79 12.33 -39.57
N ARG D 456 32.47 12.69 -40.81
CA ARG D 456 33.48 12.98 -41.82
C ARG D 456 34.46 13.99 -41.28
N ASP D 457 35.75 13.69 -41.46
CA ASP D 457 36.84 14.59 -41.12
C ASP D 457 36.92 15.67 -42.19
N GLY D 458 35.80 16.31 -42.45
CA GLY D 458 35.56 16.95 -43.72
C GLY D 458 36.28 18.25 -43.92
N GLY D 459 35.76 19.06 -44.84
CA GLY D 459 36.36 20.33 -45.13
C GLY D 459 36.18 20.77 -46.57
N THR D 460 37.20 21.46 -47.09
CA THR D 460 37.22 21.84 -48.49
C THR D 460 38.63 21.77 -49.06
N GLU D 461 39.59 21.19 -48.33
CA GLU D 461 40.92 20.94 -48.89
C GLU D 461 40.95 19.65 -49.69
N SER D 462 39.85 18.90 -49.70
CA SER D 462 39.88 17.48 -50.09
C SER D 462 39.58 17.31 -51.58
N ASN D 463 40.24 16.33 -52.19
CA ASN D 463 40.04 15.97 -53.59
C ASN D 463 39.81 14.47 -53.68
N ASN D 464 38.54 14.07 -53.64
CA ASN D 464 38.06 12.75 -54.05
C ASN D 464 38.46 11.60 -53.13
N THR D 465 39.36 11.82 -52.18
CA THR D 465 39.40 10.87 -51.08
C THR D 465 38.44 11.36 -50.02
N GLU D 466 37.83 10.43 -49.31
CA GLU D 466 36.89 10.81 -48.26
C GLU D 466 37.15 10.02 -47.00
N THR D 467 36.96 10.70 -45.88
CA THR D 467 37.42 10.18 -44.62
C THR D 467 36.38 10.50 -43.57
N ASN D 468 36.16 9.54 -42.67
CA ASN D 468 35.23 9.70 -41.57
C ASN D 468 36.02 9.58 -40.28
N ASN D 469 35.58 10.28 -39.24
CA ASN D 469 36.44 10.43 -38.08
C ASN D 469 35.61 10.74 -36.85
N GLY D 476 34.92 8.92 -33.87
CA GLY D 476 34.88 10.02 -32.93
C GLY D 476 33.51 10.44 -32.45
N GLY D 477 33.29 10.35 -31.14
CA GLY D 477 32.05 10.80 -30.54
C GLY D 477 32.13 10.82 -29.03
N GLY D 478 31.59 11.86 -28.40
CA GLY D 478 31.65 11.97 -26.95
C GLY D 478 30.42 12.57 -26.29
N ASP D 479 29.37 12.79 -27.06
CA ASP D 479 28.11 13.30 -26.55
C ASP D 479 27.14 12.15 -26.30
N MET D 480 26.83 11.92 -25.03
CA MET D 480 25.98 10.78 -24.70
C MET D 480 24.62 10.89 -25.34
N ARG D 481 24.06 12.09 -25.45
CA ARG D 481 22.69 12.24 -25.90
C ARG D 481 22.41 11.57 -27.23
N ASP D 482 23.45 11.14 -27.94
CA ASP D 482 23.31 10.15 -28.97
C ASP D 482 23.89 8.80 -28.59
N ASN D 483 24.95 8.77 -27.77
CA ASN D 483 25.53 7.52 -27.30
C ASN D 483 24.48 6.57 -26.76
N TRP D 484 23.37 7.11 -26.30
CA TRP D 484 22.19 6.33 -25.96
C TRP D 484 21.04 6.83 -26.80
N ARG D 485 21.28 7.01 -28.09
CA ARG D 485 20.23 7.30 -29.03
C ARG D 485 20.34 6.47 -30.29
N SER D 486 21.35 5.63 -30.38
CA SER D 486 21.30 4.48 -31.26
C SER D 486 20.44 3.37 -30.68
N GLU D 487 19.68 3.68 -29.64
CA GLU D 487 18.80 2.74 -28.99
C GLU D 487 17.42 3.30 -28.71
N LEU D 488 17.12 4.52 -29.15
CA LEU D 488 15.84 5.12 -28.80
C LEU D 488 15.22 5.85 -29.98
N TYR D 489 15.70 5.62 -31.20
CA TYR D 489 15.07 6.24 -32.35
C TYR D 489 13.62 5.85 -32.45
N LYS D 490 13.32 4.66 -31.95
CA LYS D 490 11.96 4.15 -31.88
C LYS D 490 11.13 4.95 -30.90
N TYR D 491 11.54 4.92 -29.63
CA TYR D 491 10.79 5.47 -28.52
C TYR D 491 10.46 6.93 -28.72
N LYS D 492 9.18 7.22 -28.93
CA LYS D 492 8.66 8.57 -28.97
C LYS D 492 7.54 8.63 -27.93
N VAL D 493 7.77 9.32 -26.81
CA VAL D 493 6.78 9.36 -25.74
C VAL D 493 5.68 10.32 -26.14
N VAL D 494 4.45 9.94 -25.88
CA VAL D 494 3.34 10.81 -26.21
C VAL D 494 2.30 10.69 -25.11
N GLU D 495 1.49 11.72 -24.95
CA GLU D 495 0.34 11.60 -24.05
C GLU D 495 -0.73 10.86 -24.81
N ILE D 496 -1.91 10.75 -24.27
CA ILE D 496 -3.04 10.42 -25.10
C ILE D 496 -3.82 11.69 -25.34
N LYS D 497 -4.43 11.80 -26.49
CA LYS D 497 -5.31 12.95 -26.63
C LYS D 497 -6.67 12.35 -26.93
N PRO D 498 -7.13 11.51 -26.05
CA PRO D 498 -8.21 10.60 -26.38
C PRO D 498 -9.51 11.33 -26.62
N LEU D 499 -9.51 12.63 -26.40
CA LEU D 499 -10.61 13.44 -26.84
C LEU D 499 -10.36 13.78 -28.29
N GLY D 500 -11.31 13.48 -29.13
CA GLY D 500 -11.08 13.64 -30.54
C GLY D 500 -12.24 14.38 -31.14
N VAL D 501 -11.97 15.04 -32.25
CA VAL D 501 -12.95 15.82 -32.97
C VAL D 501 -13.08 15.23 -34.37
N ALA D 502 -14.27 15.33 -34.92
CA ALA D 502 -14.55 14.82 -36.25
C ALA D 502 -15.85 15.48 -36.73
N PRO D 503 -16.11 15.43 -38.03
CA PRO D 503 -17.39 15.93 -38.53
C PRO D 503 -18.45 14.84 -38.63
N THR D 504 -19.70 15.30 -38.49
CA THR D 504 -20.95 14.56 -38.61
C THR D 504 -21.98 15.54 -39.13
N ALA D 505 -23.25 15.23 -38.90
CA ALA D 505 -24.33 16.15 -39.21
C ALA D 505 -25.17 16.35 -37.96
N CYS D 506 -24.51 16.57 -36.84
CA CYS D 506 -25.13 16.49 -35.53
C CYS D 506 -25.32 17.90 -34.97
N LYS D 507 -26.57 18.23 -34.61
CA LYS D 507 -26.94 19.54 -34.09
C LYS D 507 -28.23 19.38 -33.31
N ARG D 508 -28.54 20.34 -32.44
CA ARG D 508 -29.57 20.11 -31.42
C ARG D 508 -30.90 20.76 -31.78
N ARG D 509 -31.86 20.55 -30.89
CA ARG D 509 -33.21 21.10 -31.01
C ARG D 509 -33.21 22.58 -30.66
N VAL D 510 -34.05 23.35 -31.35
CA VAL D 510 -34.11 24.79 -31.17
C VAL D 510 -35.43 25.23 -30.54
N GLY E 5 -3.95 -0.66 -25.25
CA GLY E 5 -3.43 0.66 -25.50
C GLY E 5 -2.20 1.02 -24.68
N ALA E 6 -1.44 -0.01 -24.28
CA ALA E 6 -0.17 -0.02 -23.59
C ALA E 6 -0.29 0.17 -22.10
N VAL E 7 -1.49 0.39 -21.56
CA VAL E 7 -1.67 0.77 -20.16
C VAL E 7 -3.10 0.42 -19.78
N PHE E 8 -3.40 0.45 -18.48
CA PHE E 8 -4.77 0.28 -18.01
C PHE E 8 -5.76 1.12 -18.80
N LEU E 9 -5.30 2.25 -19.35
CA LEU E 9 -6.09 3.18 -20.13
C LEU E 9 -5.55 3.23 -21.56
N GLY E 10 -6.11 4.13 -22.37
CA GLY E 10 -5.88 4.04 -23.81
C GLY E 10 -6.43 2.73 -24.31
N PHE E 11 -7.47 2.23 -23.65
CA PHE E 11 -7.95 0.86 -23.75
C PHE E 11 -9.03 0.68 -24.82
N LEU E 12 -9.22 1.67 -25.69
CA LEU E 12 -10.25 1.64 -26.73
C LEU E 12 -9.61 1.58 -28.10
N GLY E 13 -8.54 0.81 -28.23
CA GLY E 13 -7.93 0.64 -29.53
C GLY E 13 -6.47 0.31 -29.40
N VAL E 14 -5.87 0.03 -30.55
CA VAL E 14 -4.47 -0.31 -30.69
C VAL E 14 -3.82 0.66 -31.66
N ALA E 15 -2.58 1.02 -31.35
CA ALA E 15 -1.86 2.00 -32.14
C ALA E 15 -1.56 1.47 -33.53
N GLY E 16 -1.62 2.38 -34.50
CA GLY E 16 -1.48 2.01 -35.88
C GLY E 16 -2.78 1.60 -36.49
N SER E 17 -3.56 0.83 -35.78
CA SER E 17 -4.95 0.67 -36.16
C SER E 17 -5.57 2.03 -36.31
N THR E 18 -6.12 2.29 -37.48
CA THR E 18 -6.72 3.59 -37.74
C THR E 18 -7.99 3.71 -36.93
N MET E 19 -8.72 4.79 -37.14
CA MET E 19 -9.80 5.17 -36.23
C MET E 19 -10.83 4.07 -36.07
N GLY E 20 -11.50 3.68 -37.17
CA GLY E 20 -12.58 2.71 -37.06
C GLY E 20 -12.22 1.50 -36.22
N ALA E 21 -10.98 1.04 -36.34
CA ALA E 21 -10.52 -0.08 -35.54
C ALA E 21 -10.67 0.20 -34.05
N ALA E 22 -10.08 1.30 -33.58
CA ALA E 22 -10.15 1.62 -32.16
C ALA E 22 -11.59 1.89 -31.73
N SER E 23 -12.32 2.67 -32.55
CA SER E 23 -13.70 3.00 -32.25
C SER E 23 -14.54 1.76 -32.02
N MET E 24 -14.28 0.70 -32.78
CA MET E 24 -15.07 -0.49 -32.56
C MET E 24 -14.50 -1.35 -31.44
N THR E 25 -13.19 -1.33 -31.23
CA THR E 25 -12.63 -2.07 -30.10
C THR E 25 -13.13 -1.52 -28.78
N LEU E 26 -13.68 -0.31 -28.78
CA LEU E 26 -14.47 0.16 -27.64
C LEU E 26 -15.41 -0.93 -27.12
N THR E 27 -16.35 -1.33 -27.96
CA THR E 27 -17.45 -2.16 -27.51
C THR E 27 -16.94 -3.54 -27.17
N VAL E 28 -15.86 -3.98 -27.82
CA VAL E 28 -15.36 -5.31 -27.51
C VAL E 28 -14.49 -5.29 -26.26
N GLN E 29 -13.86 -4.16 -25.92
CA GLN E 29 -13.29 -4.04 -24.59
C GLN E 29 -14.38 -4.21 -23.55
N ALA E 30 -15.50 -3.53 -23.77
CA ALA E 30 -16.67 -3.74 -22.93
C ALA E 30 -17.01 -5.22 -22.81
N ARG E 31 -17.30 -5.83 -23.96
CA ARG E 31 -17.79 -7.20 -23.99
C ARG E 31 -16.75 -8.22 -23.56
N GLN E 32 -15.47 -7.86 -23.55
CA GLN E 32 -14.45 -8.79 -23.13
C GLN E 32 -14.21 -8.72 -21.63
N LEU E 33 -14.42 -7.55 -21.02
CA LEU E 33 -14.31 -7.47 -19.57
C LEU E 33 -15.66 -7.44 -18.87
N LEU E 34 -16.75 -7.81 -19.56
CA LEU E 34 -18.07 -7.77 -18.91
C LEU E 34 -18.32 -8.98 -18.02
N SER E 35 -18.18 -10.19 -18.56
CA SER E 35 -18.68 -11.36 -17.83
C SER E 35 -17.81 -11.66 -16.61
N GLY E 36 -16.50 -11.66 -16.77
CA GLY E 36 -15.63 -12.11 -15.70
C GLY E 36 -15.78 -13.59 -15.45
N ILE E 37 -16.58 -14.27 -16.28
CA ILE E 37 -16.82 -15.70 -16.18
C ILE E 37 -15.89 -16.44 -17.13
N GLN E 52 9.12 -16.01 -6.18
CA GLN E 52 9.92 -15.11 -5.36
C GLN E 52 9.14 -13.85 -4.96
N HIS E 53 9.29 -13.45 -3.71
CA HIS E 53 8.73 -12.18 -3.22
C HIS E 53 9.65 -11.63 -2.15
N LEU E 54 10.39 -10.57 -2.48
CA LEU E 54 11.49 -10.09 -1.66
C LEU E 54 10.99 -9.19 -0.54
N LEU E 55 11.81 -9.10 0.52
CA LEU E 55 11.47 -8.25 1.65
C LEU E 55 11.32 -6.78 1.25
N GLN E 56 11.87 -6.40 0.10
CA GLN E 56 11.69 -5.06 -0.43
C GLN E 56 10.92 -5.05 -1.74
N LEU E 57 10.25 -6.15 -2.08
CA LEU E 57 9.17 -6.10 -3.06
C LEU E 57 8.11 -5.09 -2.64
N THR E 58 8.07 -4.79 -1.34
CA THR E 58 7.26 -3.72 -0.80
C THR E 58 7.28 -2.50 -1.71
N VAL E 59 8.49 -1.98 -1.97
CA VAL E 59 8.62 -0.70 -2.66
C VAL E 59 8.17 -0.80 -4.11
N TRP E 60 8.32 -1.96 -4.74
CA TRP E 60 7.84 -2.10 -6.11
C TRP E 60 6.32 -2.12 -6.12
N GLY E 61 5.72 -2.94 -5.28
CA GLY E 61 4.28 -2.85 -5.10
C GLY E 61 3.85 -1.41 -4.91
N ILE E 62 4.53 -0.72 -4.00
CA ILE E 62 4.27 0.68 -3.72
C ILE E 62 4.23 1.48 -5.02
N LYS E 63 5.35 1.49 -5.73
CA LYS E 63 5.39 2.25 -6.97
C LYS E 63 4.37 1.72 -7.95
N GLN E 64 4.11 0.41 -7.91
CA GLN E 64 3.05 -0.16 -8.71
C GLN E 64 1.71 0.47 -8.36
N LEU E 65 1.54 0.86 -7.11
CA LEU E 65 0.25 1.37 -6.70
C LEU E 65 -0.10 2.61 -7.47
N GLN E 66 0.69 3.66 -7.29
CA GLN E 66 0.35 4.98 -7.79
C GLN E 66 -0.34 4.88 -9.12
N THR E 67 0.37 4.32 -10.08
CA THR E 67 -0.05 4.19 -11.45
C THR E 67 -1.53 3.90 -11.58
N ARG E 68 -1.99 2.90 -10.85
CA ARG E 68 -3.39 2.49 -10.97
C ARG E 68 -4.31 3.57 -10.44
N VAL E 69 -3.97 4.12 -9.28
CA VAL E 69 -4.75 5.22 -8.76
C VAL E 69 -4.81 6.32 -9.80
N LEU E 70 -3.64 6.84 -10.19
CA LEU E 70 -3.49 7.94 -11.11
C LEU E 70 -4.25 7.66 -12.39
N ALA E 71 -4.29 6.40 -12.75
CA ALA E 71 -5.09 5.97 -13.87
C ALA E 71 -6.53 6.34 -13.62
N ILE E 72 -7.09 5.84 -12.54
CA ILE E 72 -8.45 6.27 -12.22
C ILE E 72 -8.51 7.77 -12.04
N GLU E 73 -7.45 8.38 -11.54
CA GLU E 73 -7.53 9.76 -11.13
C GLU E 73 -7.68 10.64 -12.34
N ARG E 74 -6.73 10.54 -13.24
CA ARG E 74 -6.84 11.18 -14.55
C ARG E 74 -8.09 10.73 -15.26
N TYR E 75 -8.34 9.43 -15.18
CA TYR E 75 -9.48 8.77 -15.74
C TYR E 75 -10.65 9.66 -15.48
N LEU E 76 -11.01 9.77 -14.23
CA LEU E 76 -12.05 10.70 -13.86
C LEU E 76 -11.66 12.08 -14.30
N LYS E 77 -10.52 12.55 -13.85
CA LYS E 77 -10.13 13.94 -13.82
C LYS E 77 -10.63 14.65 -15.06
N ASP E 78 -10.70 13.93 -16.17
CA ASP E 78 -11.37 14.57 -17.29
C ASP E 78 -12.52 13.71 -17.79
N GLN E 79 -12.38 12.41 -17.67
CA GLN E 79 -13.55 11.55 -17.69
C GLN E 79 -14.60 12.22 -16.83
N GLN E 80 -14.16 12.81 -15.72
CA GLN E 80 -15.00 13.79 -15.05
C GLN E 80 -15.30 14.95 -15.97
N LEU E 81 -14.28 15.71 -16.35
CA LEU E 81 -14.70 16.94 -16.99
C LEU E 81 -15.18 16.73 -18.41
N LEU E 82 -15.48 15.50 -18.79
CA LEU E 82 -16.43 15.39 -19.88
C LEU E 82 -17.76 15.92 -19.34
N GLY E 83 -17.78 16.25 -18.05
CA GLY E 83 -18.94 16.85 -17.41
C GLY E 83 -19.45 18.07 -18.14
N ILE E 84 -18.69 19.17 -18.10
CA ILE E 84 -19.06 20.35 -18.86
C ILE E 84 -19.18 20.05 -20.34
N TRP E 85 -18.64 18.91 -20.77
CA TRP E 85 -18.80 18.45 -22.14
C TRP E 85 -20.05 17.59 -22.31
N GLY E 86 -20.82 17.39 -21.24
CA GLY E 86 -22.10 16.73 -21.33
C GLY E 86 -22.06 15.24 -21.52
N CYS E 87 -20.89 14.61 -21.53
CA CYS E 87 -20.88 13.15 -21.50
C CYS E 87 -19.79 12.62 -20.58
N SER E 88 -19.71 13.09 -19.33
CA SER E 88 -18.71 12.52 -18.41
C SER E 88 -19.01 11.06 -18.10
N GLY E 89 -18.04 10.38 -17.50
CA GLY E 89 -18.29 9.02 -17.09
C GLY E 89 -18.20 8.01 -18.22
N LYS E 90 -18.85 8.32 -19.35
CA LYS E 90 -19.03 7.39 -20.45
C LYS E 90 -17.74 7.21 -21.21
N LEU E 91 -17.83 6.66 -22.42
CA LEU E 91 -16.68 6.50 -23.29
C LEU E 91 -16.85 7.10 -24.67
N ILE E 92 -18.05 7.55 -25.04
CA ILE E 92 -18.36 7.95 -26.41
C ILE E 92 -19.26 9.17 -26.43
N CYS E 93 -18.75 10.31 -26.88
CA CYS E 93 -19.66 11.43 -27.06
C CYS E 93 -20.20 11.46 -28.48
N CYS E 94 -21.30 12.18 -28.65
CA CYS E 94 -21.60 12.87 -29.91
C CYS E 94 -22.00 14.29 -29.55
N THR E 95 -21.26 15.25 -30.07
CA THR E 95 -21.48 16.64 -29.71
C THR E 95 -22.67 17.20 -30.49
N ALA E 96 -22.79 18.52 -30.51
CA ALA E 96 -23.89 19.17 -31.21
C ALA E 96 -23.44 20.42 -31.93
N VAL E 97 -22.24 20.42 -32.49
CA VAL E 97 -21.67 21.66 -33.02
C VAL E 97 -21.58 21.58 -34.54
N PRO E 98 -21.58 22.72 -35.24
CA PRO E 98 -21.36 22.71 -36.70
C PRO E 98 -19.87 22.65 -37.01
N TRP E 99 -19.48 21.66 -37.79
CA TRP E 99 -18.07 21.46 -38.11
C TRP E 99 -17.56 22.56 -39.04
N ASN E 100 -16.28 22.83 -38.93
CA ASN E 100 -15.60 23.77 -39.79
C ASN E 100 -14.73 22.97 -40.74
N SER E 101 -15.20 22.82 -41.99
CA SER E 101 -14.42 22.14 -43.01
C SER E 101 -12.99 22.67 -43.06
N SER E 102 -12.79 23.92 -42.64
CA SER E 102 -11.46 24.47 -42.42
C SER E 102 -10.65 23.67 -41.41
N TRP E 103 -11.29 22.77 -40.66
CA TRP E 103 -10.54 22.06 -39.62
C TRP E 103 -9.92 20.78 -40.15
N SER E 104 -10.70 19.92 -40.77
CA SER E 104 -10.06 18.76 -41.36
C SER E 104 -10.50 18.50 -42.79
N ASN E 105 -11.77 18.74 -43.12
CA ASN E 105 -12.32 18.53 -44.46
C ASN E 105 -12.04 17.10 -44.95
N LYS E 106 -12.58 16.14 -44.19
CA LYS E 106 -12.45 14.72 -44.52
C LYS E 106 -13.75 14.02 -44.16
N SER E 107 -14.00 12.89 -44.80
CA SER E 107 -15.22 12.13 -44.61
C SER E 107 -14.88 10.75 -44.08
N GLN E 108 -15.81 10.17 -43.31
CA GLN E 108 -15.57 8.99 -42.47
C GLN E 108 -14.75 7.92 -43.17
N LYS E 109 -14.92 7.80 -44.49
CA LYS E 109 -14.28 6.72 -45.24
C LYS E 109 -12.78 6.72 -45.05
N GLU E 110 -12.10 7.74 -45.57
CA GLU E 110 -10.67 7.86 -45.33
C GLU E 110 -10.38 8.14 -43.86
N ILE E 111 -11.26 8.88 -43.20
CA ILE E 111 -11.02 9.29 -41.81
C ILE E 111 -10.71 8.08 -40.95
N TRP E 112 -11.66 7.15 -40.87
CA TRP E 112 -11.56 6.05 -39.92
C TRP E 112 -10.54 5.02 -40.37
N ASP E 113 -10.32 4.91 -41.68
CA ASP E 113 -9.41 3.92 -42.22
C ASP E 113 -8.00 4.44 -42.39
N ASN E 114 -7.76 5.72 -42.14
CA ASN E 114 -6.45 6.29 -42.40
C ASN E 114 -6.10 7.30 -41.33
N MET E 115 -4.88 7.80 -41.40
CA MET E 115 -4.33 8.64 -40.36
C MET E 115 -4.51 7.96 -39.00
N THR E 116 -3.78 6.86 -38.85
CA THR E 116 -3.77 6.10 -37.60
C THR E 116 -3.59 7.07 -36.44
N TRP E 117 -4.66 7.29 -35.67
CA TRP E 117 -4.96 8.59 -35.06
C TRP E 117 -3.74 9.43 -34.70
N MET E 118 -2.72 8.79 -34.11
CA MET E 118 -1.57 9.54 -33.62
C MET E 118 -1.11 10.54 -34.65
N GLN E 119 -1.13 10.13 -35.92
CA GLN E 119 -0.95 11.01 -37.06
C GLN E 119 -2.25 11.58 -37.58
N TRP E 120 -3.34 11.42 -36.85
CA TRP E 120 -4.56 12.09 -37.25
C TRP E 120 -4.69 13.44 -36.61
N ASP E 121 -4.56 13.49 -35.29
CA ASP E 121 -4.93 14.72 -34.60
C ASP E 121 -3.90 15.82 -34.80
N LYS E 122 -2.66 15.43 -35.09
CA LYS E 122 -1.66 16.44 -35.46
C LYS E 122 -2.13 17.27 -36.63
N GLU E 123 -2.92 16.68 -37.54
CA GLU E 123 -3.53 17.46 -38.59
C GLU E 123 -4.39 18.58 -38.03
N ILE E 124 -4.88 18.44 -36.80
CA ILE E 124 -5.70 19.49 -36.22
C ILE E 124 -5.14 19.90 -34.86
N SER E 125 -3.81 19.86 -34.72
CA SER E 125 -3.16 20.15 -33.46
C SER E 125 -3.51 21.52 -32.87
N ASN E 126 -4.22 22.35 -33.63
CA ASN E 126 -4.54 23.70 -33.19
C ASN E 126 -5.98 23.86 -32.72
N TYR E 127 -6.95 23.24 -33.40
CA TYR E 127 -8.33 23.36 -32.94
C TYR E 127 -8.57 22.65 -31.61
N THR E 128 -7.50 22.10 -31.02
CA THR E 128 -7.58 21.37 -29.76
C THR E 128 -8.48 22.05 -28.74
N ASN E 129 -8.39 23.37 -28.64
CA ASN E 129 -9.20 24.08 -27.66
C ASN E 129 -10.36 24.82 -28.27
N THR E 130 -10.33 25.10 -29.59
CA THR E 130 -11.50 25.66 -30.25
C THR E 130 -12.68 24.71 -30.15
N ILE E 131 -12.42 23.42 -30.21
CA ILE E 131 -13.53 22.49 -30.11
C ILE E 131 -14.10 22.48 -28.69
N TYR E 132 -13.24 22.52 -27.67
CA TYR E 132 -13.73 22.59 -26.30
C TYR E 132 -14.55 23.86 -26.10
N LYS E 133 -14.04 24.98 -26.59
CA LYS E 133 -14.78 26.21 -26.81
C LYS E 133 -16.20 25.97 -27.30
N LEU E 134 -16.33 25.53 -28.54
CA LEU E 134 -17.66 25.39 -29.14
C LEU E 134 -18.52 24.38 -28.38
N LEU E 135 -17.90 23.37 -27.76
CA LEU E 135 -18.66 22.30 -27.12
C LEU E 135 -19.28 22.77 -25.81
N GLU E 136 -18.47 23.29 -24.90
CA GLU E 136 -19.02 23.88 -23.69
C GLU E 136 -19.97 25.02 -24.05
N ASP E 137 -19.72 25.67 -25.19
CA ASP E 137 -20.58 26.75 -25.64
C ASP E 137 -21.98 26.23 -25.95
N SER E 138 -22.06 25.11 -26.68
CA SER E 138 -23.36 24.51 -26.98
C SER E 138 -24.00 23.91 -25.73
N GLN E 139 -23.20 23.49 -24.76
CA GLN E 139 -23.78 23.08 -23.47
C GLN E 139 -24.52 24.24 -22.83
N ASN E 140 -23.89 25.40 -22.80
CA ASN E 140 -24.55 26.58 -22.26
C ASN E 140 -25.71 27.01 -23.15
N GLN E 141 -25.60 26.77 -24.45
CA GLN E 141 -26.71 26.94 -25.38
C GLN E 141 -27.92 26.11 -24.97
N GLN E 142 -27.68 24.85 -24.60
CA GLN E 142 -28.78 24.01 -24.12
C GLN E 142 -29.38 24.58 -22.85
N GLU E 143 -28.54 25.03 -21.93
CA GLU E 143 -29.08 25.60 -20.69
C GLU E 143 -29.98 26.80 -21.01
N SER E 144 -29.54 27.64 -21.95
CA SER E 144 -30.31 28.81 -22.37
C SER E 144 -31.64 28.40 -22.99
N ASN E 145 -31.65 27.39 -23.85
CA ASN E 145 -32.92 26.95 -24.45
C ASN E 145 -33.82 26.27 -23.43
N GLU E 146 -33.25 25.52 -22.48
CA GLU E 146 -34.07 24.96 -21.42
C GLU E 146 -34.82 26.07 -20.69
N LYS E 147 -34.14 27.14 -20.32
CA LYS E 147 -34.90 28.24 -19.71
C LYS E 147 -35.88 28.93 -20.65
N ASP E 148 -35.49 29.14 -21.91
CA ASP E 148 -36.45 29.74 -22.83
C ASP E 148 -37.73 28.93 -22.86
N LEU E 149 -37.58 27.60 -22.94
CA LEU E 149 -38.71 26.68 -23.04
C LEU E 149 -39.50 26.65 -21.75
N LEU E 150 -38.83 26.87 -20.61
CA LEU E 150 -39.50 26.82 -19.33
C LEU E 150 -40.10 28.16 -18.92
N ALA E 151 -39.87 29.22 -19.70
CA ALA E 151 -40.35 30.55 -19.32
C ALA E 151 -41.88 30.65 -19.29
N LEU E 152 -42.60 29.67 -19.84
CA LEU E 152 -44.05 29.66 -19.84
C LEU E 152 -44.62 28.56 -18.97
N ASP E 153 -44.12 27.33 -19.11
CA ASP E 153 -44.55 26.22 -18.28
C ASP E 153 -43.38 25.29 -17.96
N LYS F 26 34.63 23.00 -45.23
CA LYS F 26 33.18 23.14 -45.21
C LYS F 26 32.82 24.62 -45.20
N LYS F 27 31.57 24.97 -45.55
CA LYS F 27 31.20 26.37 -45.73
C LYS F 27 31.29 27.11 -44.41
N VAL F 28 32.28 27.98 -44.30
CA VAL F 28 32.51 28.79 -43.13
C VAL F 28 31.89 30.15 -43.34
N VAL F 29 31.74 30.92 -42.26
CA VAL F 29 31.64 32.36 -42.35
C VAL F 29 32.62 32.95 -41.35
N LEU F 30 32.83 34.26 -41.44
CA LEU F 30 33.74 34.94 -40.53
C LEU F 30 33.18 36.29 -40.17
N GLY F 31 33.64 36.82 -39.06
CA GLY F 31 33.15 38.07 -38.55
C GLY F 31 34.29 38.92 -38.05
N LYS F 32 33.98 40.02 -37.38
CA LYS F 32 35.02 40.98 -37.03
C LYS F 32 34.89 41.52 -35.62
N LYS F 33 34.17 40.85 -34.72
CA LYS F 33 33.97 41.33 -33.36
C LYS F 33 33.46 42.77 -33.36
N GLY F 34 32.25 42.92 -33.88
CA GLY F 34 31.64 44.23 -34.00
C GLY F 34 30.74 44.31 -35.21
N ASP F 35 30.92 43.38 -36.13
CA ASP F 35 30.08 43.31 -37.31
C ASP F 35 28.86 42.45 -37.07
N THR F 36 28.12 42.20 -38.12
CA THR F 36 27.08 41.20 -38.21
C THR F 36 27.63 40.03 -39.05
N VAL F 37 26.79 39.11 -39.45
CA VAL F 37 27.17 38.11 -40.45
C VAL F 37 25.88 37.52 -41.02
N GLU F 38 25.97 36.77 -42.12
CA GLU F 38 24.82 36.13 -42.74
C GLU F 38 25.02 34.62 -42.81
N LEU F 39 23.95 33.87 -42.58
CA LEU F 39 23.99 32.42 -42.62
C LEU F 39 22.78 31.92 -43.40
N THR F 40 22.98 30.94 -44.26
CA THR F 40 22.01 30.60 -45.30
C THR F 40 21.28 29.30 -45.04
N CYS F 41 20.00 29.26 -45.43
CA CYS F 41 19.18 28.07 -45.37
C CYS F 41 18.39 27.94 -46.67
N THR F 42 18.51 26.78 -47.32
CA THR F 42 17.87 26.52 -48.61
C THR F 42 16.59 25.72 -48.42
N ALA F 43 15.68 25.86 -49.39
CA ALA F 43 14.43 25.11 -49.40
C ALA F 43 13.91 25.03 -50.82
N SER F 44 13.52 23.83 -51.23
CA SER F 44 13.13 23.58 -52.61
C SER F 44 11.67 23.91 -52.88
N GLN F 45 10.77 23.68 -51.92
CA GLN F 45 9.39 24.07 -52.13
C GLN F 45 9.21 25.58 -52.23
N LYS F 46 10.17 26.36 -51.75
CA LYS F 46 10.17 27.81 -51.98
C LYS F 46 8.95 28.45 -51.33
N LYS F 47 8.59 27.94 -50.15
CA LYS F 47 7.21 27.99 -49.69
C LYS F 47 7.03 28.47 -48.26
N SER F 48 8.12 28.77 -47.55
CA SER F 48 8.09 29.04 -46.11
C SER F 48 7.59 27.82 -45.34
N ILE F 49 8.42 26.77 -45.36
CA ILE F 49 8.17 25.59 -44.57
C ILE F 49 9.08 25.59 -43.34
N GLN F 50 8.89 24.63 -42.44
CA GLN F 50 9.41 24.76 -41.10
C GLN F 50 10.92 24.63 -41.06
N PHE F 51 11.63 25.71 -40.72
CA PHE F 51 13.06 25.63 -40.49
C PHE F 51 13.36 26.00 -39.05
N HIS F 52 14.45 25.44 -38.50
CA HIS F 52 14.93 25.86 -37.19
C HIS F 52 16.44 26.01 -37.22
N TRP F 53 16.94 27.05 -36.56
CA TRP F 53 18.37 27.30 -36.47
C TRP F 53 18.84 26.85 -35.09
N LYS F 54 19.80 25.92 -35.08
CA LYS F 54 20.19 25.28 -33.84
C LYS F 54 21.68 24.98 -33.85
N ASN F 55 22.37 25.31 -32.77
CA ASN F 55 23.83 25.19 -32.76
C ASN F 55 24.28 23.74 -32.60
N SER F 56 25.54 23.55 -32.25
CA SER F 56 26.20 22.26 -32.38
C SER F 56 25.42 21.15 -31.70
N ASN F 57 25.28 21.24 -30.38
CA ASN F 57 24.52 20.28 -29.58
C ASN F 57 23.04 20.64 -29.48
N GLN F 58 22.52 21.34 -30.47
CA GLN F 58 21.09 21.45 -30.74
C GLN F 58 20.29 22.13 -29.65
N ILE F 59 20.72 23.32 -29.24
CA ILE F 59 19.81 24.23 -28.54
C ILE F 59 18.97 24.82 -29.65
N LYS F 60 17.82 25.37 -29.35
CA LYS F 60 17.03 26.07 -30.37
C LYS F 60 17.47 27.54 -30.40
N ILE F 61 17.71 28.06 -31.60
CA ILE F 61 18.19 29.44 -31.71
C ILE F 61 17.20 30.28 -32.51
N LEU F 62 16.96 29.91 -33.77
CA LEU F 62 15.95 30.56 -34.58
C LEU F 62 15.13 29.53 -35.32
N GLY F 63 13.81 29.65 -35.26
CA GLY F 63 12.99 28.65 -35.90
C GLY F 63 11.71 29.14 -36.54
N ASN F 64 11.52 28.79 -37.80
CA ASN F 64 10.21 28.97 -38.43
C ASN F 64 9.24 28.02 -37.77
N GLN F 65 8.27 28.55 -37.07
CA GLN F 65 7.14 27.74 -36.66
C GLN F 65 5.97 28.17 -37.53
N GLY F 66 5.81 27.53 -38.67
CA GLY F 66 4.79 27.97 -39.59
C GLY F 66 5.10 29.34 -40.15
N SER F 67 4.43 30.36 -39.64
CA SER F 67 4.63 31.73 -40.10
C SER F 67 5.23 32.60 -39.00
N PHE F 68 6.14 32.05 -38.21
CA PHE F 68 6.59 32.63 -36.96
C PHE F 68 8.02 32.20 -36.65
N LEU F 69 8.68 32.97 -35.79
CA LEU F 69 10.10 32.79 -35.48
C LEU F 69 10.27 32.58 -33.98
N THR F 70 10.68 31.36 -33.60
CA THR F 70 10.85 30.99 -32.19
C THR F 70 12.23 31.38 -31.73
N LYS F 71 12.36 32.56 -31.12
CA LYS F 71 13.67 32.97 -30.63
C LYS F 71 14.08 31.98 -29.55
N GLY F 72 14.98 31.08 -29.90
CA GLY F 72 15.28 29.94 -29.07
C GLY F 72 15.88 30.35 -27.74
N PRO F 73 16.03 29.39 -26.86
CA PRO F 73 16.60 29.63 -25.52
C PRO F 73 18.12 29.45 -25.49
N SER F 74 18.86 30.43 -26.00
CA SER F 74 20.30 30.27 -26.08
C SER F 74 21.01 31.50 -25.55
N LYS F 75 22.32 31.48 -25.73
CA LYS F 75 23.16 32.67 -25.67
C LYS F 75 22.62 33.77 -26.56
N LEU F 76 21.88 33.40 -27.60
CA LEU F 76 21.36 34.33 -28.61
C LEU F 76 19.88 34.60 -28.44
N ASN F 77 19.41 34.68 -27.20
CA ASN F 77 18.06 35.19 -26.96
C ASN F 77 18.03 36.71 -27.12
N ASP F 78 19.18 37.36 -27.22
CA ASP F 78 19.23 38.80 -27.35
C ASP F 78 19.68 39.31 -28.71
N ARG F 79 20.30 38.47 -29.54
CA ARG F 79 20.91 38.98 -30.76
C ARG F 79 20.27 38.47 -32.04
N ALA F 80 20.26 37.15 -32.26
CA ALA F 80 20.11 36.62 -33.61
C ALA F 80 18.81 37.08 -34.25
N ASP F 81 18.75 36.96 -35.57
CA ASP F 81 17.61 37.42 -36.36
C ASP F 81 17.70 36.82 -37.75
N SER F 82 16.85 37.32 -38.64
CA SER F 82 16.72 36.81 -39.99
C SER F 82 15.92 37.80 -40.79
N ARG F 83 16.26 37.91 -42.07
CA ARG F 83 15.36 38.61 -42.96
C ARG F 83 14.07 37.81 -43.01
N ARG F 84 12.96 38.45 -42.66
CA ARG F 84 11.72 37.69 -42.48
C ARG F 84 10.96 37.49 -43.78
N SER F 85 10.99 38.47 -44.67
CA SER F 85 10.22 38.40 -45.90
C SER F 85 10.62 37.18 -46.71
N LEU F 86 11.92 36.87 -46.75
CA LEU F 86 12.48 35.91 -47.68
C LEU F 86 11.88 34.52 -47.56
N TRP F 87 11.17 34.24 -46.48
CA TRP F 87 10.78 32.86 -46.20
C TRP F 87 9.84 32.32 -47.27
N ASP F 88 8.86 33.13 -47.66
CA ASP F 88 7.90 32.79 -48.70
C ASP F 88 8.58 32.59 -50.04
N GLN F 89 9.90 32.65 -50.03
CA GLN F 89 10.75 32.27 -51.15
C GLN F 89 11.50 30.98 -50.89
N GLY F 90 11.50 30.48 -49.66
CA GLY F 90 12.27 29.29 -49.39
C GLY F 90 13.74 29.54 -49.12
N ASN F 91 14.12 30.78 -48.90
CA ASN F 91 15.48 31.09 -48.49
C ASN F 91 15.41 31.70 -47.11
N PHE F 92 15.90 30.96 -46.11
CA PHE F 92 15.79 31.38 -44.73
C PHE F 92 17.16 31.77 -44.19
N PRO F 93 17.35 33.02 -43.87
CA PRO F 93 18.66 33.46 -43.37
C PRO F 93 18.78 33.44 -41.85
N LEU F 94 19.97 33.80 -41.34
CA LEU F 94 20.19 33.92 -39.90
C LEU F 94 21.41 34.79 -39.66
N ILE F 95 21.24 35.87 -38.92
CA ILE F 95 22.32 36.82 -38.66
C ILE F 95 22.65 36.77 -37.17
N ILE F 96 23.87 37.19 -36.84
CA ILE F 96 24.37 37.19 -35.45
C ILE F 96 24.92 38.59 -35.19
N LYS F 97 24.07 39.51 -34.75
CA LYS F 97 24.52 40.89 -34.73
C LYS F 97 25.43 41.16 -33.54
N ASN F 98 26.41 42.04 -33.74
CA ASN F 98 27.43 42.37 -32.75
C ASN F 98 28.17 41.14 -32.25
N LEU F 99 28.76 40.41 -33.19
CA LEU F 99 29.44 39.16 -32.86
C LEU F 99 30.50 39.37 -31.80
N LYS F 100 30.43 38.60 -30.72
CA LYS F 100 31.56 38.38 -29.84
C LYS F 100 31.99 36.93 -29.93
N ILE F 101 33.27 36.73 -29.65
CA ILE F 101 33.98 35.49 -29.98
C ILE F 101 33.23 34.25 -29.52
N GLU F 102 32.27 34.42 -28.60
CA GLU F 102 31.50 33.27 -28.15
C GLU F 102 30.36 32.92 -29.10
N ASP F 103 29.93 33.85 -29.93
CA ASP F 103 28.93 33.41 -30.88
C ASP F 103 29.51 32.57 -31.94
N SER F 104 30.79 32.25 -31.78
CA SER F 104 31.53 31.44 -32.74
C SER F 104 31.23 29.98 -32.50
N ASP F 105 30.46 29.38 -33.40
CA ASP F 105 30.06 28.00 -33.22
C ASP F 105 29.36 27.51 -34.49
N THR F 106 29.41 26.21 -34.76
CA THR F 106 28.63 25.69 -35.86
C THR F 106 27.15 25.96 -35.62
N TYR F 107 26.39 26.06 -36.69
CA TYR F 107 24.94 26.17 -36.55
C TYR F 107 24.31 25.05 -37.37
N ILE F 108 23.00 25.08 -37.58
CA ILE F 108 22.35 24.04 -38.38
C ILE F 108 20.98 24.53 -38.84
N CYS F 109 20.59 24.18 -40.05
CA CYS F 109 19.26 24.47 -40.55
C CYS F 109 18.66 23.22 -41.17
N GLU F 110 17.46 22.87 -40.70
CA GLU F 110 16.83 21.56 -40.89
C GLU F 110 15.48 21.73 -41.56
N VAL F 111 15.49 22.44 -42.68
CA VAL F 111 14.27 22.92 -43.30
C VAL F 111 13.27 21.78 -43.49
N GLU F 112 13.59 20.78 -44.30
CA GLU F 112 12.66 19.67 -44.45
C GLU F 112 13.27 18.32 -44.08
N ASP F 113 14.35 17.91 -44.74
CA ASP F 113 14.92 16.60 -44.44
C ASP F 113 16.44 16.64 -44.38
N GLN F 114 17.04 17.83 -44.47
CA GLN F 114 18.47 17.97 -44.36
C GLN F 114 18.79 19.16 -43.46
N LYS F 115 20.01 19.17 -42.93
CA LYS F 115 20.38 19.95 -41.74
C LYS F 115 21.57 20.86 -42.03
N GLU F 116 21.47 21.70 -43.05
CA GLU F 116 22.59 22.56 -43.45
C GLU F 116 23.23 23.26 -42.26
N GLU F 117 24.56 23.16 -42.21
CA GLU F 117 25.40 23.61 -41.11
C GLU F 117 26.25 24.77 -41.61
N VAL F 118 26.07 25.97 -41.06
CA VAL F 118 27.06 27.01 -41.29
C VAL F 118 28.12 26.78 -40.24
N GLN F 119 29.25 27.47 -40.34
CA GLN F 119 30.18 27.43 -39.22
C GLN F 119 30.82 28.81 -39.11
N LEU F 120 30.62 29.44 -37.97
CA LEU F 120 30.99 30.82 -37.76
C LEU F 120 32.11 30.85 -36.74
N LEU F 121 33.27 31.41 -37.13
CA LEU F 121 34.47 31.48 -36.30
C LEU F 121 34.85 32.95 -36.26
N VAL F 122 34.19 33.68 -35.44
CA VAL F 122 34.32 35.14 -35.46
C VAL F 122 35.40 35.56 -34.48
N PHE F 123 36.21 36.54 -34.86
CA PHE F 123 37.17 37.13 -33.94
C PHE F 123 37.18 38.64 -34.11
N GLY F 124 38.21 39.26 -33.55
CA GLY F 124 38.49 40.68 -33.58
C GLY F 124 39.95 40.85 -33.21
N LEU F 125 40.39 42.10 -33.16
CA LEU F 125 41.80 42.39 -32.97
C LEU F 125 41.98 43.82 -32.50
N THR F 126 43.11 44.07 -31.84
CA THR F 126 43.50 45.43 -31.49
C THR F 126 45.00 45.49 -31.32
N ALA F 127 45.50 46.71 -31.11
CA ALA F 127 46.89 46.97 -30.83
C ALA F 127 47.06 47.36 -29.36
N ASN F 128 48.30 47.39 -28.91
CA ASN F 128 48.54 47.73 -27.52
C ASN F 128 48.37 49.22 -27.27
N SER F 129 49.01 50.04 -28.10
CA SER F 129 48.99 51.48 -27.89
C SER F 129 47.57 52.01 -28.01
N ASP F 130 47.22 52.89 -27.09
CA ASP F 130 45.86 53.42 -26.94
C ASP F 130 45.72 54.85 -27.45
N THR F 131 46.53 55.79 -26.96
CA THR F 131 46.46 57.16 -27.45
C THR F 131 47.81 57.82 -27.68
N HIS F 132 48.92 57.26 -27.22
CA HIS F 132 50.17 58.00 -27.14
C HIS F 132 51.29 57.14 -27.72
N LEU F 133 51.97 57.65 -28.75
CA LEU F 133 53.13 56.97 -29.29
C LEU F 133 54.20 57.99 -29.67
N LEU F 134 55.42 57.50 -29.84
CA LEU F 134 56.55 58.33 -30.18
C LEU F 134 57.39 57.62 -31.25
N GLN F 135 58.27 58.40 -31.88
CA GLN F 135 58.97 57.95 -33.07
C GLN F 135 60.22 57.16 -32.69
N GLY F 136 60.34 55.96 -33.24
CA GLY F 136 61.37 55.02 -32.82
C GLY F 136 60.93 54.03 -31.77
N GLN F 137 59.70 54.15 -31.26
CA GLN F 137 59.14 53.26 -30.25
C GLN F 137 58.61 51.98 -30.88
N SER F 138 57.79 51.23 -30.15
CA SER F 138 57.25 49.97 -30.65
C SER F 138 55.77 49.83 -30.31
N LEU F 139 55.11 48.93 -31.05
CA LEU F 139 53.71 48.60 -30.84
C LEU F 139 53.51 47.12 -31.16
N THR F 140 52.53 46.51 -30.52
CA THR F 140 52.24 45.09 -30.73
C THR F 140 50.76 44.88 -31.00
N LEU F 141 50.41 43.62 -31.25
CA LEU F 141 49.09 43.24 -31.75
C LEU F 141 48.50 42.15 -30.87
N THR F 142 47.17 42.04 -30.94
CA THR F 142 46.47 40.99 -30.21
C THR F 142 45.22 40.63 -30.99
N LEU F 143 45.10 39.37 -31.39
CA LEU F 143 43.97 38.87 -32.16
C LEU F 143 43.20 37.86 -31.32
N GLU F 144 41.93 38.16 -31.04
CA GLU F 144 41.15 37.45 -30.02
C GLU F 144 40.41 36.28 -30.66
N SER F 145 41.17 35.28 -31.08
CA SER F 145 40.58 34.18 -31.83
C SER F 145 39.69 33.34 -30.92
N PRO F 146 38.70 32.66 -31.49
CA PRO F 146 37.94 31.68 -30.73
C PRO F 146 38.60 30.32 -30.79
N PRO F 147 38.35 29.46 -29.80
CA PRO F 147 39.14 28.22 -29.67
C PRO F 147 39.06 27.33 -30.89
N GLY F 148 40.16 26.64 -31.18
CA GLY F 148 40.21 25.71 -32.28
C GLY F 148 40.64 26.30 -33.60
N SER F 149 41.25 27.48 -33.60
CA SER F 149 41.60 28.19 -34.81
C SER F 149 43.10 28.21 -35.01
N SER F 150 43.53 27.96 -36.25
CA SER F 150 44.95 28.06 -36.63
C SER F 150 45.10 29.08 -37.76
N PRO F 151 44.90 30.36 -37.46
CA PRO F 151 44.97 31.39 -38.49
C PRO F 151 46.41 31.84 -38.73
N SER F 152 46.55 32.81 -39.63
CA SER F 152 47.85 33.42 -39.91
C SER F 152 47.62 34.89 -40.18
N VAL F 153 48.32 35.76 -39.47
CA VAL F 153 48.08 37.19 -39.53
C VAL F 153 49.04 37.81 -40.54
N GLN F 154 48.51 38.21 -41.69
CA GLN F 154 49.28 38.95 -42.68
C GLN F 154 48.84 40.41 -42.56
N CYS F 155 49.76 41.28 -42.17
CA CYS F 155 49.39 42.62 -41.72
C CYS F 155 50.14 43.65 -42.55
N ARG F 156 49.50 44.80 -42.76
CA ARG F 156 50.09 45.83 -43.61
C ARG F 156 50.24 47.16 -42.87
N SER F 157 50.80 48.12 -43.60
CA SER F 157 51.23 49.42 -43.09
C SER F 157 51.09 50.44 -44.20
N PRO F 158 50.96 51.71 -43.86
CA PRO F 158 51.08 52.76 -44.89
C PRO F 158 52.43 52.77 -45.56
N ARG F 159 53.47 52.26 -44.91
CA ARG F 159 54.81 52.24 -45.47
C ARG F 159 55.16 50.91 -46.13
N GLY F 160 54.22 49.97 -46.21
CA GLY F 160 54.50 48.68 -46.80
C GLY F 160 55.24 47.74 -45.88
N LYS F 161 54.93 47.78 -44.58
CA LYS F 161 55.56 46.91 -43.60
C LYS F 161 54.73 45.63 -43.54
N ASN F 162 55.05 44.68 -44.41
CA ASN F 162 54.35 43.40 -44.45
C ASN F 162 54.82 42.57 -43.26
N ILE F 163 54.16 42.77 -42.13
CA ILE F 163 54.53 42.05 -40.91
C ILE F 163 54.09 40.61 -41.06
N GLN F 164 55.03 39.73 -41.41
CA GLN F 164 54.78 38.34 -41.78
C GLN F 164 55.00 37.47 -40.56
N GLY F 165 53.91 36.90 -40.04
CA GLY F 165 54.01 36.01 -38.90
C GLY F 165 52.65 35.58 -38.41
N GLY F 166 52.64 35.02 -37.21
CA GLY F 166 51.42 34.53 -36.60
C GLY F 166 50.65 35.59 -35.85
N LYS F 167 50.22 35.26 -34.63
CA LYS F 167 49.44 36.17 -33.79
C LYS F 167 50.15 37.48 -33.51
N THR F 168 51.15 37.40 -32.65
CA THR F 168 51.72 38.57 -32.01
C THR F 168 52.69 39.24 -32.97
N LEU F 169 52.19 40.23 -33.70
CA LEU F 169 52.99 40.95 -34.68
C LEU F 169 53.53 42.21 -34.03
N SER F 170 54.85 42.40 -34.14
CA SER F 170 55.53 43.52 -33.53
C SER F 170 56.63 44.00 -34.46
N VAL F 171 57.03 45.24 -34.27
CA VAL F 171 58.13 45.84 -35.02
C VAL F 171 58.87 46.78 -34.08
N SER F 172 60.20 46.72 -34.11
CA SER F 172 61.02 47.58 -33.27
C SER F 172 61.18 48.99 -33.81
N GLN F 173 60.57 49.31 -34.95
CA GLN F 173 60.71 50.64 -35.54
C GLN F 173 59.32 51.22 -35.74
N LEU F 174 59.03 52.31 -35.05
CA LEU F 174 57.76 53.03 -35.21
C LEU F 174 58.06 54.50 -35.35
N GLU F 175 57.67 55.09 -36.48
CA GLU F 175 58.15 56.39 -36.89
C GLU F 175 56.98 57.30 -37.24
N LEU F 176 57.28 58.58 -37.46
CA LEU F 176 56.24 59.51 -37.90
C LEU F 176 55.71 59.12 -39.27
N GLN F 177 56.54 58.48 -40.09
CA GLN F 177 56.07 58.04 -41.40
C GLN F 177 55.12 56.87 -41.30
N ASP F 178 55.10 56.17 -40.16
CA ASP F 178 54.16 55.07 -39.95
C ASP F 178 52.75 55.55 -39.66
N SER F 179 52.52 56.86 -39.64
CA SER F 179 51.20 57.38 -39.37
C SER F 179 50.18 56.82 -40.36
N GLY F 180 48.92 56.90 -39.98
CA GLY F 180 47.89 56.26 -40.79
C GLY F 180 47.66 54.83 -40.37
N THR F 181 46.41 54.39 -40.53
CA THR F 181 46.03 53.08 -40.05
C THR F 181 46.70 51.97 -40.86
N TRP F 182 46.64 50.76 -40.33
CA TRP F 182 47.34 49.62 -40.90
C TRP F 182 46.35 48.52 -41.25
N THR F 183 46.33 48.15 -42.52
CA THR F 183 45.39 47.14 -43.04
C THR F 183 45.87 45.78 -42.59
N CYS F 184 45.37 45.32 -41.46
CA CYS F 184 45.77 44.05 -40.90
C CYS F 184 44.77 42.97 -41.30
N THR F 185 45.25 41.74 -41.46
CA THR F 185 44.37 40.67 -41.91
C THR F 185 44.76 39.34 -41.29
N VAL F 186 43.80 38.43 -41.22
CA VAL F 186 43.97 37.15 -40.54
C VAL F 186 43.25 36.05 -41.30
N LEU F 187 44.00 35.00 -41.65
CA LEU F 187 43.48 33.85 -42.39
C LEU F 187 43.12 32.74 -41.42
N GLN F 188 41.83 32.46 -41.29
CA GLN F 188 41.29 31.38 -40.48
C GLN F 188 40.54 30.44 -41.41
N ASN F 189 41.25 29.43 -41.92
CA ASN F 189 40.65 28.36 -42.70
C ASN F 189 39.93 28.91 -43.94
N GLN F 190 40.72 29.47 -44.85
CA GLN F 190 40.43 29.79 -46.26
C GLN F 190 39.89 31.20 -46.47
N LYS F 191 39.69 31.99 -45.42
CA LYS F 191 39.20 33.35 -45.56
C LYS F 191 40.02 34.28 -44.67
N LYS F 192 39.88 35.58 -44.94
CA LYS F 192 40.33 36.62 -44.04
C LYS F 192 39.29 37.73 -43.99
N VAL F 193 39.58 38.75 -43.18
CA VAL F 193 38.80 39.98 -43.12
C VAL F 193 39.72 41.11 -42.70
N GLU F 194 39.52 42.30 -43.30
CA GLU F 194 40.47 43.40 -43.23
C GLU F 194 40.49 43.97 -41.80
N PHE F 195 41.46 44.83 -41.52
CA PHE F 195 41.48 45.44 -40.19
C PHE F 195 42.17 46.80 -40.20
N LYS F 196 41.57 47.75 -39.48
CA LYS F 196 42.33 48.89 -38.95
C LYS F 196 43.40 48.50 -37.94
N ILE F 197 44.55 49.15 -38.06
CA ILE F 197 45.43 49.44 -36.93
C ILE F 197 45.73 50.93 -37.02
N ASP F 198 44.93 51.75 -36.35
CA ASP F 198 45.02 53.19 -36.47
C ASP F 198 46.31 53.71 -35.85
N ILE F 199 46.97 54.64 -36.55
CA ILE F 199 48.21 55.23 -36.07
C ILE F 199 48.05 56.74 -36.08
N VAL F 200 48.14 57.36 -34.91
CA VAL F 200 48.02 58.81 -34.76
C VAL F 200 49.12 59.28 -33.82
N VAL F 201 49.71 60.43 -34.14
CA VAL F 201 50.79 61.01 -33.34
C VAL F 201 50.34 62.35 -32.78
N LEU F 202 50.91 62.71 -31.64
CA LEU F 202 50.59 63.97 -31.00
C LEU F 202 49.43 63.88 -30.03
N GLY G 38 -49.47 -5.10 -17.56
CA GLY G 38 -49.13 -4.62 -18.89
C GLY G 38 -47.97 -5.35 -19.52
N ASN G 39 -46.80 -4.72 -19.50
CA ASN G 39 -45.57 -5.28 -20.04
C ASN G 39 -44.50 -5.34 -18.97
N LEU G 40 -43.36 -5.95 -19.31
CA LEU G 40 -42.26 -6.09 -18.38
C LEU G 40 -40.96 -5.64 -19.03
N TRP G 41 -40.13 -4.97 -18.25
CA TRP G 41 -38.89 -4.36 -18.71
C TRP G 41 -37.82 -4.66 -17.68
N VAL G 42 -36.59 -4.21 -17.90
CA VAL G 42 -35.49 -4.68 -17.07
C VAL G 42 -34.92 -3.55 -16.23
N THR G 43 -34.36 -3.94 -15.09
CA THR G 43 -33.39 -3.16 -14.36
C THR G 43 -32.19 -4.03 -14.09
N VAL G 44 -31.05 -3.38 -13.91
CA VAL G 44 -29.83 -4.02 -13.44
C VAL G 44 -29.19 -3.02 -12.50
N TYR G 45 -28.50 -3.53 -11.49
CA TYR G 45 -27.86 -2.59 -10.57
C TYR G 45 -26.70 -3.27 -9.87
N TYR G 46 -26.01 -2.48 -9.08
CA TYR G 46 -24.72 -2.85 -8.55
C TYR G 46 -24.87 -3.50 -7.19
N GLY G 47 -23.82 -4.18 -6.76
CA GLY G 47 -23.56 -4.41 -5.35
C GLY G 47 -24.57 -5.19 -4.56
N VAL G 48 -25.23 -6.17 -5.18
CA VAL G 48 -26.41 -6.75 -4.56
C VAL G 48 -26.17 -8.21 -4.19
N PRO G 49 -25.60 -8.49 -2.99
CA PRO G 49 -24.78 -9.70 -2.82
C PRO G 49 -25.31 -10.96 -3.46
N VAL G 50 -24.62 -11.38 -4.52
CA VAL G 50 -24.96 -12.51 -5.38
C VAL G 50 -23.63 -13.20 -5.62
N TRP G 51 -23.42 -14.35 -5.01
CA TRP G 51 -22.05 -14.86 -4.95
C TRP G 51 -21.99 -16.22 -5.61
N LYS G 52 -21.95 -16.22 -6.93
CA LYS G 52 -21.91 -17.47 -7.68
C LYS G 52 -20.53 -18.09 -7.51
N GLU G 53 -20.26 -19.14 -8.25
CA GLU G 53 -19.12 -19.96 -7.87
C GLU G 53 -17.83 -19.50 -8.51
N ALA G 54 -16.75 -19.67 -7.74
CA ALA G 54 -15.38 -19.76 -8.20
C ALA G 54 -14.57 -20.27 -7.04
N THR G 55 -13.36 -20.73 -7.29
CA THR G 55 -12.63 -21.38 -6.22
C THR G 55 -11.17 -20.97 -6.22
N THR G 56 -10.90 -19.71 -6.52
CA THR G 56 -9.57 -19.24 -6.86
C THR G 56 -8.66 -19.20 -5.64
N THR G 57 -7.54 -18.51 -5.82
CA THR G 57 -6.57 -18.37 -4.75
C THR G 57 -7.16 -17.62 -3.58
N LEU G 58 -6.78 -18.04 -2.40
CA LEU G 58 -7.13 -17.39 -1.16
C LEU G 58 -5.84 -17.21 -0.37
N PHE G 59 -5.80 -16.21 0.47
CA PHE G 59 -4.60 -15.95 1.24
C PHE G 59 -4.82 -16.35 2.68
N CYS G 60 -3.73 -16.68 3.35
CA CYS G 60 -3.89 -17.17 4.69
C CYS G 60 -4.01 -16.01 5.68
N ALA G 61 -4.51 -16.35 6.85
CA ALA G 61 -4.37 -15.54 8.05
C ALA G 61 -3.80 -16.48 9.10
N SER G 62 -2.57 -16.21 9.54
CA SER G 62 -1.81 -17.20 10.30
C SER G 62 -0.82 -16.49 11.21
N ASP G 63 -1.13 -16.39 12.50
CA ASP G 63 -0.31 -15.65 13.46
C ASP G 63 0.87 -16.50 13.90
N ALA G 64 1.97 -16.41 13.15
CA ALA G 64 3.19 -17.04 13.62
C ALA G 64 3.88 -16.18 14.66
N LYS G 65 4.94 -16.72 15.25
CA LYS G 65 5.75 -15.98 16.19
C LYS G 65 6.93 -15.27 15.54
N ALA G 66 7.39 -15.78 14.39
CA ALA G 66 8.52 -15.23 13.65
C ALA G 66 9.82 -15.30 14.44
N TYR G 67 9.79 -15.92 15.61
CA TYR G 67 10.96 -16.13 16.47
C TYR G 67 11.24 -17.60 16.73
N ASP G 68 10.21 -18.40 16.98
CA ASP G 68 10.43 -19.79 17.34
C ASP G 68 10.96 -20.56 16.14
N THR G 69 11.95 -21.43 16.39
CA THR G 69 12.49 -22.26 15.32
C THR G 69 11.50 -23.31 14.83
N GLU G 70 10.41 -23.53 15.57
CA GLU G 70 9.32 -24.41 15.16
C GLU G 70 8.90 -24.08 13.74
N VAL G 71 9.14 -25.01 12.81
CA VAL G 71 8.97 -24.70 11.39
C VAL G 71 7.55 -24.35 11.06
N HIS G 72 6.59 -24.75 11.89
CA HIS G 72 5.20 -24.34 11.69
C HIS G 72 5.10 -22.83 11.56
N ASN G 73 5.55 -22.12 12.58
CA ASN G 73 5.50 -20.66 12.54
C ASN G 73 6.46 -20.09 11.50
N VAL G 74 7.59 -20.76 11.27
CA VAL G 74 8.52 -20.31 10.25
C VAL G 74 7.81 -20.18 8.91
N TRP G 75 7.09 -21.21 8.50
CA TRP G 75 6.29 -21.10 7.28
C TRP G 75 5.13 -20.14 7.46
N ALA G 76 4.48 -20.19 8.64
CA ALA G 76 3.30 -19.39 8.91
C ALA G 76 3.58 -17.90 8.85
N THR G 77 4.84 -17.50 8.86
CA THR G 77 5.24 -16.12 8.63
C THR G 77 5.91 -15.93 7.28
N HIS G 78 6.83 -16.81 6.91
CA HIS G 78 7.53 -16.67 5.63
C HIS G 78 6.54 -16.68 4.48
N ALA G 79 5.84 -17.79 4.29
CA ALA G 79 4.68 -17.79 3.41
C ALA G 79 3.45 -18.09 4.25
N CYS G 80 3.04 -17.08 5.02
CA CYS G 80 1.73 -16.88 5.59
C CYS G 80 1.86 -15.64 6.45
N VAL G 81 0.77 -15.16 7.02
CA VAL G 81 0.78 -13.78 7.51
C VAL G 81 0.05 -13.65 8.84
N PRO G 82 0.51 -12.79 9.76
CA PRO G 82 -0.14 -12.67 11.07
C PRO G 82 -1.57 -12.15 10.93
N THR G 83 -2.34 -12.38 11.99
CA THR G 83 -3.77 -12.60 11.88
C THR G 83 -4.54 -11.34 11.48
N ASP G 84 -5.82 -11.54 11.16
CA ASP G 84 -6.80 -10.51 10.81
C ASP G 84 -7.76 -10.33 11.96
N PRO G 85 -7.84 -9.15 12.57
CA PRO G 85 -8.57 -9.00 13.84
C PRO G 85 -10.04 -8.63 13.70
N SER G 86 -10.55 -8.46 12.49
CA SER G 86 -11.94 -8.07 12.27
C SER G 86 -12.61 -9.05 11.32
N PRO G 87 -13.03 -10.21 11.82
CA PRO G 87 -13.96 -11.06 11.06
C PRO G 87 -15.40 -10.77 11.45
N GLN G 88 -16.27 -10.74 10.44
CA GLN G 88 -17.65 -10.26 10.62
C GLN G 88 -18.61 -11.31 10.07
N GLU G 89 -18.96 -12.32 10.87
CA GLU G 89 -19.87 -13.35 10.39
C GLU G 89 -21.28 -12.78 10.34
N LEU G 90 -21.54 -11.99 9.31
CA LEU G 90 -22.83 -11.32 9.16
C LEU G 90 -23.89 -12.36 8.75
N VAL G 91 -24.42 -13.05 9.75
CA VAL G 91 -25.24 -14.26 9.64
C VAL G 91 -26.27 -14.20 8.51
N LEU G 92 -26.42 -15.31 7.80
CA LEU G 92 -27.38 -15.41 6.71
C LEU G 92 -28.79 -15.39 7.24
N GLU G 93 -29.70 -14.90 6.41
CA GLU G 93 -31.11 -15.19 6.53
C GLU G 93 -31.40 -16.47 5.75
N ASN G 94 -32.66 -16.69 5.35
CA ASN G 94 -33.15 -17.96 4.85
C ASN G 94 -32.54 -18.27 3.48
N VAL G 95 -31.27 -18.63 3.50
CA VAL G 95 -30.54 -19.08 2.33
C VAL G 95 -30.95 -20.50 2.01
N THR G 96 -30.74 -20.90 0.75
CA THR G 96 -30.79 -22.32 0.39
C THR G 96 -29.64 -22.56 -0.57
N GLU G 97 -28.48 -22.93 -0.03
CA GLU G 97 -27.30 -23.13 -0.83
C GLU G 97 -26.64 -24.45 -0.46
N ASN G 98 -26.22 -25.21 -1.46
CA ASN G 98 -25.92 -26.64 -1.32
C ASN G 98 -24.42 -26.84 -1.13
N PHE G 99 -23.96 -26.67 0.11
CA PHE G 99 -22.54 -26.48 0.32
C PHE G 99 -21.82 -27.77 0.01
N ASN G 100 -21.98 -28.23 -1.23
CA ASN G 100 -21.54 -29.52 -1.71
C ASN G 100 -20.08 -29.69 -1.38
N MET G 101 -19.76 -30.63 -0.51
CA MET G 101 -18.41 -30.64 0.03
C MET G 101 -17.42 -31.31 -0.86
N TRP G 102 -17.78 -31.69 -2.08
CA TRP G 102 -16.79 -32.29 -2.97
C TRP G 102 -16.55 -31.48 -4.23
N LYS G 103 -17.16 -30.30 -4.35
CA LYS G 103 -16.85 -29.35 -5.39
C LYS G 103 -16.32 -28.07 -4.77
N ASN G 104 -15.38 -28.19 -3.85
CA ASN G 104 -14.79 -27.03 -3.17
C ASN G 104 -13.28 -27.07 -3.36
N GLU G 105 -12.81 -26.61 -4.52
CA GLU G 105 -11.39 -26.66 -4.83
C GLU G 105 -10.57 -25.82 -3.89
N MET G 106 -11.23 -24.98 -3.10
CA MET G 106 -10.60 -24.41 -1.93
C MET G 106 -9.92 -25.49 -1.11
N VAL G 107 -10.53 -26.68 -1.05
CA VAL G 107 -9.90 -27.76 -0.31
C VAL G 107 -8.65 -28.24 -1.01
N ASN G 108 -8.67 -28.33 -2.34
CA ASN G 108 -7.45 -28.69 -3.03
C ASN G 108 -6.40 -27.64 -2.79
N GLN G 109 -6.82 -26.38 -2.71
CA GLN G 109 -5.86 -25.31 -2.51
C GLN G 109 -5.20 -25.44 -1.16
N MET G 110 -5.99 -25.70 -0.13
CA MET G 110 -5.38 -25.96 1.17
C MET G 110 -4.45 -27.14 1.07
N HIS G 111 -4.85 -28.17 0.31
CA HIS G 111 -4.01 -29.35 0.16
C HIS G 111 -2.65 -28.98 -0.37
N GLU G 112 -2.62 -28.27 -1.50
CA GLU G 112 -1.36 -27.93 -2.13
C GLU G 112 -0.57 -26.95 -1.30
N ASP G 113 -1.25 -26.07 -0.56
CA ASP G 113 -0.54 -25.27 0.44
C ASP G 113 0.19 -26.17 1.43
N VAL G 114 -0.48 -27.22 1.88
CA VAL G 114 0.12 -28.08 2.89
C VAL G 114 1.29 -28.85 2.31
N ILE G 115 1.10 -29.40 1.12
CA ILE G 115 2.19 -30.13 0.49
C ILE G 115 3.36 -29.19 0.28
N SER G 116 3.09 -27.93 -0.05
CA SER G 116 4.15 -26.94 -0.12
C SER G 116 4.84 -26.82 1.22
N LEU G 117 4.07 -26.81 2.29
CA LEU G 117 4.62 -26.59 3.63
C LEU G 117 5.55 -27.73 4.03
N TRP G 118 5.16 -28.96 3.73
CA TRP G 118 5.73 -30.11 4.41
C TRP G 118 7.18 -30.37 4.06
N ASP G 119 7.65 -29.94 2.90
CA ASP G 119 8.90 -30.44 2.35
C ASP G 119 10.11 -29.61 2.74
N GLN G 120 10.00 -28.29 2.74
CA GLN G 120 10.98 -27.52 3.51
C GLN G 120 10.73 -27.70 4.99
N SER G 121 9.51 -28.06 5.39
CA SER G 121 9.28 -28.44 6.78
C SER G 121 10.04 -29.71 7.12
N LEU G 122 9.77 -30.79 6.40
CA LEU G 122 10.34 -32.10 6.68
C LEU G 122 11.40 -32.45 5.65
N LYS G 123 12.52 -32.97 6.13
CA LYS G 123 13.70 -33.17 5.31
C LYS G 123 13.96 -34.65 5.09
N PRO G 124 13.56 -35.22 3.96
CA PRO G 124 13.89 -36.63 3.68
C PRO G 124 15.35 -36.78 3.33
N CYS G 125 16.07 -37.59 4.12
CA CYS G 125 17.49 -37.81 3.88
C CYS G 125 17.75 -38.27 2.45
N VAL G 126 17.15 -39.40 2.04
CA VAL G 126 17.33 -39.93 0.70
C VAL G 126 16.00 -40.40 0.13
N LYS G 127 15.43 -39.61 -0.78
CA LYS G 127 14.10 -39.83 -1.34
C LYS G 127 14.22 -40.60 -2.65
N LEU G 128 13.58 -41.77 -2.71
CA LEU G 128 13.72 -42.68 -3.85
C LEU G 128 12.51 -42.56 -4.77
N THR G 129 12.39 -41.43 -5.39
CA THR G 129 11.08 -41.31 -6.02
C THR G 129 11.08 -41.94 -7.41
N PRO G 130 9.93 -42.42 -7.89
CA PRO G 130 9.89 -43.09 -9.19
C PRO G 130 9.49 -42.19 -10.34
N LEU G 131 9.82 -42.64 -11.56
CA LEU G 131 9.49 -41.94 -12.79
C LEU G 131 9.46 -42.87 -13.99
N CYS G 132 8.55 -42.59 -14.92
CA CYS G 132 8.67 -43.04 -16.29
C CYS G 132 8.17 -42.01 -17.30
N VAL G 133 8.86 -42.01 -18.43
CA VAL G 133 8.57 -41.19 -19.60
C VAL G 133 7.97 -42.11 -20.65
N THR G 134 6.96 -41.61 -21.36
CA THR G 134 6.09 -42.47 -22.14
C THR G 134 6.88 -43.26 -23.18
N LEU G 135 6.78 -44.60 -23.08
CA LEU G 135 7.23 -45.52 -24.12
C LEU G 135 6.32 -46.75 -24.04
N GLU G 136 5.33 -46.79 -24.94
CA GLU G 136 4.23 -47.74 -24.84
C GLU G 136 4.68 -49.19 -24.69
N CYS G 137 3.90 -49.94 -23.91
CA CYS G 137 3.96 -51.40 -23.84
C CYS G 137 2.64 -51.99 -24.31
N LEU G 199 8.58 -49.71 -23.55
CA LEU G 199 9.16 -49.66 -22.21
C LEU G 199 9.07 -48.29 -21.58
N ILE G 200 7.96 -47.99 -20.92
CA ILE G 200 7.88 -46.75 -20.16
C ILE G 200 8.96 -46.76 -19.08
N ASN G 201 9.85 -45.78 -19.14
CA ASN G 201 11.13 -45.83 -18.44
C ASN G 201 10.97 -45.53 -16.95
N CYS G 202 10.28 -46.43 -16.26
CA CYS G 202 10.15 -46.24 -14.82
C CYS G 202 11.43 -46.73 -14.18
N ASN G 203 12.37 -45.80 -14.06
CA ASN G 203 13.68 -46.02 -13.47
C ASN G 203 13.72 -45.26 -12.16
N THR G 204 14.16 -45.94 -11.10
CA THR G 204 14.12 -45.35 -9.77
C THR G 204 15.06 -44.15 -9.66
N SER G 205 14.49 -42.97 -9.45
CA SER G 205 15.24 -41.73 -9.34
C SER G 205 15.58 -41.50 -7.87
N ALA G 206 16.82 -41.82 -7.48
CA ALA G 206 17.28 -41.53 -6.13
C ALA G 206 17.69 -40.06 -6.01
N ILE G 207 17.39 -39.45 -4.86
CA ILE G 207 17.59 -38.03 -4.63
C ILE G 207 18.10 -37.85 -3.21
N THR G 208 19.33 -37.38 -3.06
CA THR G 208 19.93 -37.21 -1.74
C THR G 208 19.69 -35.79 -1.20
N GLN G 209 19.70 -35.66 0.12
CA GLN G 209 19.50 -34.37 0.77
C GLN G 209 20.16 -34.38 2.15
N ALA G 210 19.87 -33.35 2.95
CA ALA G 210 20.32 -33.25 4.32
C ALA G 210 19.11 -33.19 5.24
N CYS G 211 19.18 -33.91 6.36
CA CYS G 211 18.00 -34.27 7.14
C CYS G 211 18.26 -34.20 8.65
N PRO G 212 18.20 -32.99 9.22
CA PRO G 212 18.13 -32.84 10.68
C PRO G 212 16.73 -32.58 11.19
N LYS G 213 16.54 -32.50 12.51
CA LYS G 213 15.20 -32.28 13.08
C LYS G 213 14.93 -30.78 13.21
N VAL G 214 13.65 -30.43 13.29
CA VAL G 214 13.32 -29.14 13.88
C VAL G 214 12.27 -29.22 15.00
N SER G 215 11.02 -29.50 14.65
CA SER G 215 9.90 -29.40 15.59
C SER G 215 8.58 -29.69 14.88
N PHE G 216 7.47 -29.71 15.62
CA PHE G 216 6.16 -29.84 14.99
C PHE G 216 5.11 -29.34 15.98
N GLU G 217 4.41 -28.27 15.60
CA GLU G 217 3.30 -27.76 16.40
C GLU G 217 2.31 -26.99 15.53
N PRO G 218 1.16 -27.58 15.23
CA PRO G 218 0.18 -26.94 14.34
C PRO G 218 -0.12 -25.46 14.58
N ILE G 219 -0.60 -24.80 13.53
CA ILE G 219 -1.06 -23.42 13.59
C ILE G 219 -2.48 -23.42 13.06
N PRO G 220 -3.46 -22.96 13.79
CA PRO G 220 -4.77 -22.84 13.17
C PRO G 220 -4.68 -21.71 12.17
N ILE G 221 -4.52 -22.08 10.93
CA ILE G 221 -4.48 -21.11 9.86
C ILE G 221 -5.91 -20.86 9.43
N HIS G 222 -6.11 -19.80 8.67
CA HIS G 222 -7.44 -19.52 8.16
C HIS G 222 -7.34 -19.06 6.73
N TYR G 223 -8.44 -19.18 6.01
CA TYR G 223 -8.47 -18.88 4.59
C TYR G 223 -9.27 -17.62 4.33
N CYS G 224 -8.76 -16.81 3.41
CA CYS G 224 -9.16 -15.42 3.23
C CYS G 224 -9.43 -15.19 1.75
N THR G 225 -10.70 -15.06 1.42
CA THR G 225 -11.13 -14.74 0.08
C THR G 225 -10.35 -13.56 -0.46
N PRO G 226 -10.14 -13.50 -1.75
CA PRO G 226 -9.68 -12.25 -2.37
C PRO G 226 -10.86 -11.31 -2.50
N ALA G 227 -10.57 -10.11 -2.95
CA ALA G 227 -11.60 -9.09 -3.10
C ALA G 227 -12.65 -9.53 -4.09
N GLY G 228 -13.88 -9.10 -3.85
CA GLY G 228 -15.01 -9.63 -4.57
C GLY G 228 -15.32 -11.07 -4.27
N TYR G 229 -14.63 -11.68 -3.33
CA TYR G 229 -14.86 -13.07 -2.99
C TYR G 229 -15.26 -13.15 -1.52
N ALA G 230 -16.10 -14.13 -1.22
CA ALA G 230 -16.70 -14.32 0.08
C ALA G 230 -16.69 -15.80 0.42
N ILE G 231 -16.28 -16.11 1.63
CA ILE G 231 -16.11 -17.48 2.09
C ILE G 231 -17.37 -17.83 2.88
N LEU G 232 -18.37 -18.38 2.23
CA LEU G 232 -19.53 -18.78 3.00
C LEU G 232 -19.15 -19.85 4.02
N LYS G 233 -19.59 -19.67 5.25
CA LYS G 233 -19.43 -20.64 6.33
C LYS G 233 -20.75 -21.39 6.52
N CYS G 234 -20.81 -22.27 7.51
CA CYS G 234 -22.01 -23.07 7.75
C CYS G 234 -22.07 -23.45 9.23
N ASN G 235 -23.09 -22.96 9.93
CA ASN G 235 -23.26 -23.33 11.34
C ASN G 235 -23.82 -24.72 11.49
N ASP G 236 -24.90 -25.04 10.78
CA ASP G 236 -25.23 -26.42 10.58
C ASP G 236 -23.99 -27.13 10.04
N LYS G 237 -23.76 -28.36 10.49
CA LYS G 237 -22.68 -29.18 9.96
C LYS G 237 -23.17 -30.50 9.38
N THR G 238 -24.45 -30.82 9.51
CA THR G 238 -24.95 -32.15 9.17
C THR G 238 -24.85 -32.44 7.68
N PHE G 239 -25.72 -31.80 6.93
CA PHE G 239 -25.75 -31.75 5.47
C PHE G 239 -26.12 -33.08 4.81
N ASN G 240 -26.11 -34.18 5.58
CA ASN G 240 -26.02 -35.52 5.00
C ASN G 240 -24.67 -35.61 4.29
N GLY G 241 -24.00 -34.46 4.20
CA GLY G 241 -22.90 -34.18 3.28
C GLY G 241 -23.08 -32.93 2.42
N THR G 242 -24.33 -32.65 2.01
CA THR G 242 -24.64 -31.56 1.09
C THR G 242 -25.89 -30.80 1.53
N GLY G 243 -25.76 -29.88 2.47
CA GLY G 243 -26.92 -29.21 3.01
C GLY G 243 -26.63 -27.87 3.66
N PRO G 244 -27.51 -26.90 3.46
CA PRO G 244 -27.21 -25.51 3.84
C PRO G 244 -27.22 -25.24 5.34
N CYS G 245 -27.18 -23.97 5.72
CA CYS G 245 -27.23 -23.59 7.13
C CYS G 245 -27.91 -22.24 7.31
N HIS G 246 -28.95 -22.23 8.14
CA HIS G 246 -29.69 -21.00 8.40
C HIS G 246 -28.80 -19.94 9.03
N ASN G 247 -28.26 -20.22 10.22
CA ASN G 247 -27.72 -19.20 11.10
C ASN G 247 -26.22 -19.00 10.94
N VAL G 248 -25.66 -19.23 9.76
CA VAL G 248 -24.29 -18.85 9.46
C VAL G 248 -24.28 -17.66 8.51
N SER G 249 -23.11 -17.11 8.21
CA SER G 249 -22.88 -16.45 6.94
C SER G 249 -21.39 -16.27 6.72
N THR G 250 -21.09 -15.29 5.88
CA THR G 250 -19.78 -14.96 5.37
C THR G 250 -18.74 -14.84 6.46
N VAL G 251 -17.47 -14.89 6.10
CA VAL G 251 -16.38 -14.47 6.94
C VAL G 251 -15.42 -13.65 6.09
N GLN G 252 -14.35 -13.20 6.74
CA GLN G 252 -13.32 -12.37 6.14
C GLN G 252 -12.05 -13.15 5.93
N CYS G 253 -11.62 -13.80 6.99
CA CYS G 253 -10.80 -15.00 6.91
C CYS G 253 -11.58 -16.07 7.65
N THR G 254 -11.12 -17.28 7.52
CA THR G 254 -11.88 -18.42 7.98
C THR G 254 -11.56 -18.73 9.43
N HIS G 255 -11.96 -19.91 9.89
CA HIS G 255 -11.57 -20.35 11.22
C HIS G 255 -10.30 -21.21 11.13
N GLY G 256 -9.78 -21.59 12.28
CA GLY G 256 -8.60 -22.41 12.33
C GLY G 256 -8.75 -23.75 11.65
N ILE G 257 -7.85 -24.05 10.73
CA ILE G 257 -7.75 -25.36 10.11
C ILE G 257 -6.28 -25.74 10.15
N LYS G 258 -5.92 -26.66 11.04
CA LYS G 258 -4.54 -26.86 11.46
C LYS G 258 -3.77 -27.72 10.45
N PRO G 259 -2.45 -27.80 10.59
CA PRO G 259 -1.61 -28.54 9.62
C PRO G 259 -1.16 -29.94 10.02
N VAL G 260 -1.68 -30.54 11.08
CA VAL G 260 -1.29 -31.92 11.38
C VAL G 260 -2.06 -32.86 10.46
N VAL G 261 -1.45 -33.99 10.15
CA VAL G 261 -2.06 -34.98 9.27
C VAL G 261 -2.08 -36.32 9.99
N SER G 262 -3.18 -37.05 9.86
CA SER G 262 -3.26 -38.37 10.46
C SER G 262 -4.37 -39.15 9.77
N THR G 263 -4.47 -40.44 10.14
CA THR G 263 -5.24 -41.42 9.39
C THR G 263 -6.32 -42.05 10.26
N GLN G 264 -7.57 -41.76 9.92
CA GLN G 264 -8.78 -42.18 10.61
C GLN G 264 -8.92 -41.48 11.96
N LEU G 265 -7.85 -40.84 12.42
CA LEU G 265 -7.77 -40.35 13.78
C LEU G 265 -6.60 -39.39 13.93
N LEU G 266 -6.87 -38.16 14.35
CA LEU G 266 -5.90 -37.08 14.31
C LEU G 266 -5.23 -36.89 15.66
N LEU G 267 -4.47 -35.80 15.77
CA LEU G 267 -3.75 -35.46 16.98
C LEU G 267 -3.60 -33.95 17.08
N ASN G 268 -3.82 -33.40 18.29
CA ASN G 268 -3.63 -31.99 18.53
C ASN G 268 -4.51 -31.12 17.63
N GLY G 269 -5.62 -31.67 17.17
CA GLY G 269 -6.36 -31.03 16.10
C GLY G 269 -7.73 -30.47 16.45
N SER G 270 -8.61 -30.41 15.47
CA SER G 270 -9.94 -29.82 15.65
C SER G 270 -10.79 -30.67 16.57
N LEU G 271 -11.95 -30.12 16.93
CA LEU G 271 -13.00 -30.88 17.61
C LEU G 271 -14.30 -30.65 16.87
N ALA G 272 -15.39 -31.21 17.37
CA ALA G 272 -16.65 -31.11 16.67
C ALA G 272 -17.62 -30.24 17.45
N GLU G 273 -18.47 -29.55 16.70
CA GLU G 273 -19.19 -28.42 17.27
C GLU G 273 -20.46 -28.85 18.02
N GLY G 274 -21.43 -29.41 17.32
CA GLY G 274 -22.68 -29.81 17.94
C GLY G 274 -22.86 -31.28 18.26
N GLU G 275 -22.63 -32.16 17.29
CA GLU G 275 -22.80 -33.61 17.46
C GLU G 275 -22.11 -34.30 16.29
N ILE G 276 -22.34 -35.61 16.18
CA ILE G 276 -21.62 -36.48 15.24
C ILE G 276 -22.49 -36.74 14.02
N ILE G 277 -21.98 -36.38 12.83
CA ILE G 277 -22.72 -36.56 11.59
C ILE G 277 -21.77 -37.12 10.53
N ILE G 278 -22.35 -37.43 9.36
CA ILE G 278 -21.76 -38.35 8.39
C ILE G 278 -21.97 -37.84 6.98
N ARG G 279 -21.15 -38.35 6.07
CA ARG G 279 -20.91 -37.72 4.78
C ARG G 279 -20.73 -38.75 3.69
N SER G 280 -21.75 -38.97 2.87
CA SER G 280 -21.62 -39.93 1.77
C SER G 280 -22.86 -39.83 0.90
N GLU G 281 -23.05 -40.84 0.04
CA GLU G 281 -24.18 -40.99 -0.89
C GLU G 281 -24.32 -42.47 -1.26
N ASN G 282 -24.93 -42.76 -2.43
CA ASN G 282 -25.68 -43.99 -2.76
C ASN G 282 -25.31 -45.31 -2.10
N LEU G 283 -26.32 -46.10 -1.73
CA LEU G 283 -26.11 -47.39 -1.09
C LEU G 283 -26.22 -48.57 -2.05
N THR G 284 -25.74 -48.44 -3.30
CA THR G 284 -25.65 -49.60 -4.19
C THR G 284 -24.31 -50.31 -4.11
N ASN G 285 -23.18 -49.59 -4.23
CA ASN G 285 -21.86 -50.20 -4.13
C ASN G 285 -20.95 -49.55 -3.11
N ASN G 286 -21.12 -48.27 -2.82
CA ASN G 286 -20.68 -47.79 -1.53
C ASN G 286 -19.17 -47.71 -1.28
N VAL G 287 -18.39 -47.14 -2.18
CA VAL G 287 -17.03 -46.81 -1.74
C VAL G 287 -17.09 -45.50 -0.97
N LYS G 288 -17.35 -44.40 -1.67
CA LYS G 288 -17.97 -43.19 -1.14
C LYS G 288 -17.58 -42.87 0.29
N THR G 289 -16.29 -42.73 0.59
CA THR G 289 -15.82 -42.72 1.98
C THR G 289 -16.71 -41.85 2.87
N ILE G 290 -17.01 -42.40 4.03
CA ILE G 290 -17.88 -41.81 5.03
C ILE G 290 -17.01 -41.11 6.06
N LEU G 291 -17.50 -39.99 6.58
CA LEU G 291 -16.73 -39.22 7.53
C LEU G 291 -17.62 -38.82 8.70
N VAL G 292 -17.10 -38.93 9.91
CA VAL G 292 -17.82 -38.53 11.11
C VAL G 292 -17.00 -37.49 11.84
N HIS G 293 -17.66 -36.49 12.42
CA HIS G 293 -16.99 -35.55 13.32
C HIS G 293 -17.51 -35.80 14.71
N LEU G 294 -16.63 -36.21 15.62
CA LEU G 294 -17.05 -36.75 16.90
C LEU G 294 -17.08 -35.66 17.95
N ASN G 295 -18.28 -35.37 18.49
CA ASN G 295 -18.54 -34.11 19.20
C ASN G 295 -17.95 -34.08 20.57
N GLN G 296 -17.02 -34.96 20.89
CA GLN G 296 -16.34 -34.86 22.15
C GLN G 296 -14.86 -34.95 21.85
N SER G 297 -14.09 -34.99 22.91
CA SER G 297 -12.66 -35.15 22.84
C SER G 297 -12.30 -36.54 23.30
N VAL G 298 -11.04 -36.88 23.08
CA VAL G 298 -10.48 -38.13 23.55
C VAL G 298 -9.04 -37.85 23.95
N GLU G 299 -8.50 -38.72 24.78
CA GLU G 299 -7.12 -38.64 25.22
C GLU G 299 -6.31 -39.64 24.42
N ILE G 300 -5.28 -39.15 23.75
CA ILE G 300 -4.24 -40.02 23.21
C ILE G 300 -2.89 -39.41 23.55
N VAL G 301 -2.05 -40.17 24.25
CA VAL G 301 -0.79 -39.69 24.82
C VAL G 301 0.21 -40.82 24.75
N CYS G 302 1.36 -40.57 24.14
CA CYS G 302 2.43 -41.56 24.05
C CYS G 302 3.70 -41.02 24.69
N THR G 303 4.21 -41.75 25.68
CA THR G 303 5.43 -41.42 26.37
C THR G 303 6.43 -42.55 26.23
N ARG G 304 7.71 -42.18 26.27
CA ARG G 304 8.87 -43.06 26.17
C ARG G 304 10.12 -42.32 26.61
N PRO G 305 10.36 -42.26 27.90
CA PRO G 305 11.43 -41.40 28.42
C PRO G 305 12.81 -41.81 27.93
N ASN G 306 13.34 -42.91 28.44
CA ASN G 306 14.31 -43.68 27.67
C ASN G 306 13.88 -45.15 27.64
N ASN G 307 13.90 -45.76 28.83
CA ASN G 307 13.30 -47.05 29.17
C ASN G 307 13.74 -48.21 28.27
N ASN G 308 14.50 -47.91 27.21
CA ASN G 308 14.84 -48.90 26.21
C ASN G 308 16.25 -48.69 25.66
N THR G 309 17.17 -48.19 26.48
CA THR G 309 18.50 -47.79 26.05
C THR G 309 19.13 -48.72 25.02
N ARG G 310 18.97 -50.03 25.21
CA ARG G 310 19.46 -50.99 24.23
C ARG G 310 18.67 -50.83 22.93
N LYS G 311 19.34 -50.39 21.86
CA LYS G 311 18.66 -50.04 20.64
C LYS G 311 18.15 -51.26 19.88
N SER G 312 19.06 -52.09 19.36
CA SER G 312 18.69 -53.18 18.48
C SER G 312 18.47 -54.46 19.29
N ILE G 313 18.15 -55.53 18.57
CA ILE G 313 17.94 -56.83 19.18
C ILE G 313 18.95 -57.87 18.69
N ARG G 314 19.56 -57.67 17.53
CA ARG G 314 20.35 -58.69 16.86
C ARG G 314 21.19 -58.07 15.75
N ILE G 315 22.33 -58.72 15.50
CA ILE G 315 23.25 -58.33 14.43
C ILE G 315 23.15 -59.32 13.27
N ASP G 330 14.23 -51.96 23.01
CA ASP G 330 14.24 -51.41 21.67
C ASP G 330 13.78 -49.96 21.67
N ILE G 331 14.56 -49.09 21.04
CA ILE G 331 14.28 -47.66 21.11
C ILE G 331 13.11 -47.30 20.19
N ARG G 332 13.12 -47.81 18.95
CA ARG G 332 11.98 -47.61 18.06
C ARG G 332 10.69 -48.20 18.61
N GLN G 333 10.79 -49.14 19.55
CA GLN G 333 9.60 -49.59 20.27
C GLN G 333 9.02 -48.45 21.09
N ALA G 334 7.76 -48.08 20.83
CA ALA G 334 7.04 -47.07 21.59
C ALA G 334 5.78 -47.68 22.18
N HIS G 335 5.54 -47.44 23.47
CA HIS G 335 4.34 -47.90 24.14
C HIS G 335 3.48 -46.71 24.50
N CYS G 336 2.27 -46.69 23.96
CA CYS G 336 1.36 -45.56 24.07
C CYS G 336 0.36 -45.89 25.18
N ASN G 337 0.68 -45.54 26.42
CA ASN G 337 -0.27 -45.73 27.53
C ASN G 337 -1.33 -44.64 27.45
N ILE G 338 -2.53 -44.98 26.99
CA ILE G 338 -3.45 -43.93 26.56
C ILE G 338 -4.50 -43.52 27.58
N SER G 339 -5.46 -44.40 27.86
CA SER G 339 -6.74 -43.93 28.36
C SER G 339 -7.64 -45.08 28.76
N LYS G 340 -8.94 -44.79 28.88
CA LYS G 340 -10.08 -45.74 29.02
C LYS G 340 -10.71 -45.65 30.40
N TRP G 341 -13.87 -42.58 26.16
CA TRP G 341 -13.28 -43.38 25.11
C TRP G 341 -14.30 -44.30 24.49
N HIS G 342 -14.43 -45.48 25.11
CA HIS G 342 -15.39 -46.47 24.65
C HIS G 342 -16.76 -45.88 24.36
N GLU G 343 -17.23 -44.96 25.22
CA GLU G 343 -18.58 -44.43 25.04
C GLU G 343 -18.69 -43.58 23.78
N THR G 344 -17.61 -42.91 23.41
CA THR G 344 -17.60 -42.26 22.10
C THR G 344 -17.75 -43.30 21.01
N LEU G 345 -17.19 -44.49 21.20
CA LEU G 345 -17.38 -45.52 20.20
C LEU G 345 -18.79 -46.06 20.23
N LYS G 346 -19.45 -46.00 21.38
CA LYS G 346 -20.85 -46.37 21.43
C LYS G 346 -21.68 -45.38 20.64
N ARG G 347 -21.37 -44.10 20.77
CA ARG G 347 -21.99 -43.10 19.91
C ARG G 347 -21.68 -43.37 18.45
N VAL G 348 -20.44 -43.79 18.18
CA VAL G 348 -20.06 -44.24 16.84
C VAL G 348 -21.09 -45.23 16.34
N SER G 349 -21.23 -46.32 17.08
CA SER G 349 -22.05 -47.42 16.59
C SER G 349 -23.50 -47.01 16.47
N GLU G 350 -24.00 -46.23 17.43
CA GLU G 350 -25.41 -45.87 17.36
C GLU G 350 -25.68 -45.02 16.13
N LYS G 351 -24.79 -44.06 15.84
CA LYS G 351 -24.90 -43.37 14.57
C LYS G 351 -24.93 -44.35 13.41
N LEU G 352 -23.89 -45.17 13.31
CA LEU G 352 -23.75 -46.08 12.19
C LEU G 352 -25.06 -46.83 11.99
N ALA G 353 -25.62 -47.34 13.08
CA ALA G 353 -26.89 -48.05 12.99
C ALA G 353 -28.02 -47.13 12.57
N GLU G 354 -27.98 -45.87 12.96
CA GLU G 354 -29.00 -44.95 12.50
C GLU G 354 -28.92 -44.75 11.00
N HIS G 355 -27.76 -44.99 10.41
CA HIS G 355 -27.66 -44.98 8.96
C HIS G 355 -27.58 -46.39 8.35
N PHE G 356 -27.19 -47.38 9.14
CA PHE G 356 -27.19 -48.79 8.74
C PHE G 356 -28.18 -49.50 9.66
N PRO G 357 -29.49 -49.37 9.40
CA PRO G 357 -30.49 -49.66 10.45
C PRO G 357 -30.60 -51.11 10.93
N ASN G 358 -30.80 -52.07 10.04
CA ASN G 358 -31.27 -53.36 10.48
C ASN G 358 -30.15 -54.36 10.74
N LYS G 359 -28.90 -53.95 10.57
CA LYS G 359 -27.75 -54.84 10.64
C LYS G 359 -26.93 -54.54 11.87
N THR G 360 -26.18 -55.53 12.36
CA THR G 360 -25.30 -55.25 13.48
C THR G 360 -24.14 -54.38 13.01
N ILE G 361 -23.21 -54.05 13.91
CA ILE G 361 -22.15 -53.12 13.55
C ILE G 361 -20.82 -53.62 14.10
N ASN G 362 -19.97 -54.14 13.22
CA ASN G 362 -18.60 -54.59 13.44
C ASN G 362 -17.63 -53.62 12.79
N PHE G 363 -16.35 -53.97 12.84
CA PHE G 363 -15.34 -53.51 11.88
C PHE G 363 -14.83 -54.69 11.06
N THR G 364 -14.29 -55.70 11.74
CA THR G 364 -14.13 -57.12 11.41
C THR G 364 -13.06 -57.44 10.38
N SER G 365 -12.41 -56.46 9.77
CA SER G 365 -11.42 -56.75 8.73
C SER G 365 -10.53 -55.52 8.55
N SER G 366 -9.28 -55.61 9.01
CA SER G 366 -8.24 -54.65 8.67
C SER G 366 -7.21 -55.42 7.87
N SER G 367 -7.47 -55.55 6.56
CA SER G 367 -6.66 -56.42 5.73
C SER G 367 -5.19 -56.05 5.82
N GLY G 368 -4.88 -54.77 5.61
CA GLY G 368 -3.53 -54.27 5.74
C GLY G 368 -2.99 -53.78 4.41
N GLY G 369 -1.68 -53.93 4.25
CA GLY G 369 -0.98 -53.43 3.09
C GLY G 369 0.00 -52.33 3.49
N ASP G 370 -0.05 -51.23 2.74
CA ASP G 370 0.75 -50.08 3.12
C ASP G 370 0.26 -49.48 4.44
N LEU G 371 1.19 -49.30 5.38
CA LEU G 371 0.85 -49.10 6.78
C LEU G 371 -0.02 -47.87 7.02
N GLU G 372 -0.01 -46.90 6.12
CA GLU G 372 -0.54 -45.59 6.44
C GLU G 372 -2.05 -45.51 6.31
N ILE G 373 -2.68 -46.41 5.56
CA ILE G 373 -4.13 -46.37 5.44
C ILE G 373 -4.82 -47.03 6.64
N THR G 374 -4.25 -48.13 7.14
CA THR G 374 -4.86 -48.86 8.25
C THR G 374 -4.44 -48.30 9.60
N THR G 375 -3.16 -48.42 9.92
CA THR G 375 -2.66 -48.11 11.25
C THR G 375 -2.94 -46.65 11.59
N HIS G 376 -3.13 -46.38 12.87
CA HIS G 376 -3.14 -44.98 13.25
C HIS G 376 -1.78 -44.40 12.90
N SER G 377 -1.74 -43.55 11.89
CA SER G 377 -0.53 -42.89 11.42
C SER G 377 -0.69 -41.40 11.67
N PHE G 378 0.16 -40.85 12.53
CA PHE G 378 0.04 -39.45 12.93
C PHE G 378 1.43 -38.90 13.20
N THR G 379 1.56 -37.58 13.05
CA THR G 379 2.86 -36.91 13.00
C THR G 379 3.27 -36.41 14.38
N CYS G 380 4.34 -36.99 14.92
CA CYS G 380 4.99 -36.51 16.13
C CYS G 380 6.47 -36.88 16.06
N ARG G 381 7.32 -35.99 16.61
CA ARG G 381 8.76 -36.04 16.35
C ARG G 381 9.04 -36.02 14.86
N GLY G 382 8.12 -35.41 14.10
CA GLY G 382 8.09 -35.53 12.66
C GLY G 382 7.72 -36.90 12.15
N GLU G 383 7.75 -37.92 12.99
CA GLU G 383 7.54 -39.30 12.59
C GLU G 383 6.21 -39.78 13.17
N PHE G 384 5.94 -41.08 13.01
CA PHE G 384 4.61 -41.60 13.23
C PHE G 384 4.72 -42.92 13.99
N PHE G 385 3.58 -43.42 14.44
CA PHE G 385 3.53 -44.53 15.38
C PHE G 385 2.73 -45.65 14.74
N TYR G 386 3.38 -46.76 14.44
CA TYR G 386 2.80 -47.77 13.55
C TYR G 386 2.65 -49.08 14.30
N CYS G 387 1.41 -49.47 14.54
CA CYS G 387 1.06 -50.75 15.14
C CYS G 387 0.18 -51.54 14.18
N ASN G 388 -0.30 -52.68 14.66
CA ASN G 388 -1.14 -53.56 13.86
C ASN G 388 -2.62 -53.24 14.12
N THR G 389 -3.51 -54.10 13.64
CA THR G 389 -4.95 -53.98 13.80
C THR G 389 -5.46 -54.54 15.13
N SER G 390 -4.64 -54.56 16.18
CA SER G 390 -5.02 -55.21 17.42
C SER G 390 -5.91 -54.33 18.30
N GLY G 391 -5.75 -53.01 18.24
CA GLY G 391 -6.37 -52.12 19.19
C GLY G 391 -7.65 -51.48 18.69
N LEU G 392 -8.68 -51.50 19.54
CA LEU G 392 -9.88 -50.68 19.42
C LEU G 392 -10.61 -50.88 18.09
N PHE G 393 -10.12 -51.79 17.27
CA PHE G 393 -10.63 -51.97 15.93
C PHE G 393 -11.70 -53.06 15.84
N ASN G 394 -12.14 -53.64 16.96
CA ASN G 394 -12.74 -54.98 16.93
C ASN G 394 -14.25 -55.03 17.12
N SER G 395 -14.80 -54.27 18.05
CA SER G 395 -16.09 -54.62 18.64
C SER G 395 -17.21 -54.72 17.62
N THR G 396 -18.17 -55.60 17.92
CA THR G 396 -19.39 -55.73 17.15
C THR G 396 -20.49 -55.00 17.89
N TYR G 397 -21.52 -54.61 17.16
CA TYR G 397 -22.65 -53.96 17.81
C TYR G 397 -23.95 -54.63 17.41
N MET G 398 -24.46 -55.42 18.32
CA MET G 398 -25.87 -55.65 18.51
C MET G 398 -25.88 -55.04 19.90
N PRO G 399 -27.00 -54.86 20.61
CA PRO G 399 -27.10 -53.69 21.49
C PRO G 399 -26.03 -53.60 22.58
N ASN G 400 -24.82 -54.07 22.31
CA ASN G 400 -23.68 -53.90 23.19
C ASN G 400 -22.38 -53.99 22.39
N GLY G 401 -21.33 -53.31 22.88
CA GLY G 401 -20.03 -53.36 22.27
C GLY G 401 -19.33 -54.68 22.60
N THR G 402 -18.04 -54.74 22.24
CA THR G 402 -17.39 -56.05 22.30
C THR G 402 -15.93 -55.98 22.78
N TYR G 403 -15.56 -54.98 23.60
CA TYR G 403 -14.15 -54.95 23.95
C TYR G 403 -13.83 -55.68 25.24
N LEU G 404 -14.31 -55.12 26.34
CA LEU G 404 -13.87 -55.39 27.71
C LEU G 404 -14.80 -54.60 28.63
N HIS G 405 -14.46 -54.58 29.91
CA HIS G 405 -15.12 -53.81 30.96
C HIS G 405 -16.60 -53.51 30.70
N SER G 412 -5.11 -44.88 34.73
CA SER G 412 -4.83 -43.78 33.81
C SER G 412 -4.18 -44.31 32.55
N SER G 413 -3.06 -43.70 32.18
CA SER G 413 -2.29 -44.16 31.04
C SER G 413 -1.93 -45.62 31.25
N ILE G 414 -2.50 -46.50 30.42
CA ILE G 414 -2.34 -47.91 30.73
C ILE G 414 -1.45 -48.56 29.68
N THR G 415 -1.91 -48.64 28.42
CA THR G 415 -1.09 -49.18 27.33
C THR G 415 -1.81 -49.27 25.98
N ILE G 416 -1.05 -49.16 24.89
CA ILE G 416 -1.37 -49.65 23.55
C ILE G 416 -0.08 -49.57 22.73
N PRO G 417 0.31 -50.63 22.03
CA PRO G 417 1.64 -50.68 21.40
C PRO G 417 1.74 -50.17 19.97
N CYS G 418 1.86 -48.87 19.73
CA CYS G 418 2.18 -48.33 18.41
C CYS G 418 3.58 -47.74 18.42
N ARG G 419 4.44 -48.23 17.53
CA ARG G 419 5.86 -47.90 17.53
C ARG G 419 6.22 -47.16 16.24
N ILE G 420 7.47 -46.71 16.16
CA ILE G 420 7.89 -45.82 15.09
C ILE G 420 8.66 -46.61 14.04
N LYS G 421 8.54 -46.18 12.79
CA LYS G 421 9.34 -46.62 11.66
C LYS G 421 10.24 -45.47 11.22
N GLN G 422 10.95 -45.66 10.13
CA GLN G 422 11.70 -44.53 9.58
C GLN G 422 11.48 -44.33 8.09
N ILE G 423 11.36 -45.40 7.33
CA ILE G 423 11.24 -45.34 5.87
C ILE G 423 9.76 -45.28 5.51
N ILE G 424 9.25 -44.06 5.33
CA ILE G 424 7.83 -43.82 5.25
C ILE G 424 7.40 -43.73 3.79
N ASN G 425 6.09 -43.75 3.56
CA ASN G 425 5.49 -43.36 2.31
C ASN G 425 4.94 -41.95 2.45
N MET G 426 4.69 -41.31 1.31
CA MET G 426 4.22 -39.94 1.28
C MET G 426 2.74 -39.93 0.93
N TRP G 427 1.97 -39.15 1.67
CA TRP G 427 0.59 -38.89 1.29
C TRP G 427 0.50 -37.96 0.10
N GLN G 428 1.63 -37.39 -0.32
CA GLN G 428 1.73 -36.25 -1.22
C GLN G 428 1.83 -36.69 -2.67
N GLU G 429 2.91 -37.39 -2.98
CA GLU G 429 3.15 -37.92 -4.32
C GLU G 429 3.83 -39.27 -4.15
N VAL G 430 3.36 -40.24 -4.95
CA VAL G 430 3.73 -41.63 -4.76
C VAL G 430 5.25 -41.77 -4.72
N GLY G 431 5.74 -42.68 -3.91
CA GLY G 431 7.16 -42.83 -3.78
C GLY G 431 7.67 -42.72 -2.36
N ARG G 432 8.75 -43.43 -2.11
CA ARG G 432 9.24 -43.67 -0.76
C ARG G 432 9.95 -42.43 -0.22
N ALA G 433 10.58 -42.57 0.94
CA ALA G 433 11.33 -41.51 1.60
C ALA G 433 12.08 -42.12 2.79
N MET G 434 13.17 -41.49 3.22
CA MET G 434 14.08 -42.13 4.17
C MET G 434 14.50 -41.11 5.23
N TYR G 435 13.93 -41.21 6.43
CA TYR G 435 14.14 -40.18 7.43
C TYR G 435 15.27 -40.58 8.38
N ALA G 436 15.47 -39.77 9.42
CA ALA G 436 16.65 -39.85 10.26
C ALA G 436 16.43 -40.78 11.44
N PRO G 437 17.51 -41.27 12.06
CA PRO G 437 17.39 -41.98 13.32
C PRO G 437 16.79 -41.07 14.37
N PRO G 438 15.96 -41.61 15.26
CA PRO G 438 15.19 -40.75 16.16
C PRO G 438 15.99 -40.13 17.29
N ILE G 439 15.29 -39.45 18.19
CA ILE G 439 15.85 -38.75 19.34
C ILE G 439 15.92 -39.75 20.49
N GLU G 440 16.81 -39.49 21.46
CA GLU G 440 17.04 -40.42 22.56
C GLU G 440 15.75 -40.86 23.24
N GLY G 441 14.86 -39.90 23.53
CA GLY G 441 13.59 -40.25 24.12
C GLY G 441 12.93 -39.05 24.79
N ASN G 442 11.99 -39.35 25.69
CA ASN G 442 11.20 -38.36 26.43
C ASN G 442 10.37 -37.49 25.49
N ILE G 443 9.37 -38.13 24.87
CA ILE G 443 8.44 -37.44 23.99
C ILE G 443 7.03 -37.62 24.56
N THR G 444 6.11 -36.77 24.09
CA THR G 444 4.70 -36.90 24.44
C THR G 444 3.88 -36.13 23.42
N CYS G 445 2.69 -36.63 23.12
CA CYS G 445 1.74 -35.92 22.27
C CYS G 445 0.34 -36.19 22.78
N LYS G 446 -0.43 -35.15 22.95
CA LYS G 446 -1.82 -35.27 23.33
C LYS G 446 -2.67 -34.91 22.12
N SER G 447 -3.99 -34.91 22.29
CA SER G 447 -4.82 -34.58 21.15
C SER G 447 -6.24 -34.30 21.60
N ASN G 448 -7.07 -33.95 20.61
CA ASN G 448 -8.51 -33.79 20.78
C ASN G 448 -9.16 -34.25 19.47
N ILE G 449 -9.52 -35.53 19.42
CA ILE G 449 -10.13 -36.11 18.23
C ILE G 449 -11.39 -35.34 17.85
N THR G 450 -11.46 -34.88 16.61
CA THR G 450 -12.69 -34.28 16.13
C THR G 450 -13.65 -35.28 15.56
N GLY G 451 -13.16 -36.43 15.11
CA GLY G 451 -13.98 -37.40 14.43
C GLY G 451 -13.20 -38.55 13.85
N LEU G 452 -13.75 -39.18 12.84
CA LEU G 452 -13.17 -40.43 12.39
C LEU G 452 -13.48 -40.60 10.91
N LEU G 453 -12.78 -41.54 10.30
CA LEU G 453 -12.75 -41.67 8.86
C LEU G 453 -13.04 -43.13 8.53
N LEU G 454 -14.18 -43.41 7.87
CA LEU G 454 -14.63 -44.79 7.78
C LEU G 454 -15.38 -45.08 6.49
N VAL G 455 -15.21 -46.31 5.98
CA VAL G 455 -16.03 -46.86 4.90
C VAL G 455 -16.38 -48.31 5.22
N ARG G 456 -17.62 -48.69 4.94
CA ARG G 456 -18.06 -50.05 5.11
C ARG G 456 -17.13 -51.00 4.39
N ASP G 457 -16.72 -52.04 5.09
CA ASP G 457 -15.91 -53.12 4.55
C ASP G 457 -16.81 -54.02 3.69
N GLY G 458 -17.53 -53.38 2.78
CA GLY G 458 -18.76 -53.94 2.26
C GLY G 458 -18.60 -55.07 1.29
N GLY G 459 -19.62 -55.29 0.48
CA GLY G 459 -19.58 -56.35 -0.50
C GLY G 459 -20.94 -56.96 -0.77
N THR G 460 -20.94 -58.26 -1.04
CA THR G 460 -22.18 -59.01 -1.21
C THR G 460 -22.07 -60.42 -0.64
N GLU G 461 -21.00 -60.72 0.11
CA GLU G 461 -20.92 -61.99 0.83
C GLU G 461 -21.66 -61.93 2.15
N SER G 462 -22.16 -60.74 2.54
CA SER G 462 -22.53 -60.46 3.92
C SER G 462 -23.99 -60.79 4.18
N ASN G 463 -24.28 -61.28 5.39
CA ASN G 463 -25.64 -61.58 5.84
C ASN G 463 -25.85 -60.92 7.20
N ASN G 464 -26.39 -59.70 7.18
CA ASN G 464 -27.00 -59.03 8.33
C ASN G 464 -26.03 -58.60 9.42
N THR G 465 -24.77 -59.01 9.37
CA THR G 465 -23.79 -58.26 10.13
C THR G 465 -23.25 -57.17 9.23
N GLU G 466 -22.90 -56.04 9.82
CA GLU G 466 -22.37 -54.93 9.04
C GLU G 466 -21.15 -54.35 9.70
N THR G 467 -20.21 -53.95 8.86
CA THR G 467 -18.89 -53.63 9.33
C THR G 467 -18.40 -52.41 8.58
N ASN G 468 -17.72 -51.52 9.29
CA ASN G 468 -17.14 -50.32 8.70
C ASN G 468 -15.63 -50.40 8.90
N ASN G 469 -14.89 -49.83 7.97
CA ASN G 469 -13.46 -50.10 7.94
C ASN G 469 -12.72 -48.98 7.23
N GLY G 476 -10.40 -46.52 8.36
CA GLY G 476 -9.55 -46.47 7.18
C GLY G 476 -9.72 -45.25 6.29
N GLY G 477 -8.65 -44.47 6.14
CA GLY G 477 -8.66 -43.33 5.25
C GLY G 477 -7.26 -42.76 5.07
N GLY G 478 -6.91 -42.39 3.85
CA GLY G 478 -5.58 -41.86 3.57
C GLY G 478 -5.52 -40.75 2.54
N ASP G 479 -6.67 -40.26 2.10
CA ASP G 479 -6.76 -39.15 1.16
C ASP G 479 -6.99 -37.85 1.90
N MET G 480 -6.00 -36.97 1.87
CA MET G 480 -6.12 -35.74 2.64
C MET G 480 -7.29 -34.90 2.20
N ARG G 481 -7.61 -34.88 0.91
CA ARG G 481 -8.61 -33.96 0.39
C ARG G 481 -9.95 -34.08 1.11
N ASP G 482 -10.12 -35.11 1.93
CA ASP G 482 -11.15 -35.09 2.96
C ASP G 482 -10.57 -34.96 4.36
N ASN G 483 -9.37 -35.50 4.60
CA ASN G 483 -8.72 -35.38 5.91
C ASN G 483 -8.73 -33.94 6.41
N TRP G 484 -8.79 -32.99 5.50
CA TRP G 484 -9.03 -31.60 5.82
C TRP G 484 -10.28 -31.16 5.09
N ARG G 485 -11.31 -31.96 5.17
CA ARG G 485 -12.62 -31.57 4.69
C ARG G 485 -13.72 -31.93 5.67
N SER G 486 -13.37 -32.52 6.79
CA SER G 486 -14.22 -32.47 7.97
C SER G 486 -14.10 -31.14 8.67
N GLU G 487 -13.50 -30.16 8.00
CA GLU G 487 -13.33 -28.83 8.53
C GLU G 487 -13.68 -27.73 7.54
N LEU G 488 -14.18 -28.07 6.37
CA LEU G 488 -14.42 -27.06 5.36
C LEU G 488 -15.73 -27.28 4.62
N TYR G 489 -16.61 -28.12 5.15
CA TYR G 489 -17.91 -28.29 4.51
C TYR G 489 -18.65 -26.99 4.45
N LYS G 490 -18.37 -26.12 5.41
CA LYS G 490 -18.92 -24.78 5.46
C LYS G 490 -18.39 -23.93 4.31
N TYR G 491 -17.07 -23.73 4.31
CA TYR G 491 -16.40 -22.81 3.42
C TYR G 491 -16.70 -23.11 1.97
N LYS G 492 -17.44 -22.22 1.34
CA LYS G 492 -17.67 -22.24 -0.10
C LYS G 492 -17.24 -20.89 -0.64
N VAL G 493 -16.12 -20.84 -1.36
CA VAL G 493 -15.59 -19.56 -1.85
C VAL G 493 -16.41 -19.13 -3.04
N VAL G 494 -16.74 -17.86 -3.10
CA VAL G 494 -17.51 -17.35 -4.22
C VAL G 494 -16.98 -15.97 -4.57
N GLU G 495 -17.18 -15.56 -5.82
CA GLU G 495 -16.89 -14.18 -6.18
C GLU G 495 -18.06 -13.35 -5.71
N ILE G 496 -18.10 -12.10 -6.04
CA ILE G 496 -19.37 -11.39 -5.98
C ILE G 496 -19.89 -11.25 -7.39
N LYS G 497 -21.19 -11.28 -7.53
CA LYS G 497 -21.69 -10.98 -8.86
C LYS G 497 -22.56 -9.76 -8.68
N PRO G 498 -22.00 -8.72 -8.15
CA PRO G 498 -22.80 -7.64 -7.59
C PRO G 498 -23.57 -6.90 -8.65
N LEU G 499 -23.34 -7.25 -9.89
CA LEU G 499 -24.21 -6.78 -10.95
C LEU G 499 -25.38 -7.71 -11.00
N GLY G 500 -26.57 -7.17 -10.90
CA GLY G 500 -27.73 -8.03 -10.80
C GLY G 500 -28.76 -7.54 -11.78
N VAL G 501 -29.61 -8.48 -12.17
CA VAL G 501 -30.68 -8.22 -13.12
C VAL G 501 -32.01 -8.50 -12.42
N ALA G 502 -33.03 -7.76 -12.82
CA ALA G 502 -34.35 -7.92 -12.26
C ALA G 502 -35.34 -7.26 -13.20
N PRO G 503 -36.63 -7.57 -13.08
CA PRO G 503 -37.63 -6.87 -13.88
C PRO G 503 -38.21 -5.66 -13.18
N THR G 504 -38.63 -4.71 -14.00
CA THR G 504 -39.31 -3.47 -13.68
C THR G 504 -40.22 -3.15 -14.86
N ALA G 505 -40.58 -1.88 -14.99
CA ALA G 505 -41.32 -1.41 -16.16
C ALA G 505 -40.57 -0.24 -16.77
N CYS G 506 -39.25 -0.39 -16.91
CA CYS G 506 -38.36 0.72 -17.20
C CYS G 506 -37.92 0.65 -18.66
N LYS G 507 -38.15 1.73 -19.40
CA LYS G 507 -37.80 1.83 -20.81
C LYS G 507 -37.69 3.30 -21.17
N ARG G 508 -37.02 3.61 -22.28
CA ARG G 508 -36.58 4.97 -22.51
C ARG G 508 -37.46 5.72 -23.50
N ARG G 509 -37.09 6.99 -23.71
CA ARG G 509 -37.79 7.87 -24.63
C ARG G 509 -37.44 7.53 -26.07
N VAL G 510 -38.42 7.69 -26.96
CA VAL G 510 -38.24 7.33 -28.37
C VAL G 510 -38.27 8.56 -29.27
N GLY H 5 -22.50 -6.39 2.48
CA GLY H 5 -22.34 -7.42 1.48
C GLY H 5 -21.01 -8.16 1.54
N ALA H 6 -20.42 -8.19 2.73
CA ALA H 6 -19.21 -8.89 3.16
C ALA H 6 -17.93 -8.17 2.80
N VAL H 7 -17.99 -7.04 2.09
CA VAL H 7 -16.81 -6.38 1.54
C VAL H 7 -17.18 -4.93 1.29
N PHE H 8 -16.17 -4.10 1.04
CA PHE H 8 -16.41 -2.71 0.63
C PHE H 8 -17.49 -2.58 -0.44
N LEU H 9 -17.65 -3.63 -1.25
CA LEU H 9 -18.59 -3.72 -2.35
C LEU H 9 -19.59 -4.84 -2.07
N GLY H 10 -20.48 -5.11 -3.02
CA GLY H 10 -21.64 -5.92 -2.71
C GLY H 10 -22.48 -5.24 -1.67
N PHE H 11 -22.44 -3.90 -1.66
CA PHE H 11 -22.89 -3.05 -0.56
C PHE H 11 -24.35 -2.62 -0.70
N LEU H 12 -25.10 -3.24 -1.61
CA LEU H 12 -26.49 -2.90 -1.87
C LEU H 12 -27.41 -4.03 -1.46
N GLY H 13 -27.11 -4.66 -0.33
CA GLY H 13 -27.97 -5.69 0.18
C GLY H 13 -27.22 -6.68 1.02
N VAL H 14 -27.98 -7.59 1.61
CA VAL H 14 -27.50 -8.65 2.46
C VAL H 14 -27.94 -9.98 1.90
N ALA H 15 -27.05 -10.97 2.01
CA ALA H 15 -27.31 -12.28 1.45
C ALA H 15 -28.45 -12.98 2.17
N GLY H 16 -29.23 -13.71 1.41
CA GLY H 16 -30.43 -14.34 1.92
C GLY H 16 -31.61 -13.43 1.88
N SER H 17 -31.41 -12.17 2.23
CA SER H 17 -32.42 -11.18 1.89
C SER H 17 -32.70 -11.26 0.41
N THR H 18 -33.96 -11.47 0.07
CA THR H 18 -34.33 -11.60 -1.32
C THR H 18 -34.20 -10.24 -1.98
N MET H 19 -34.62 -10.16 -3.25
CA MET H 19 -34.28 -9.02 -4.08
C MET H 19 -34.73 -7.69 -3.47
N GLY H 20 -36.04 -7.54 -3.26
CA GLY H 20 -36.56 -6.26 -2.77
C GLY H 20 -35.78 -5.70 -1.61
N ALA H 21 -35.34 -6.58 -0.70
CA ALA H 21 -34.55 -6.15 0.43
C ALA H 21 -33.28 -5.43 -0.03
N ALA H 22 -32.47 -6.10 -0.85
CA ALA H 22 -31.23 -5.51 -1.32
C ALA H 22 -31.49 -4.25 -2.14
N SER H 23 -32.46 -4.34 -3.06
CA SER H 23 -32.81 -3.21 -3.91
C SER H 23 -33.14 -1.97 -3.11
N MET H 24 -33.78 -2.15 -1.96
CA MET H 24 -34.08 -0.96 -1.18
C MET H 24 -32.93 -0.57 -0.27
N THR H 25 -32.12 -1.54 0.18
CA THR H 25 -30.95 -1.18 0.97
C THR H 25 -29.95 -0.36 0.15
N LEU H 26 -30.09 -0.37 -1.17
CA LEU H 26 -29.41 0.62 -2.00
C LEU H 26 -29.50 2.02 -1.41
N THR H 27 -30.72 2.53 -1.32
CA THR H 27 -30.91 3.92 -1.00
C THR H 27 -30.52 4.19 0.44
N VAL H 28 -30.64 3.19 1.30
CA VAL H 28 -30.26 3.43 2.69
C VAL H 28 -28.76 3.30 2.88
N GLN H 29 -28.05 2.54 2.04
CA GLN H 29 -26.60 2.66 2.02
C GLN H 29 -26.21 4.08 1.68
N ALA H 30 -26.86 4.62 0.64
CA ALA H 30 -26.69 6.03 0.32
C ALA H 30 -26.90 6.91 1.55
N ARG H 31 -28.10 6.84 2.11
CA ARG H 31 -28.50 7.73 3.19
C ARG H 31 -27.74 7.47 4.49
N GLN H 32 -27.09 6.31 4.63
CA GLN H 32 -26.34 6.05 5.84
C GLN H 32 -24.91 6.53 5.72
N LEU H 33 -24.35 6.55 4.52
CA LEU H 33 -23.02 7.10 4.34
C LEU H 33 -23.02 8.50 3.75
N LEU H 34 -24.18 9.19 3.73
CA LEU H 34 -24.21 10.53 3.14
C LEU H 34 -23.67 11.60 4.09
N SER H 35 -24.20 11.69 5.31
CA SER H 35 -23.90 12.87 6.12
C SER H 35 -22.47 12.86 6.62
N GLY H 36 -21.99 11.73 7.12
CA GLY H 36 -20.70 11.70 7.77
C GLY H 36 -20.69 12.50 9.05
N ILE H 37 -21.86 13.00 9.45
CA ILE H 37 -22.04 13.77 10.68
C ILE H 37 -22.51 12.86 11.79
N GLN H 52 -1.21 -2.24 19.77
CA GLN H 52 0.00 -2.82 19.16
C GLN H 52 0.10 -2.48 17.69
N HIS H 53 1.31 -2.17 17.24
CA HIS H 53 1.61 -1.96 15.82
C HIS H 53 3.04 -2.42 15.57
N LEU H 54 3.20 -3.55 14.89
CA LEU H 54 4.48 -4.23 14.79
C LEU H 54 5.33 -3.65 13.67
N LEU H 55 6.64 -3.83 13.79
CA LEU H 55 7.57 -3.35 12.77
C LEU H 55 7.29 -3.97 11.41
N GLN H 56 6.57 -5.09 11.36
CA GLN H 56 6.16 -5.68 10.10
C GLN H 56 4.65 -5.69 9.93
N LEU H 57 3.93 -4.90 10.74
CA LEU H 57 2.57 -4.51 10.36
C LEU H 57 2.56 -3.85 9.00
N THR H 58 3.70 -3.31 8.59
CA THR H 58 3.91 -2.81 7.24
C THR H 58 3.24 -3.71 6.22
N VAL H 59 3.63 -4.99 6.22
CA VAL H 59 3.21 -5.90 5.14
C VAL H 59 1.72 -6.17 5.20
N TRP H 60 1.13 -6.16 6.39
CA TRP H 60 -0.32 -6.35 6.46
C TRP H 60 -1.04 -5.14 5.91
N GLY H 61 -0.66 -3.95 6.36
CA GLY H 61 -1.17 -2.76 5.72
C GLY H 61 -1.05 -2.86 4.22
N ILE H 62 0.14 -3.24 3.75
CA ILE H 62 0.40 -3.43 2.33
C ILE H 62 -0.68 -4.29 1.71
N LYS H 63 -0.79 -5.53 2.17
CA LYS H 63 -1.78 -6.42 1.60
C LYS H 63 -3.17 -5.86 1.81
N GLN H 64 -3.39 -5.16 2.92
CA GLN H 64 -4.65 -4.46 3.10
C GLN H 64 -4.89 -3.47 2.00
N LEU H 65 -3.83 -2.87 1.46
CA LEU H 65 -4.02 -1.85 0.47
C LEU H 65 -4.74 -2.39 -0.75
N GLN H 66 -4.10 -3.34 -1.43
CA GLN H 66 -4.57 -3.79 -2.71
C GLN H 66 -6.07 -3.81 -2.77
N THR H 67 -6.64 -4.62 -1.90
CA THR H 67 -8.06 -4.89 -1.81
C THR H 67 -8.89 -3.65 -2.08
N ARG H 68 -8.56 -2.56 -1.41
CA ARG H 68 -9.35 -1.35 -1.54
C ARG H 68 -9.21 -0.77 -2.94
N VAL H 69 -7.98 -0.71 -3.41
CA VAL H 69 -7.77 -0.25 -4.77
C VAL H 69 -8.61 -1.09 -5.72
N LEU H 70 -8.35 -2.40 -5.71
CA LEU H 70 -8.99 -3.37 -6.60
C LEU H 70 -10.48 -3.26 -6.51
N ALA H 71 -10.94 -2.92 -5.31
CA ALA H 71 -12.34 -2.63 -5.12
C ALA H 71 -12.77 -1.50 -6.02
N ILE H 72 -12.13 -0.36 -5.88
CA ILE H 72 -12.43 0.71 -6.81
C ILE H 72 -12.15 0.29 -8.24
N GLU H 73 -11.16 -0.55 -8.44
CA GLU H 73 -10.69 -0.81 -9.78
C GLU H 73 -11.73 -1.59 -10.54
N ARG H 74 -12.10 -2.75 -10.02
CA ARG H 74 -13.23 -3.50 -10.52
C ARG H 74 -14.48 -2.66 -10.50
N TYR H 75 -14.66 -1.94 -9.41
CA TYR H 75 -15.75 -1.04 -9.17
C TYR H 75 -15.98 -0.32 -10.46
N LEU H 76 -15.03 0.52 -10.81
CA LEU H 76 -15.10 1.18 -12.09
C LEU H 76 -15.17 0.15 -13.19
N LYS H 77 -14.19 -0.73 -13.22
CA LYS H 77 -13.85 -1.55 -14.37
C LYS H 77 -15.09 -2.01 -15.09
N ASP H 78 -16.16 -2.19 -14.36
CA ASP H 78 -17.40 -2.41 -15.09
C ASP H 78 -18.46 -1.40 -14.69
N GLN H 79 -18.42 -0.97 -13.43
CA GLN H 79 -19.07 0.27 -13.09
C GLN H 79 -18.75 1.27 -14.17
N GLN H 80 -17.51 1.22 -14.66
CA GLN H 80 -17.21 1.83 -15.94
C GLN H 80 -18.04 1.21 -17.04
N LEU H 81 -17.83 -0.06 -17.32
CA LEU H 81 -18.45 -0.50 -18.55
C LEU H 81 -19.94 -0.69 -18.41
N LEU H 82 -20.54 -0.16 -17.36
CA LEU H 82 -21.95 0.13 -17.51
C LEU H 82 -22.04 1.25 -18.54
N GLY H 83 -20.89 1.75 -18.98
CA GLY H 83 -20.80 2.74 -20.02
C GLY H 83 -21.55 2.36 -21.27
N ILE H 84 -21.06 1.36 -22.01
CA ILE H 84 -21.78 0.86 -23.17
C ILE H 84 -23.17 0.37 -22.79
N TRP H 85 -23.42 0.18 -21.50
CA TRP H 85 -24.73 -0.17 -21.01
C TRP H 85 -25.55 1.06 -20.67
N GLY H 86 -24.99 2.26 -20.88
CA GLY H 86 -25.74 3.48 -20.74
C GLY H 86 -26.04 3.93 -19.33
N CYS H 87 -25.56 3.23 -18.31
CA CYS H 87 -25.68 3.77 -16.97
C CYS H 87 -24.41 3.53 -16.14
N SER H 88 -23.23 3.86 -16.67
CA SER H 88 -22.01 3.71 -15.86
C SER H 88 -22.03 4.64 -14.65
N GLY H 89 -21.13 4.40 -13.71
CA GLY H 89 -21.02 5.30 -12.59
C GLY H 89 -22.07 5.08 -11.52
N LYS H 90 -23.32 4.95 -11.95
CA LYS H 90 -24.48 4.94 -11.06
C LYS H 90 -24.57 3.60 -10.33
N LEU H 91 -25.73 3.32 -9.75
CA LEU H 91 -25.97 2.06 -9.08
C LEU H 91 -27.20 1.31 -9.58
N ILE H 92 -28.04 1.94 -10.41
CA ILE H 92 -29.35 1.39 -10.77
C ILE H 92 -29.67 1.65 -12.23
N CYS H 93 -29.71 0.62 -13.05
CA CYS H 93 -30.18 0.83 -14.40
C CYS H 93 -31.68 0.60 -14.50
N CYS H 94 -32.26 1.13 -15.57
CA CYS H 94 -33.44 0.53 -16.19
C CYS H 94 -33.16 0.49 -17.68
N THR H 95 -33.18 -0.72 -18.25
CA THR H 95 -32.83 -0.88 -19.65
C THR H 95 -34.00 -0.50 -20.53
N ALA H 96 -33.94 -0.92 -21.80
CA ALA H 96 -35.01 -0.59 -22.74
C ALA H 96 -35.30 -1.76 -23.67
N VAL H 97 -35.24 -2.99 -23.17
CA VAL H 97 -35.31 -4.15 -24.03
C VAL H 97 -36.61 -4.91 -23.79
N PRO H 98 -37.12 -5.66 -24.78
CA PRO H 98 -38.29 -6.52 -24.55
C PRO H 98 -37.88 -7.83 -23.91
N TRP H 99 -38.49 -8.14 -22.77
CA TRP H 99 -38.12 -9.34 -22.04
C TRP H 99 -38.60 -10.59 -22.77
N ASN H 100 -37.88 -11.67 -22.55
CA ASN H 100 -38.22 -12.97 -23.08
C ASN H 100 -38.74 -13.81 -21.93
N SER H 101 -40.07 -13.97 -21.86
CA SER H 101 -40.67 -14.82 -20.84
C SER H 101 -39.99 -16.18 -20.79
N SER H 102 -39.41 -16.60 -21.91
CA SER H 102 -38.55 -17.78 -21.93
C SER H 102 -37.36 -17.65 -20.98
N TRP H 103 -37.08 -16.46 -20.46
CA TRP H 103 -35.90 -16.31 -19.63
C TRP H 103 -36.21 -16.57 -18.16
N SER H 104 -37.19 -15.91 -17.61
CA SER H 104 -37.54 -16.27 -16.24
C SER H 104 -39.03 -16.50 -16.03
N ASN H 105 -39.88 -15.72 -16.69
CA ASN H 105 -41.33 -15.83 -16.58
C ASN H 105 -41.78 -15.74 -15.12
N LYS H 106 -41.46 -14.60 -14.50
CA LYS H 106 -41.84 -14.33 -13.12
C LYS H 106 -42.19 -12.85 -12.99
N SER H 107 -42.99 -12.53 -11.98
CA SER H 107 -43.46 -11.18 -11.76
C SER H 107 -42.98 -10.69 -10.40
N GLN H 108 -42.79 -9.37 -10.30
CA GLN H 108 -42.07 -8.74 -9.20
C GLN H 108 -42.40 -9.31 -7.83
N LYS H 109 -43.65 -9.76 -7.67
CA LYS H 109 -44.13 -10.21 -6.36
C LYS H 109 -43.27 -11.33 -5.82
N GLU H 110 -43.31 -12.49 -6.46
CA GLU H 110 -42.42 -13.56 -6.05
C GLU H 110 -40.96 -13.22 -6.33
N ILE H 111 -40.71 -12.49 -7.41
CA ILE H 111 -39.34 -12.18 -7.82
C ILE H 111 -38.56 -11.58 -6.67
N TRP H 112 -39.03 -10.43 -6.17
CA TRP H 112 -38.26 -9.66 -5.21
C TRP H 112 -38.29 -10.29 -3.84
N ASP H 113 -39.34 -11.04 -3.53
CA ASP H 113 -39.50 -11.66 -2.23
C ASP H 113 -38.94 -13.06 -2.16
N ASN H 114 -38.46 -13.61 -3.28
CA ASN H 114 -38.03 -15.00 -3.28
C ASN H 114 -36.83 -15.15 -4.19
N MET H 115 -36.27 -16.35 -4.19
CA MET H 115 -35.01 -16.62 -4.85
C MET H 115 -33.98 -15.58 -4.41
N THR H 116 -33.62 -15.69 -3.14
CA THR H 116 -32.59 -14.83 -2.56
C THR H 116 -31.38 -14.80 -3.48
N TRP H 117 -31.18 -13.66 -4.16
CA TRP H 117 -30.65 -13.62 -5.52
C TRP H 117 -29.69 -14.74 -5.87
N MET H 118 -28.76 -15.05 -4.95
CA MET H 118 -27.72 -16.02 -5.26
C MET H 118 -28.30 -17.24 -5.91
N GLN H 119 -29.47 -17.66 -5.44
CA GLN H 119 -30.30 -18.68 -6.06
C GLN H 119 -31.30 -18.09 -7.03
N TRP H 120 -31.19 -16.81 -7.36
CA TRP H 120 -32.04 -16.27 -8.40
C TRP H 120 -31.39 -16.38 -9.75
N ASP H 121 -30.17 -15.89 -9.88
CA ASP H 121 -29.61 -15.72 -11.21
C ASP H 121 -29.20 -17.05 -11.81
N LYS H 122 -28.91 -18.04 -10.97
CA LYS H 122 -28.68 -19.37 -11.48
C LYS H 122 -29.84 -19.86 -12.32
N GLU H 123 -31.06 -19.44 -11.99
CA GLU H 123 -32.19 -19.73 -12.84
C GLU H 123 -31.98 -19.20 -14.25
N ILE H 124 -31.15 -18.18 -14.42
CA ILE H 124 -30.90 -17.63 -15.74
C ILE H 124 -29.42 -17.60 -16.03
N SER H 125 -28.68 -18.59 -15.52
CA SER H 125 -27.24 -18.64 -15.66
C SER H 125 -26.75 -18.59 -17.10
N ASN H 126 -27.66 -18.68 -18.07
CA ASN H 126 -27.27 -18.72 -19.47
C ASN H 126 -27.51 -17.41 -20.21
N TYR H 127 -28.63 -16.73 -19.94
CA TYR H 127 -28.86 -15.45 -20.60
C TYR H 127 -27.87 -14.37 -20.16
N THR H 128 -26.92 -14.74 -19.31
CA THR H 128 -25.91 -13.81 -18.79
C THR H 128 -25.37 -12.86 -19.84
N ASN H 129 -25.10 -13.39 -21.04
CA ASN H 129 -24.55 -12.56 -22.09
C ASN H 129 -25.57 -12.18 -23.15
N THR H 130 -26.66 -12.92 -23.27
CA THR H 130 -27.73 -12.51 -24.17
C THR H 130 -28.30 -11.16 -23.75
N ILE H 131 -28.36 -10.91 -22.45
CA ILE H 131 -28.89 -9.62 -22.01
C ILE H 131 -27.90 -8.51 -22.36
N TYR H 132 -26.60 -8.73 -22.16
CA TYR H 132 -25.61 -7.73 -22.54
C TYR H 132 -25.69 -7.43 -24.04
N LYS H 133 -25.77 -8.50 -24.84
CA LYS H 133 -26.19 -8.46 -26.23
C LYS H 133 -27.30 -7.47 -26.50
N LEU H 134 -28.50 -7.79 -26.02
CA LEU H 134 -29.65 -6.95 -26.33
C LEU H 134 -29.49 -5.53 -25.80
N LEU H 135 -28.77 -5.36 -24.69
CA LEU H 135 -28.66 -4.05 -24.05
C LEU H 135 -27.75 -3.12 -24.84
N GLU H 136 -26.52 -3.54 -25.09
CA GLU H 136 -25.65 -2.75 -25.96
C GLU H 136 -26.29 -2.58 -27.33
N ASP H 137 -27.11 -3.56 -27.73
CA ASP H 137 -27.81 -3.48 -29.01
C ASP H 137 -28.79 -2.31 -29.02
N SER H 138 -29.56 -2.16 -27.96
CA SER H 138 -30.50 -1.04 -27.86
C SER H 138 -29.76 0.28 -27.67
N GLN H 139 -28.57 0.25 -27.07
CA GLN H 139 -27.76 1.47 -27.02
C GLN H 139 -27.41 1.93 -28.44
N ASN H 140 -26.98 1.00 -29.28
CA ASN H 140 -26.70 1.34 -30.66
C ASN H 140 -27.97 1.71 -31.41
N GLN H 141 -29.09 1.09 -31.02
CA GLN H 141 -30.41 1.48 -31.50
C GLN H 141 -30.69 2.96 -31.24
N GLN H 142 -30.39 3.41 -30.02
CA GLN H 142 -30.56 4.82 -29.71
C GLN H 142 -29.67 5.69 -30.58
N GLU H 143 -28.41 5.28 -30.75
CA GLU H 143 -27.52 6.07 -31.61
C GLU H 143 -28.09 6.20 -33.02
N SER H 144 -28.64 5.09 -33.54
CA SER H 144 -29.24 5.08 -34.86
C SER H 144 -30.45 6.01 -34.94
N ASN H 145 -31.31 5.99 -33.91
CA ASN H 145 -32.47 6.89 -33.94
C ASN H 145 -32.07 8.34 -33.75
N GLU H 146 -31.05 8.61 -32.93
CA GLU H 146 -30.55 9.97 -32.82
C GLU H 146 -30.15 10.50 -34.18
N LYS H 147 -29.40 9.72 -34.96
CA LYS H 147 -29.10 10.21 -36.30
C LYS H 147 -30.31 10.30 -37.22
N ASP H 148 -31.21 9.31 -37.17
CA ASP H 148 -32.42 9.43 -37.99
C ASP H 148 -33.13 10.75 -37.71
N LEU H 149 -33.26 11.09 -36.43
CA LEU H 149 -33.96 12.29 -36.00
C LEU H 149 -33.19 13.55 -36.38
N LEU H 150 -31.87 13.46 -36.44
CA LEU H 150 -31.05 14.61 -36.77
C LEU H 150 -30.83 14.78 -38.26
N ALA H 151 -31.30 13.84 -39.09
CA ALA H 151 -31.06 13.91 -40.52
C ALA H 151 -31.73 15.10 -41.19
N LEU H 152 -32.65 15.78 -40.51
CA LEU H 152 -33.33 16.95 -41.05
C LEU H 152 -32.94 18.23 -40.32
N ASP H 153 -32.96 18.22 -39.00
CA ASP H 153 -32.53 19.37 -38.20
C ASP H 153 -31.81 18.93 -36.94
N LYS I 26 -14.33 -61.15 -25.34
CA LYS I 26 -13.95 -59.99 -24.55
C LYS I 26 -12.50 -60.17 -24.07
N LYS I 27 -11.84 -59.08 -23.66
CA LYS I 27 -10.41 -59.15 -23.35
C LYS I 27 -10.17 -60.05 -22.15
N VAL I 28 -9.58 -61.20 -22.41
CA VAL I 28 -9.26 -62.18 -21.39
C VAL I 28 -7.80 -62.00 -20.99
N VAL I 29 -7.42 -62.60 -19.87
CA VAL I 29 -6.02 -62.93 -19.62
C VAL I 29 -6.00 -64.39 -19.16
N LEU I 30 -4.79 -64.94 -19.10
CA LEU I 30 -4.63 -66.33 -18.69
C LEU I 30 -3.37 -66.45 -17.84
N GLY I 31 -3.34 -67.51 -17.04
CA GLY I 31 -2.24 -67.72 -16.13
C GLY I 31 -1.83 -69.17 -16.14
N LYS I 32 -0.98 -69.56 -15.20
CA LYS I 32 -0.39 -70.89 -15.28
C LYS I 32 -0.32 -71.58 -13.91
N LYS I 33 -1.11 -71.16 -12.92
CA LYS I 33 -1.06 -71.74 -11.58
C LYS I 33 0.37 -71.78 -11.05
N GLY I 34 0.90 -70.59 -10.84
CA GLY I 34 2.27 -70.45 -10.37
C GLY I 34 2.90 -69.18 -10.91
N ASP I 35 2.29 -68.62 -11.95
CA ASP I 35 2.78 -67.38 -12.52
C ASP I 35 2.12 -66.18 -11.85
N THR I 36 2.38 -65.02 -12.40
CA THR I 36 1.66 -63.79 -12.13
C THR I 36 0.75 -63.52 -13.33
N VAL I 37 0.18 -62.32 -13.41
CA VAL I 37 -0.49 -61.87 -14.63
C VAL I 37 -0.62 -60.36 -14.55
N GLU I 38 -0.97 -59.71 -15.66
CA GLU I 38 -1.15 -58.27 -15.69
C GLU I 38 -2.58 -57.92 -16.15
N LEU I 39 -3.15 -56.88 -15.55
CA LEU I 39 -4.48 -56.43 -15.89
C LEU I 39 -4.47 -54.92 -16.01
N THR I 40 -5.14 -54.38 -17.01
CA THR I 40 -4.92 -53.00 -17.45
C THR I 40 -6.09 -52.08 -17.10
N CYS I 41 -5.76 -50.83 -16.78
CA CYS I 41 -6.74 -49.78 -16.54
C CYS I 41 -6.30 -48.50 -17.24
N THR I 42 -7.17 -47.95 -18.06
CA THR I 42 -6.88 -46.76 -18.85
C THR I 42 -7.44 -45.51 -18.20
N ALA I 43 -6.83 -44.37 -18.51
CA ALA I 43 -7.29 -43.08 -18.02
C ALA I 43 -6.82 -41.99 -18.96
N SER I 44 -7.73 -41.08 -19.32
CA SER I 44 -7.43 -40.07 -20.32
C SER I 44 -6.76 -38.83 -19.73
N GLN I 45 -7.13 -38.44 -18.51
CA GLN I 45 -6.46 -37.32 -17.90
C GLN I 45 -4.99 -37.60 -17.60
N LYS I 46 -4.59 -38.87 -17.55
CA LYS I 46 -3.18 -39.24 -17.46
C LYS I 46 -2.57 -38.71 -16.17
N LYS I 47 -3.35 -38.77 -15.09
CA LYS I 47 -3.20 -37.83 -13.99
C LYS I 47 -3.19 -38.48 -12.62
N SER I 48 -3.34 -39.80 -12.52
CA SER I 48 -3.56 -40.49 -11.25
C SER I 48 -4.84 -40.02 -10.58
N ILE I 49 -5.96 -40.37 -11.22
CA ILE I 49 -7.27 -40.13 -10.66
C ILE I 49 -7.82 -41.43 -10.10
N GLN I 50 -8.97 -41.37 -9.44
CA GLN I 50 -9.40 -42.44 -8.55
C GLN I 50 -9.81 -43.68 -9.34
N PHE I 51 -9.05 -44.76 -9.20
CA PHE I 51 -9.46 -46.05 -9.77
C PHE I 51 -9.64 -47.06 -8.64
N HIS I 52 -10.53 -48.02 -8.85
CA HIS I 52 -10.66 -49.14 -7.93
C HIS I 52 -10.79 -50.44 -8.70
N TRP I 53 -10.13 -51.50 -8.22
CA TRP I 53 -10.19 -52.81 -8.83
C TRP I 53 -11.14 -53.67 -8.01
N LYS I 54 -12.18 -54.17 -8.65
CA LYS I 54 -13.27 -54.84 -7.94
C LYS I 54 -13.80 -55.99 -8.78
N ASN I 55 -13.98 -57.15 -8.17
CA ASN I 55 -14.37 -58.33 -8.94
C ASN I 55 -15.83 -58.32 -9.31
N SER I 56 -16.36 -59.47 -9.71
CA SER I 56 -17.64 -59.56 -10.39
C SER I 56 -18.74 -58.83 -9.63
N ASN I 57 -19.06 -59.34 -8.45
CA ASN I 57 -20.07 -58.75 -7.57
C ASN I 57 -19.51 -57.67 -6.65
N GLN I 58 -18.43 -57.02 -7.08
CA GLN I 58 -17.98 -55.73 -6.55
C GLN I 58 -17.55 -55.77 -5.10
N ILE I 59 -16.66 -56.70 -4.75
CA ILE I 59 -15.89 -56.55 -3.53
C ILE I 59 -14.82 -55.54 -3.92
N LYS I 60 -14.18 -54.87 -2.95
CA LYS I 60 -13.06 -53.99 -3.27
C LYS I 60 -11.78 -54.81 -3.24
N ILE I 61 -10.94 -54.66 -4.27
CA ILE I 61 -9.71 -55.45 -4.34
C ILE I 61 -8.49 -54.55 -4.34
N LEU I 62 -8.39 -53.67 -5.34
CA LEU I 62 -7.32 -52.66 -5.38
C LEU I 62 -7.89 -51.32 -5.77
N GLY I 63 -7.57 -50.28 -5.01
CA GLY I 63 -8.13 -48.99 -5.32
C GLY I 63 -7.23 -47.79 -5.10
N ASN I 64 -7.11 -46.96 -6.12
CA ASN I 64 -6.50 -45.65 -5.94
C ASN I 64 -7.41 -44.81 -5.07
N GLN I 65 -6.98 -44.48 -3.88
CA GLN I 65 -7.65 -43.46 -3.11
C GLN I 65 -6.75 -42.24 -3.15
N GLY I 66 -6.95 -41.39 -4.15
CA GLY I 66 -6.06 -40.28 -4.31
C GLY I 66 -4.67 -40.73 -4.67
N SER I 67 -3.75 -40.72 -3.70
CA SER I 67 -2.37 -41.12 -3.93
C SER I 67 -2.02 -42.39 -3.16
N PHE I 68 -2.97 -43.31 -3.07
CA PHE I 68 -2.91 -44.44 -2.15
C PHE I 68 -3.68 -45.63 -2.71
N LEU I 69 -3.37 -46.82 -2.19
CA LEU I 69 -3.90 -48.08 -2.69
C LEU I 69 -4.62 -48.83 -1.57
N THR I 70 -5.94 -48.95 -1.69
CA THR I 70 -6.77 -49.59 -0.67
C THR I 70 -6.82 -51.08 -0.92
N LYS I 71 -5.94 -51.83 -0.26
CA LYS I 71 -5.96 -53.28 -0.44
C LYS I 71 -7.30 -53.78 0.06
N GLY I 72 -8.20 -54.09 -0.87
CA GLY I 72 -9.58 -54.35 -0.54
C GLY I 72 -9.74 -55.56 0.33
N PRO I 73 -10.95 -55.78 0.82
CA PRO I 73 -11.27 -56.92 1.68
C PRO I 73 -11.71 -58.15 0.89
N SER I 74 -10.77 -58.86 0.27
CA SER I 74 -11.16 -59.98 -0.57
C SER I 74 -10.33 -61.20 -0.25
N LYS I 75 -10.53 -62.22 -1.09
CA LYS I 75 -9.61 -63.32 -1.25
C LYS I 75 -8.19 -62.83 -1.50
N LEU I 76 -8.05 -61.63 -2.06
CA LEU I 76 -6.77 -61.06 -2.46
C LEU I 76 -6.31 -59.97 -1.50
N ASN I 77 -6.55 -60.15 -0.20
CA ASN I 77 -5.91 -59.29 0.78
C ASN I 77 -4.44 -59.68 0.96
N ASP I 78 -4.02 -60.82 0.40
CA ASP I 78 -2.64 -61.26 0.55
C ASP I 78 -1.82 -61.20 -0.73
N ARG I 79 -2.44 -61.08 -1.90
CA ARG I 79 -1.68 -61.21 -3.14
C ARG I 79 -1.62 -59.94 -3.97
N ALA I 80 -2.76 -59.41 -4.40
CA ALA I 80 -2.80 -58.53 -5.55
C ALA I 80 -1.92 -57.29 -5.33
N ASP I 81 -1.59 -56.63 -6.43
CA ASP I 81 -0.70 -55.47 -6.41
C ASP I 81 -0.81 -54.74 -7.74
N SER I 82 0.09 -53.79 -7.94
CA SER I 82 0.07 -52.92 -9.10
C SER I 82 1.40 -52.21 -9.18
N ARG I 83 1.86 -51.96 -10.39
CA ARG I 83 2.96 -51.05 -10.54
C ARG I 83 2.48 -49.69 -10.08
N ARG I 84 3.15 -49.11 -9.09
CA ARG I 84 2.62 -47.92 -8.44
C ARG I 84 3.00 -46.64 -9.17
N SER I 85 4.20 -46.59 -9.75
CA SER I 85 4.67 -45.38 -10.39
C SER I 85 3.72 -44.95 -11.51
N LEU I 86 3.22 -45.93 -12.27
CA LEU I 86 2.52 -45.67 -13.52
C LEU I 86 1.30 -44.79 -13.37
N TRP I 87 0.82 -44.57 -12.16
CA TRP I 87 -0.48 -43.93 -11.99
C TRP I 87 -0.45 -42.50 -12.50
N ASP I 88 0.61 -41.77 -12.17
CA ASP I 88 0.80 -40.39 -12.60
C ASP I 88 0.93 -40.31 -14.12
N GLN I 89 0.73 -41.43 -14.78
CA GLN I 89 0.59 -41.53 -16.23
C GLN I 89 -0.84 -41.86 -16.64
N GLY I 90 -1.69 -42.24 -15.70
CA GLY I 90 -3.02 -42.62 -16.11
C GLY I 90 -3.16 -44.04 -16.58
N ASN I 91 -2.14 -44.87 -16.36
CA ASN I 91 -2.24 -46.29 -16.66
C ASN I 91 -2.11 -47.03 -15.35
N PHE I 92 -3.21 -47.64 -14.91
CA PHE I 92 -3.26 -48.30 -13.61
C PHE I 92 -3.31 -49.80 -13.81
N PRO I 93 -2.30 -50.52 -13.39
CA PRO I 93 -2.28 -51.97 -13.56
C PRO I 93 -2.81 -52.74 -12.37
N LEU I 94 -2.88 -54.07 -12.48
CA LEU I 94 -3.28 -54.94 -11.37
C LEU I 94 -2.77 -56.35 -11.64
N ILE I 95 -1.97 -56.87 -10.73
CA ILE I 95 -1.37 -58.19 -10.87
C ILE I 95 -1.95 -59.12 -9.82
N ILE I 96 -1.91 -60.43 -10.08
CA ILE I 96 -2.45 -61.45 -9.19
C ILE I 96 -1.34 -62.48 -8.99
N LYS I 97 -0.48 -62.26 -8.01
CA LYS I 97 0.72 -63.09 -7.96
C LYS I 97 0.41 -64.47 -7.38
N ASN I 98 1.11 -65.49 -7.88
CA ASN I 98 0.91 -66.88 -7.52
C ASN I 98 -0.53 -67.32 -7.71
N LEU I 99 -1.01 -67.17 -8.94
CA LEU I 99 -2.40 -67.48 -9.25
C LEU I 99 -2.74 -68.91 -8.87
N LYS I 100 -3.80 -69.07 -8.09
CA LYS I 100 -4.50 -70.34 -7.97
C LYS I 100 -5.90 -70.19 -8.54
N ILE I 101 -6.41 -71.33 -9.01
CA ILE I 101 -7.58 -71.38 -9.88
C ILE I 101 -8.73 -70.56 -9.35
N GLU I 102 -8.70 -70.21 -8.06
CA GLU I 102 -9.78 -69.39 -7.50
C GLU I 102 -9.58 -67.92 -7.77
N ASP I 103 -8.36 -67.48 -8.07
CA ASP I 103 -8.29 -66.08 -8.43
C ASP I 103 -8.83 -65.83 -9.78
N SER I 104 -9.41 -66.87 -10.36
CA SER I 104 -9.98 -66.80 -11.70
C SER I 104 -11.36 -66.18 -11.63
N ASP I 105 -11.49 -64.95 -12.10
CA ASP I 105 -12.76 -64.25 -12.01
C ASP I 105 -12.67 -62.95 -12.79
N THR I 106 -13.80 -62.45 -13.28
CA THR I 106 -13.77 -61.14 -13.91
C THR I 106 -13.34 -60.10 -12.89
N TYR I 107 -12.74 -59.02 -13.38
CA TYR I 107 -12.42 -57.90 -12.50
C TYR I 107 -13.08 -56.66 -13.06
N ILE I 108 -12.74 -55.47 -12.56
CA ILE I 108 -13.32 -54.24 -13.10
C ILE I 108 -12.48 -53.05 -12.67
N CYS I 109 -12.33 -52.07 -13.56
CA CYS I 109 -11.66 -50.83 -13.23
C CYS I 109 -12.51 -49.65 -13.67
N GLU I 110 -12.76 -48.74 -12.74
CA GLU I 110 -13.80 -47.71 -12.82
C GLU I 110 -13.17 -46.35 -12.64
N VAL I 111 -12.16 -46.09 -13.45
CA VAL I 111 -11.29 -44.94 -13.25
C VAL I 111 -12.09 -43.65 -13.11
N GLU I 112 -12.82 -43.24 -14.15
CA GLU I 112 -13.63 -42.04 -14.00
C GLU I 112 -15.11 -42.28 -14.26
N ASP I 113 -15.48 -42.76 -15.44
CA ASP I 113 -16.89 -42.95 -15.74
C ASP I 113 -17.15 -44.26 -16.46
N GLN I 114 -16.14 -45.10 -16.62
CA GLN I 114 -16.30 -46.40 -17.24
C GLN I 114 -15.54 -47.45 -16.43
N LYS I 115 -15.93 -48.71 -16.61
CA LYS I 115 -15.67 -49.79 -15.66
C LYS I 115 -14.96 -50.96 -16.34
N GLU I 116 -13.82 -50.69 -16.98
CA GLU I 116 -13.10 -51.72 -17.73
C GLU I 116 -12.95 -53.02 -16.93
N GLU I 117 -13.31 -54.11 -17.59
CA GLU I 117 -13.40 -55.45 -17.03
C GLU I 117 -12.33 -56.31 -17.66
N VAL I 118 -11.37 -56.79 -16.88
CA VAL I 118 -10.50 -57.85 -17.39
C VAL I 118 -11.25 -59.13 -17.09
N GLN I 119 -10.78 -60.25 -17.63
CA GLN I 119 -11.35 -61.51 -17.19
C GLN I 119 -10.23 -62.53 -17.16
N LEU I 120 -9.98 -63.08 -15.98
CA LEU I 120 -8.84 -63.93 -15.74
C LEU I 120 -9.35 -65.33 -15.46
N LEU I 121 -8.91 -66.29 -16.27
CA LEU I 121 -9.33 -67.70 -16.19
C LEU I 121 -8.06 -68.50 -16.06
N VAL I 122 -7.51 -68.56 -14.89
CA VAL I 122 -6.19 -69.11 -14.71
C VAL I 122 -6.31 -70.59 -14.36
N PHE I 123 -5.43 -71.41 -14.91
CA PHE I 123 -5.36 -72.82 -14.53
C PHE I 123 -3.91 -73.23 -14.38
N GLY I 124 -3.70 -74.54 -14.34
CA GLY I 124 -2.43 -75.23 -14.23
C GLY I 124 -2.66 -76.66 -14.64
N LEU I 125 -1.59 -77.46 -14.59
CA LEU I 125 -1.66 -78.82 -15.10
C LEU I 125 -0.51 -79.63 -14.53
N THR I 126 -0.70 -80.95 -14.51
CA THR I 126 0.38 -81.86 -14.16
C THR I 126 0.10 -83.22 -14.78
N ALA I 127 1.07 -84.12 -14.63
CA ALA I 127 0.95 -85.51 -15.06
C ALA I 127 0.83 -86.41 -13.85
N ASN I 128 0.47 -87.67 -14.10
CA ASN I 128 0.29 -88.60 -13.00
C ASN I 128 1.63 -89.03 -12.43
N SER I 129 2.54 -89.47 -13.30
CA SER I 129 3.80 -90.01 -12.84
C SER I 129 4.60 -88.93 -12.10
N ASP I 130 5.19 -89.33 -10.97
CA ASP I 130 5.87 -88.43 -10.06
C ASP I 130 7.40 -88.54 -10.14
N THR I 131 7.96 -89.74 -9.97
CA THR I 131 9.40 -89.91 -10.08
C THR I 131 9.85 -91.14 -10.85
N HIS I 132 8.96 -92.10 -11.14
CA HIS I 132 9.40 -93.42 -11.58
C HIS I 132 8.58 -93.83 -12.80
N LEU I 133 9.26 -94.11 -13.91
CA LEU I 133 8.59 -94.61 -15.10
C LEU I 133 9.47 -95.67 -15.77
N LEU I 134 8.83 -96.45 -16.64
CA LEU I 134 9.52 -97.53 -17.35
C LEU I 134 9.05 -97.52 -18.80
N GLN I 135 9.81 -98.23 -19.63
CA GLN I 135 9.66 -98.14 -21.07
C GLN I 135 8.57 -99.10 -21.54
N GLY I 136 7.61 -98.58 -22.30
CA GLY I 136 6.41 -99.32 -22.66
C GLY I 136 5.23 -99.10 -21.74
N GLN I 137 5.40 -98.34 -20.65
CA GLN I 137 4.35 -98.03 -19.70
C GLN I 137 3.47 -96.89 -20.20
N SER I 138 2.69 -96.29 -19.31
CA SER I 138 1.78 -95.21 -19.69
C SER I 138 1.81 -94.08 -18.67
N LEU I 139 1.35 -92.91 -19.11
CA LEU I 139 1.23 -91.72 -18.28
C LEU I 139 0.00 -90.94 -18.73
N THR I 140 -0.60 -90.20 -17.80
CA THR I 140 -1.79 -89.41 -18.10
C THR I 140 -1.63 -87.98 -17.59
N LEU I 141 -2.65 -87.17 -17.87
CA LEU I 141 -2.60 -85.74 -17.67
C LEU I 141 -3.79 -85.27 -16.86
N THR I 142 -3.63 -84.10 -16.24
CA THR I 142 -4.70 -83.49 -15.47
C THR I 142 -4.55 -81.98 -15.55
N LEU I 143 -5.57 -81.31 -16.06
CA LEU I 143 -5.57 -79.85 -16.21
C LEU I 143 -6.65 -79.26 -15.31
N GLU I 144 -6.22 -78.41 -14.36
CA GLU I 144 -7.07 -77.99 -13.24
C GLU I 144 -7.82 -76.71 -13.62
N SER I 145 -8.74 -76.84 -14.56
CA SER I 145 -9.41 -75.67 -15.08
C SER I 145 -10.32 -75.04 -14.02
N PRO I 146 -10.59 -73.75 -14.12
CA PRO I 146 -11.60 -73.13 -13.28
C PRO I 146 -12.97 -73.23 -13.93
N PRO I 147 -14.04 -73.18 -13.14
CA PRO I 147 -15.38 -73.50 -13.67
C PRO I 147 -15.80 -72.60 -14.82
N GLY I 148 -16.54 -73.17 -15.75
CA GLY I 148 -17.06 -72.43 -16.88
C GLY I 148 -16.15 -72.39 -18.09
N SER I 149 -15.18 -73.29 -18.18
CA SER I 149 -14.19 -73.26 -19.23
C SER I 149 -14.39 -74.45 -20.17
N SER I 150 -14.29 -74.19 -21.48
CA SER I 150 -14.34 -75.21 -22.51
C SER I 150 -13.05 -75.17 -23.32
N PRO I 151 -11.93 -75.55 -22.74
CA PRO I 151 -10.65 -75.49 -23.44
C PRO I 151 -10.42 -76.73 -24.30
N SER I 152 -9.25 -76.77 -24.94
CA SER I 152 -8.83 -77.93 -25.72
C SER I 152 -7.33 -78.08 -25.56
N VAL I 153 -6.89 -79.27 -25.15
CA VAL I 153 -5.50 -79.49 -24.81
C VAL I 153 -4.78 -80.05 -26.03
N GLN I 154 -3.93 -79.23 -26.65
CA GLN I 154 -3.06 -79.67 -27.72
C GLN I 154 -1.67 -79.83 -27.12
N CYS I 155 -1.15 -81.04 -27.11
CA CYS I 155 -0.01 -81.37 -26.29
C CYS I 155 1.10 -81.95 -27.16
N ARG I 156 2.34 -81.70 -26.79
CA ARG I 156 3.47 -82.15 -27.61
C ARG I 156 4.43 -83.03 -26.82
N SER I 157 5.45 -83.48 -27.52
CA SER I 157 6.41 -84.48 -27.08
C SER I 157 7.76 -84.20 -27.74
N PRO I 158 8.86 -84.65 -27.15
CA PRO I 158 10.13 -84.64 -27.87
C PRO I 158 10.11 -85.47 -29.13
N ARG I 159 9.23 -86.46 -29.21
CA ARG I 159 9.15 -87.33 -30.39
C ARG I 159 8.07 -86.91 -31.36
N GLY I 160 7.40 -85.78 -31.12
CA GLY I 160 6.34 -85.34 -32.00
C GLY I 160 5.03 -86.05 -31.79
N LYS I 161 4.70 -86.40 -30.54
CA LYS I 161 3.45 -87.07 -30.22
C LYS I 161 2.40 -86.00 -29.98
N ASN I 162 1.75 -85.57 -31.05
CA ASN I 162 0.70 -84.56 -30.97
C ASN I 162 -0.54 -85.22 -30.38
N ILE I 163 -0.61 -85.22 -29.06
CA ILE I 163 -1.73 -85.84 -28.37
C ILE I 163 -2.94 -84.94 -28.54
N GLN I 164 -3.81 -85.30 -29.47
CA GLN I 164 -4.93 -84.49 -29.92
C GLN I 164 -6.18 -84.92 -29.18
N GLY I 165 -6.67 -84.07 -28.29
CA GLY I 165 -7.89 -84.36 -27.57
C GLY I 165 -8.19 -83.30 -26.54
N GLY I 166 -9.10 -83.64 -25.63
CA GLY I 166 -9.54 -82.73 -24.59
C GLY I 166 -8.65 -82.77 -23.36
N LYS I 167 -9.28 -82.84 -22.18
CA LYS I 167 -8.56 -82.84 -20.90
C LYS I 167 -7.57 -83.98 -20.78
N THR I 168 -8.11 -85.18 -20.60
CA THR I 168 -7.32 -86.32 -20.14
C THR I 168 -6.58 -86.91 -21.31
N LEU I 169 -5.33 -86.49 -21.48
CA LEU I 169 -4.50 -86.96 -22.57
C LEU I 169 -3.63 -88.12 -22.06
N SER I 170 -3.66 -89.22 -22.80
CA SER I 170 -2.94 -90.42 -22.43
C SER I 170 -2.41 -91.08 -23.68
N VAL I 171 -1.39 -91.91 -23.49
CA VAL I 171 -0.79 -92.69 -24.57
C VAL I 171 -0.36 -94.03 -23.99
N SER I 172 -0.66 -95.10 -24.71
CA SER I 172 -0.29 -96.44 -24.28
C SER I 172 1.18 -96.78 -24.54
N GLN I 173 1.96 -95.88 -25.11
CA GLN I 173 3.35 -96.15 -25.42
C GLN I 173 4.21 -95.09 -24.77
N LEU I 174 5.06 -95.50 -23.83
CA LEU I 174 6.00 -94.59 -23.18
C LEU I 174 7.37 -95.26 -23.17
N GLU I 175 8.34 -94.62 -23.80
CA GLU I 175 9.60 -95.27 -24.14
C GLU I 175 10.77 -94.42 -23.67
N LEU I 176 11.98 -94.99 -23.75
CA LEU I 176 13.17 -94.22 -23.40
C LEU I 176 13.36 -93.05 -24.35
N GLN I 177 12.88 -93.16 -25.59
CA GLN I 177 12.98 -92.06 -26.53
C GLN I 177 12.04 -90.92 -26.18
N ASP I 178 11.02 -91.18 -25.35
CA ASP I 178 10.11 -90.14 -24.90
C ASP I 178 10.71 -89.24 -23.83
N SER I 179 11.96 -89.48 -23.45
CA SER I 179 12.60 -88.67 -22.44
C SER I 179 12.59 -87.19 -22.85
N GLY I 180 12.78 -86.33 -21.87
CA GLY I 180 12.64 -84.91 -22.14
C GLY I 180 11.21 -84.43 -21.94
N THR I 181 11.09 -83.18 -21.52
CA THR I 181 9.78 -82.66 -21.17
C THR I 181 8.91 -82.49 -22.40
N TRP I 182 7.61 -82.29 -22.15
CA TRP I 182 6.61 -82.26 -23.21
C TRP I 182 5.89 -80.92 -23.20
N THR I 183 5.95 -80.23 -24.33
CA THR I 183 5.38 -78.89 -24.46
C THR I 183 3.86 -79.05 -24.60
N CYS I 184 3.17 -78.98 -23.47
CA CYS I 184 1.73 -79.16 -23.47
C CYS I 184 1.04 -77.80 -23.48
N THR I 185 -0.13 -77.73 -24.09
CA THR I 185 -0.82 -76.45 -24.22
C THR I 185 -2.32 -76.63 -24.16
N VAL I 186 -3.01 -75.56 -23.77
CA VAL I 186 -4.45 -75.59 -23.53
C VAL I 186 -5.10 -74.30 -24.02
N LEU I 187 -6.09 -74.44 -24.90
CA LEU I 187 -6.82 -73.31 -25.47
C LEU I 187 -8.10 -73.07 -24.68
N GLN I 188 -8.15 -71.96 -23.96
CA GLN I 188 -9.33 -71.53 -23.21
C GLN I 188 -9.76 -70.18 -23.79
N ASN I 189 -10.66 -70.23 -24.76
CA ASN I 189 -11.28 -69.03 -25.31
C ASN I 189 -10.24 -68.06 -25.87
N GLN I 190 -9.58 -68.50 -26.93
CA GLN I 190 -8.78 -67.73 -27.90
C GLN I 190 -7.30 -67.63 -27.53
N LYS I 191 -6.87 -68.19 -26.40
CA LYS I 191 -5.47 -68.16 -25.99
C LYS I 191 -5.04 -69.54 -25.51
N LYS I 192 -3.73 -69.72 -25.41
CA LYS I 192 -3.14 -70.83 -24.69
C LYS I 192 -1.93 -70.33 -23.90
N VAL I 193 -1.29 -71.26 -23.19
CA VAL I 193 -0.03 -71.03 -22.50
C VAL I 193 0.71 -72.36 -22.41
N GLU I 194 2.04 -72.31 -22.58
CA GLU I 194 2.86 -73.48 -22.80
C GLU I 194 2.92 -74.31 -21.51
N PHE I 195 3.45 -75.54 -21.60
CA PHE I 195 3.59 -76.33 -20.39
C PHE I 195 4.72 -77.34 -20.49
N LYS I 196 5.47 -77.47 -19.40
CA LYS I 196 6.22 -78.69 -19.12
C LYS I 196 5.34 -79.91 -18.92
N ILE I 197 5.78 -81.04 -19.49
CA ILE I 197 5.50 -82.36 -18.94
C ILE I 197 6.86 -83.05 -18.89
N ASP I 198 7.55 -82.95 -17.76
CA ASP I 198 8.91 -83.43 -17.64
C ASP I 198 8.96 -84.95 -17.68
N ILE I 199 9.92 -85.49 -18.44
CA ILE I 199 10.10 -86.93 -18.56
C ILE I 199 11.53 -87.27 -18.20
N VAL I 200 11.70 -88.07 -17.15
CA VAL I 200 13.01 -88.51 -16.69
C VAL I 200 12.95 -90.00 -16.37
N VAL I 201 14.01 -90.72 -16.72
CA VAL I 201 14.08 -92.16 -16.51
C VAL I 201 15.23 -92.46 -15.54
N LEU I 202 15.09 -93.56 -14.83
CA LEU I 202 16.10 -93.99 -13.88
C LEU I 202 15.92 -93.40 -12.49
#